data_6C7R
# 
_entry.id   6C7R 
# 
_audit_conform.dict_name       mmcif_pdbx.dic 
_audit_conform.dict_version    5.379 
_audit_conform.dict_location   http://mmcif.pdb.org/dictionaries/ascii/mmcif_pdbx.dic 
# 
loop_
_database_2.database_id 
_database_2.database_code 
_database_2.pdbx_database_accession 
_database_2.pdbx_DOI 
PDB   6C7R         pdb_00006c7r 10.2210/pdb6c7r/pdb 
WWPDB D_1000232244 ?            ?                   
# 
_pdbx_database_status.status_code                     REL 
_pdbx_database_status.status_code_sf                  REL 
_pdbx_database_status.status_code_mr                  ? 
_pdbx_database_status.entry_id                        6C7R 
_pdbx_database_status.recvd_initial_deposition_date   2018-01-23 
_pdbx_database_status.SG_entry                        N 
_pdbx_database_status.deposit_site                    RCSB 
_pdbx_database_status.process_site                    RCSB 
_pdbx_database_status.status_code_cs                  ? 
_pdbx_database_status.methods_development_category    ? 
_pdbx_database_status.pdb_format_compatible           Y 
_pdbx_database_status.status_code_nmr_data            ? 
# 
loop_
_audit_author.name 
_audit_author.pdbx_ordinal 
_audit_author.identifier_ORCID 
'Meagher, J.L.' 1 ?                   
'Stuckey, J.A.' 2 0000-0002-4192-8900 
# 
_citation.abstract                  ? 
_citation.abstract_id_CAS           ? 
_citation.book_id_ISBN              ? 
_citation.book_publisher            ? 
_citation.book_publisher_city       ? 
_citation.book_title                ? 
_citation.coordinate_linkage        ? 
_citation.country                   US 
_citation.database_id_Medline       ? 
_citation.details                   ? 
_citation.id                        primary 
_citation.journal_abbrev            'J. Med. Chem.' 
_citation.journal_id_ASTM           JMCMAR 
_citation.journal_id_CSD            0151 
_citation.journal_id_ISSN           1520-4804 
_citation.journal_full              ? 
_citation.journal_issue             ? 
_citation.journal_volume            61 
_citation.language                  ? 
_citation.page_first                6110 
_citation.page_last                 6120 
_citation.title                     
'Structure-Based Discovery of CF53 as a Potent and Orally Bioavailable Bromodomain and Extra-Terminal (BET) Bromodomain Inhibitor.' 
_citation.year                      2018 
_citation.database_id_CSD           ? 
_citation.pdbx_database_id_DOI      10.1021/acs.jmedchem.8b00483 
_citation.pdbx_database_id_PubMed   30015487 
_citation.unpublished_flag          ? 
# 
loop_
_citation_author.citation_id 
_citation_author.name 
_citation_author.ordinal 
_citation_author.identifier_ORCID 
primary 'Zhao, Y.'          1  ? 
primary 'Zhou, B.'          2  ? 
primary 'Bai, L.'           3  ? 
primary 'Liu, L.'           4  ? 
primary 'Yang, C.Y.'        5  ? 
primary 'Meagher, J.L.'     6  ? 
primary 'Stuckey, J.A.'     7  ? 
primary 'McEachern, D.'     8  ? 
primary 'Przybranowski, S.' 9  ? 
primary 'Wang, M.'          10 ? 
primary 'Ran, X.'           11 ? 
primary 'Aguilar, A.'       12 ? 
primary 'Hu, Y.'            13 ? 
primary 'Kampf, J.W.'       14 ? 
primary 'Li, X.'            15 ? 
primary 'Zhao, T.'          16 ? 
primary 'Li, S.'            17 ? 
primary 'Wen, B.'           18 ? 
primary 'Sun, D.'           19 ? 
primary 'Wang, S.'          20 ? 
# 
_cell.angle_alpha                  90.000 
_cell.angle_alpha_esd              ? 
_cell.angle_beta                   94.870 
_cell.angle_beta_esd               ? 
_cell.angle_gamma                  90.000 
_cell.angle_gamma_esd              ? 
_cell.entry_id                     6C7R 
_cell.details                      ? 
_cell.formula_units_Z              ? 
_cell.length_a                     30.377 
_cell.length_a_esd                 ? 
_cell.length_b                     41.471 
_cell.length_b_esd                 ? 
_cell.length_c                     47.981 
_cell.length_c_esd                 ? 
_cell.volume                       ? 
_cell.volume_esd                   ? 
_cell.Z_PDB                        2 
_cell.reciprocal_angle_alpha       ? 
_cell.reciprocal_angle_beta        ? 
_cell.reciprocal_angle_gamma       ? 
_cell.reciprocal_angle_alpha_esd   ? 
_cell.reciprocal_angle_beta_esd    ? 
_cell.reciprocal_angle_gamma_esd   ? 
_cell.reciprocal_length_a          ? 
_cell.reciprocal_length_b          ? 
_cell.reciprocal_length_c          ? 
_cell.reciprocal_length_a_esd      ? 
_cell.reciprocal_length_b_esd      ? 
_cell.reciprocal_length_c_esd      ? 
_cell.pdbx_unique_axis             ? 
# 
_symmetry.entry_id                         6C7R 
_symmetry.cell_setting                     ? 
_symmetry.Int_Tables_number                4 
_symmetry.space_group_name_Hall            ? 
_symmetry.space_group_name_H-M             'P 1 21 1' 
_symmetry.pdbx_full_space_group_name_H-M   ? 
# 
loop_
_entity.id 
_entity.type 
_entity.src_method 
_entity.pdbx_description 
_entity.formula_weight 
_entity.pdbx_number_of_molecules 
_entity.pdbx_ec 
_entity.pdbx_mutation 
_entity.pdbx_fragment 
_entity.details 
1 polymer     man 'Bromodomain-containing protein 4' 14794.033 1   ? ? ? ? 
2 non-polymer syn 
'N-(3-cyclopropyl-1-methyl-1H-pyrazol-5-yl)-7-(3,5-dimethyl-1,2-oxazol-4-yl)-6-methoxy-2-methyl-9H-pyrimido[4,5-b]indol-4-amine' 
443.501   1   ? ? ? ? 
3 water       nat water 18.015    135 ? ? ? ? 
# 
_entity_name_com.entity_id   1 
_entity_name_com.name        'Protein HUNK1' 
# 
_entity_poly.entity_id                      1 
_entity_poly.type                           'polypeptide(L)' 
_entity_poly.nstd_linkage                   no 
_entity_poly.nstd_monomer                   no 
_entity_poly.pdbx_seq_one_letter_code       
;SNANPPPPETSNPNKPKRQTNQLQYLLRVVLKTLWKHQFAWPFQQPVDAVKLNLPDYYKIIKTPMDMGTIKKRLENNYYW
NAQECIQDFNTMFTNCYIYNKPGDDIVLMAEALEKLFLQKINELP
;
_entity_poly.pdbx_seq_one_letter_code_can   
;SNANPPPPETSNPNKPKRQTNQLQYLLRVVLKTLWKHQFAWPFQQPVDAVKLNLPDYYKIIKTPMDMGTIKKRLENNYYW
NAQECIQDFNTMFTNCYIYNKPGDDIVLMAEALEKLFLQKINELP
;
_entity_poly.pdbx_strand_id                 A 
_entity_poly.pdbx_target_identifier         ? 
# 
loop_
_entity_poly_seq.entity_id 
_entity_poly_seq.num 
_entity_poly_seq.mon_id 
_entity_poly_seq.hetero 
1 1   SER n 
1 2   ASN n 
1 3   ALA n 
1 4   ASN n 
1 5   PRO n 
1 6   PRO n 
1 7   PRO n 
1 8   PRO n 
1 9   GLU n 
1 10  THR n 
1 11  SER n 
1 12  ASN n 
1 13  PRO n 
1 14  ASN n 
1 15  LYS n 
1 16  PRO n 
1 17  LYS n 
1 18  ARG n 
1 19  GLN n 
1 20  THR n 
1 21  ASN n 
1 22  GLN n 
1 23  LEU n 
1 24  GLN n 
1 25  TYR n 
1 26  LEU n 
1 27  LEU n 
1 28  ARG n 
1 29  VAL n 
1 30  VAL n 
1 31  LEU n 
1 32  LYS n 
1 33  THR n 
1 34  LEU n 
1 35  TRP n 
1 36  LYS n 
1 37  HIS n 
1 38  GLN n 
1 39  PHE n 
1 40  ALA n 
1 41  TRP n 
1 42  PRO n 
1 43  PHE n 
1 44  GLN n 
1 45  GLN n 
1 46  PRO n 
1 47  VAL n 
1 48  ASP n 
1 49  ALA n 
1 50  VAL n 
1 51  LYS n 
1 52  LEU n 
1 53  ASN n 
1 54  LEU n 
1 55  PRO n 
1 56  ASP n 
1 57  TYR n 
1 58  TYR n 
1 59  LYS n 
1 60  ILE n 
1 61  ILE n 
1 62  LYS n 
1 63  THR n 
1 64  PRO n 
1 65  MET n 
1 66  ASP n 
1 67  MET n 
1 68  GLY n 
1 69  THR n 
1 70  ILE n 
1 71  LYS n 
1 72  LYS n 
1 73  ARG n 
1 74  LEU n 
1 75  GLU n 
1 76  ASN n 
1 77  ASN n 
1 78  TYR n 
1 79  TYR n 
1 80  TRP n 
1 81  ASN n 
1 82  ALA n 
1 83  GLN n 
1 84  GLU n 
1 85  CYS n 
1 86  ILE n 
1 87  GLN n 
1 88  ASP n 
1 89  PHE n 
1 90  ASN n 
1 91  THR n 
1 92  MET n 
1 93  PHE n 
1 94  THR n 
1 95  ASN n 
1 96  CYS n 
1 97  TYR n 
1 98  ILE n 
1 99  TYR n 
1 100 ASN n 
1 101 LYS n 
1 102 PRO n 
1 103 GLY n 
1 104 ASP n 
1 105 ASP n 
1 106 ILE n 
1 107 VAL n 
1 108 LEU n 
1 109 MET n 
1 110 ALA n 
1 111 GLU n 
1 112 ALA n 
1 113 LEU n 
1 114 GLU n 
1 115 LYS n 
1 116 LEU n 
1 117 PHE n 
1 118 LEU n 
1 119 GLN n 
1 120 LYS n 
1 121 ILE n 
1 122 ASN n 
1 123 GLU n 
1 124 LEU n 
1 125 PRO n 
# 
_entity_src_gen.entity_id                          1 
_entity_src_gen.pdbx_src_id                        1 
_entity_src_gen.pdbx_alt_source_flag               sample 
_entity_src_gen.pdbx_seq_type                      'Biological sequence' 
_entity_src_gen.pdbx_beg_seq_num                   1 
_entity_src_gen.pdbx_end_seq_num                   125 
_entity_src_gen.gene_src_common_name               Human 
_entity_src_gen.gene_src_genus                     ? 
_entity_src_gen.pdbx_gene_src_gene                 'BRD4, HUNK1' 
_entity_src_gen.gene_src_species                   ? 
_entity_src_gen.gene_src_strain                    ? 
_entity_src_gen.gene_src_tissue                    ? 
_entity_src_gen.gene_src_tissue_fraction           ? 
_entity_src_gen.gene_src_details                   ? 
_entity_src_gen.pdbx_gene_src_fragment             ? 
_entity_src_gen.pdbx_gene_src_scientific_name      'Homo sapiens' 
_entity_src_gen.pdbx_gene_src_ncbi_taxonomy_id     9606 
_entity_src_gen.pdbx_gene_src_variant              ? 
_entity_src_gen.pdbx_gene_src_cell_line            ? 
_entity_src_gen.pdbx_gene_src_atcc                 ? 
_entity_src_gen.pdbx_gene_src_organ                ? 
_entity_src_gen.pdbx_gene_src_organelle            ? 
_entity_src_gen.pdbx_gene_src_cell                 ? 
_entity_src_gen.pdbx_gene_src_cellular_location    ? 
_entity_src_gen.host_org_common_name               ? 
_entity_src_gen.pdbx_host_org_scientific_name      'Escherichia coli' 
_entity_src_gen.pdbx_host_org_ncbi_taxonomy_id     562 
_entity_src_gen.host_org_genus                     ? 
_entity_src_gen.pdbx_host_org_gene                 ? 
_entity_src_gen.pdbx_host_org_organ                ? 
_entity_src_gen.host_org_species                   ? 
_entity_src_gen.pdbx_host_org_tissue               ? 
_entity_src_gen.pdbx_host_org_tissue_fraction      ? 
_entity_src_gen.pdbx_host_org_strain               ? 
_entity_src_gen.pdbx_host_org_variant              ? 
_entity_src_gen.pdbx_host_org_cell_line            ? 
_entity_src_gen.pdbx_host_org_atcc                 ? 
_entity_src_gen.pdbx_host_org_culture_collection   ? 
_entity_src_gen.pdbx_host_org_cell                 ? 
_entity_src_gen.pdbx_host_org_organelle            ? 
_entity_src_gen.pdbx_host_org_cellular_location    ? 
_entity_src_gen.pdbx_host_org_vector_type          ? 
_entity_src_gen.pdbx_host_org_vector               ? 
_entity_src_gen.host_org_details                   ? 
_entity_src_gen.expression_system_id               ? 
_entity_src_gen.plasmid_name                       ? 
_entity_src_gen.plasmid_details                    ? 
_entity_src_gen.pdbx_description                   ? 
# 
_struct_ref.id                         1 
_struct_ref.db_name                    UNP 
_struct_ref.db_code                    BRD4_HUMAN 
_struct_ref.pdbx_db_accession          O60885 
_struct_ref.pdbx_db_isoform            O60885-3 
_struct_ref.entity_id                  1 
_struct_ref.pdbx_seq_one_letter_code   
;NPPPPETSNPNKPKRQTNQLQYLLRVVLKTLWKHQFAWPFQQPVDAVKLNLPDYYKIIKTPMDMGTIKKRLENNYYWNAQ
ECIQDFNTMFTNCYIYNKPGDDIVLMAEALEKLFLQKINELP
;
_struct_ref.pdbx_align_begin           44 
# 
_struct_ref_seq.align_id                      1 
_struct_ref_seq.ref_id                        1 
_struct_ref_seq.pdbx_PDB_id_code              6C7R 
_struct_ref_seq.pdbx_strand_id                A 
_struct_ref_seq.seq_align_beg                 4 
_struct_ref_seq.pdbx_seq_align_beg_ins_code   ? 
_struct_ref_seq.seq_align_end                 125 
_struct_ref_seq.pdbx_seq_align_end_ins_code   ? 
_struct_ref_seq.pdbx_db_accession             O60885 
_struct_ref_seq.db_align_beg                  44 
_struct_ref_seq.pdbx_db_align_beg_ins_code    ? 
_struct_ref_seq.db_align_end                  165 
_struct_ref_seq.pdbx_db_align_end_ins_code    ? 
_struct_ref_seq.pdbx_auth_seq_align_beg       44 
_struct_ref_seq.pdbx_auth_seq_align_end       165 
# 
loop_
_struct_ref_seq_dif.align_id 
_struct_ref_seq_dif.pdbx_pdb_id_code 
_struct_ref_seq_dif.mon_id 
_struct_ref_seq_dif.pdbx_pdb_strand_id 
_struct_ref_seq_dif.seq_num 
_struct_ref_seq_dif.pdbx_pdb_ins_code 
_struct_ref_seq_dif.pdbx_seq_db_name 
_struct_ref_seq_dif.pdbx_seq_db_accession_code 
_struct_ref_seq_dif.db_mon_id 
_struct_ref_seq_dif.pdbx_seq_db_seq_num 
_struct_ref_seq_dif.details 
_struct_ref_seq_dif.pdbx_auth_seq_num 
_struct_ref_seq_dif.pdbx_ordinal 
1 6C7R SER A 1 ? UNP O60885 ? ? 'expression tag' 41 1 
1 6C7R ASN A 2 ? UNP O60885 ? ? 'expression tag' 42 2 
1 6C7R ALA A 3 ? UNP O60885 ? ? 'expression tag' 43 3 
# 
loop_
_chem_comp.id 
_chem_comp.type 
_chem_comp.mon_nstd_flag 
_chem_comp.name 
_chem_comp.pdbx_synonyms 
_chem_comp.formula 
_chem_comp.formula_weight 
ALA 'L-peptide linking' y ALANINE ? 'C3 H7 N O2'     89.093  
ARG 'L-peptide linking' y ARGININE ? 'C6 H15 N4 O2 1' 175.209 
ASN 'L-peptide linking' y ASPARAGINE ? 'C4 H8 N2 O3'    132.118 
ASP 'L-peptide linking' y 'ASPARTIC ACID' ? 'C4 H7 N O4'     133.103 
CYS 'L-peptide linking' y CYSTEINE ? 'C3 H7 N O2 S'   121.158 
EO4 non-polymer         . 
'N-(3-cyclopropyl-1-methyl-1H-pyrazol-5-yl)-7-(3,5-dimethyl-1,2-oxazol-4-yl)-6-methoxy-2-methyl-9H-pyrimido[4,5-b]indol-4-amine' ? 
'C24 H25 N7 O2'  443.501 
GLN 'L-peptide linking' y GLUTAMINE ? 'C5 H10 N2 O3'   146.144 
GLU 'L-peptide linking' y 'GLUTAMIC ACID' ? 'C5 H9 N O4'     147.129 
GLY 'peptide linking'   y GLYCINE ? 'C2 H5 N O2'     75.067  
HIS 'L-peptide linking' y HISTIDINE ? 'C6 H10 N3 O2 1' 156.162 
HOH non-polymer         . WATER ? 'H2 O'           18.015  
ILE 'L-peptide linking' y ISOLEUCINE ? 'C6 H13 N O2'    131.173 
LEU 'L-peptide linking' y LEUCINE ? 'C6 H13 N O2'    131.173 
LYS 'L-peptide linking' y LYSINE ? 'C6 H15 N2 O2 1' 147.195 
MET 'L-peptide linking' y METHIONINE ? 'C5 H11 N O2 S'  149.211 
PHE 'L-peptide linking' y PHENYLALANINE ? 'C9 H11 N O2'    165.189 
PRO 'L-peptide linking' y PROLINE ? 'C5 H9 N O2'     115.130 
SER 'L-peptide linking' y SERINE ? 'C3 H7 N O3'     105.093 
THR 'L-peptide linking' y THREONINE ? 'C4 H9 N O3'     119.119 
TRP 'L-peptide linking' y TRYPTOPHAN ? 'C11 H12 N2 O2'  204.225 
TYR 'L-peptide linking' y TYROSINE ? 'C9 H11 N O3'    181.189 
VAL 'L-peptide linking' y VALINE ? 'C5 H11 N O2'    117.146 
# 
_exptl.absorpt_coefficient_mu     ? 
_exptl.absorpt_correction_T_max   ? 
_exptl.absorpt_correction_T_min   ? 
_exptl.absorpt_correction_type    ? 
_exptl.absorpt_process_details    ? 
_exptl.entry_id                   6C7R 
_exptl.crystals_number            1 
_exptl.details                    ? 
_exptl.method                     'X-RAY DIFFRACTION' 
_exptl.method_details             ? 
# 
_exptl_crystal.colour                      ? 
_exptl_crystal.density_diffrn              ? 
_exptl_crystal.density_Matthews            2.04 
_exptl_crystal.density_method              ? 
_exptl_crystal.density_percent_sol         39.57 
_exptl_crystal.description                 ? 
_exptl_crystal.F_000                       ? 
_exptl_crystal.id                          1 
_exptl_crystal.preparation                 ? 
_exptl_crystal.size_max                    ? 
_exptl_crystal.size_mid                    ? 
_exptl_crystal.size_min                    ? 
_exptl_crystal.size_rad                    ? 
_exptl_crystal.colour_lustre               ? 
_exptl_crystal.colour_modifier             ? 
_exptl_crystal.colour_primary              ? 
_exptl_crystal.density_meas                ? 
_exptl_crystal.density_meas_esd            ? 
_exptl_crystal.density_meas_gt             ? 
_exptl_crystal.density_meas_lt             ? 
_exptl_crystal.density_meas_temp           ? 
_exptl_crystal.density_meas_temp_esd       ? 
_exptl_crystal.density_meas_temp_gt        ? 
_exptl_crystal.density_meas_temp_lt        ? 
_exptl_crystal.pdbx_crystal_image_url      ? 
_exptl_crystal.pdbx_crystal_image_format   ? 
_exptl_crystal.pdbx_mosaicity              ? 
_exptl_crystal.pdbx_mosaicity_esd          ? 
# 
_exptl_crystal_grow.apparatus       ? 
_exptl_crystal_grow.atmosphere      ? 
_exptl_crystal_grow.crystal_id      1 
_exptl_crystal_grow.details         ? 
_exptl_crystal_grow.method          'VAPOR DIFFUSION, SITTING DROP' 
_exptl_crystal_grow.method_ref      ? 
_exptl_crystal_grow.pH              ? 
_exptl_crystal_grow.pressure        ? 
_exptl_crystal_grow.pressure_esd    ? 
_exptl_crystal_grow.seeding         ? 
_exptl_crystal_grow.seeding_ref     ? 
_exptl_crystal_grow.temp            293.15 
_exptl_crystal_grow.temp_details    ? 
_exptl_crystal_grow.temp_esd        ? 
_exptl_crystal_grow.time            ? 
_exptl_crystal_grow.pdbx_details    '20% peg 3350, 0.2M Potassium Chloride' 
_exptl_crystal_grow.pdbx_pH_range   ? 
# 
_diffrn.ambient_environment    ? 
_diffrn.ambient_temp           100 
_diffrn.ambient_temp_details   ? 
_diffrn.ambient_temp_esd       ? 
_diffrn.crystal_id             1 
_diffrn.crystal_support        ? 
_diffrn.crystal_treatment      ? 
_diffrn.details                ? 
_diffrn.id                     1 
_diffrn.ambient_pressure       ? 
_diffrn.ambient_pressure_esd   ? 
_diffrn.ambient_pressure_gt    ? 
_diffrn.ambient_pressure_lt    ? 
_diffrn.ambient_temp_gt        ? 
_diffrn.ambient_temp_lt        ? 
# 
_diffrn_detector.details                      ? 
_diffrn_detector.detector                     CCD 
_diffrn_detector.diffrn_id                    1 
_diffrn_detector.type                         'RAYONIX MX300HE' 
_diffrn_detector.area_resol_mean              ? 
_diffrn_detector.dtime                        ? 
_diffrn_detector.pdbx_frames_total            ? 
_diffrn_detector.pdbx_collection_time_total   ? 
_diffrn_detector.pdbx_collection_date         2014-07-19 
# 
_diffrn_radiation.collimation                      ? 
_diffrn_radiation.diffrn_id                        1 
_diffrn_radiation.filter_edge                      ? 
_diffrn_radiation.inhomogeneity                    ? 
_diffrn_radiation.monochromator                    ? 
_diffrn_radiation.polarisn_norm                    ? 
_diffrn_radiation.polarisn_ratio                   ? 
_diffrn_radiation.probe                            ? 
_diffrn_radiation.type                             ? 
_diffrn_radiation.xray_symbol                      ? 
_diffrn_radiation.wavelength_id                    1 
_diffrn_radiation.pdbx_monochromatic_or_laue_m_l   M 
_diffrn_radiation.pdbx_wavelength_list             ? 
_diffrn_radiation.pdbx_wavelength                  ? 
_diffrn_radiation.pdbx_diffrn_protocol             'SINGLE WAVELENGTH' 
_diffrn_radiation.pdbx_analyzer                    ? 
_diffrn_radiation.pdbx_scattering_type             x-ray 
# 
_diffrn_radiation_wavelength.id           1 
_diffrn_radiation_wavelength.wavelength   1.0781 
_diffrn_radiation_wavelength.wt           1.0 
# 
_diffrn_source.current                     ? 
_diffrn_source.details                     ? 
_diffrn_source.diffrn_id                   1 
_diffrn_source.power                       ? 
_diffrn_source.size                        ? 
_diffrn_source.source                      SYNCHROTRON 
_diffrn_source.target                      ? 
_diffrn_source.type                        'APS BEAMLINE 21-ID-D' 
_diffrn_source.voltage                     ? 
_diffrn_source.take-off_angle              ? 
_diffrn_source.pdbx_wavelength_list        1.0781 
_diffrn_source.pdbx_wavelength             ? 
_diffrn_source.pdbx_synchrotron_beamline   21-ID-D 
_diffrn_source.pdbx_synchrotron_site       APS 
# 
_reflns.B_iso_Wilson_estimate            19.340 
_reflns.entry_id                         6C7R 
_reflns.data_reduction_details           ? 
_reflns.data_reduction_method            ? 
_reflns.d_resolution_high                1.500 
_reflns.d_resolution_low                 50.000 
_reflns.details                          ? 
_reflns.limit_h_max                      ? 
_reflns.limit_h_min                      ? 
_reflns.limit_k_max                      ? 
_reflns.limit_k_min                      ? 
_reflns.limit_l_max                      ? 
_reflns.limit_l_min                      ? 
_reflns.number_all                       ? 
_reflns.number_obs                       18133 
_reflns.observed_criterion               ? 
_reflns.observed_criterion_F_max         ? 
_reflns.observed_criterion_F_min         ? 
_reflns.observed_criterion_I_max         ? 
_reflns.observed_criterion_I_min         ? 
_reflns.observed_criterion_sigma_F       ? 
_reflns.observed_criterion_sigma_I       ? 
_reflns.percent_possible_obs             95.100 
_reflns.R_free_details                   ? 
_reflns.Rmerge_F_all                     ? 
_reflns.Rmerge_F_obs                     ? 
_reflns.Friedel_coverage                 ? 
_reflns.number_gt                        ? 
_reflns.threshold_expression             ? 
_reflns.pdbx_redundancy                  5.600 
_reflns.pdbx_Rmerge_I_obs                0.047 
_reflns.pdbx_Rmerge_I_all                ? 
_reflns.pdbx_Rsym_value                  ? 
_reflns.pdbx_netI_over_av_sigmaI         ? 
_reflns.pdbx_netI_over_sigmaI            18.700 
_reflns.pdbx_res_netI_over_av_sigmaI_2   ? 
_reflns.pdbx_res_netI_over_sigmaI_2      ? 
_reflns.pdbx_chi_squared                 1.286 
_reflns.pdbx_scaling_rejects             ? 
_reflns.pdbx_d_res_high_opt              ? 
_reflns.pdbx_d_res_low_opt               ? 
_reflns.pdbx_d_res_opt_method            ? 
_reflns.phase_calculation_details        ? 
_reflns.pdbx_Rrim_I_all                  0.053 
_reflns.pdbx_Rpim_I_all                  0.023 
_reflns.pdbx_d_opt                       ? 
_reflns.pdbx_number_measured_all         101260 
_reflns.pdbx_diffrn_id                   1 
_reflns.pdbx_ordinal                     1 
_reflns.pdbx_CC_half                     ? 
_reflns.pdbx_R_split                     ? 
# 
loop_
_reflns_shell.d_res_high 
_reflns_shell.d_res_low 
_reflns_shell.meanI_over_sigI_all 
_reflns_shell.meanI_over_sigI_obs 
_reflns_shell.number_measured_all 
_reflns_shell.number_measured_obs 
_reflns_shell.number_possible 
_reflns_shell.number_unique_all 
_reflns_shell.number_unique_obs 
_reflns_shell.percent_possible_all 
_reflns_shell.percent_possible_obs 
_reflns_shell.Rmerge_F_all 
_reflns_shell.Rmerge_F_obs 
_reflns_shell.Rmerge_I_all 
_reflns_shell.Rmerge_I_obs 
_reflns_shell.meanI_over_sigI_gt 
_reflns_shell.meanI_over_uI_all 
_reflns_shell.meanI_over_uI_gt 
_reflns_shell.number_measured_gt 
_reflns_shell.number_unique_gt 
_reflns_shell.percent_possible_gt 
_reflns_shell.Rmerge_F_gt 
_reflns_shell.Rmerge_I_gt 
_reflns_shell.pdbx_redundancy 
_reflns_shell.pdbx_Rsym_value 
_reflns_shell.pdbx_chi_squared 
_reflns_shell.pdbx_netI_over_sigmaI_all 
_reflns_shell.pdbx_netI_over_sigmaI_obs 
_reflns_shell.pdbx_Rrim_I_all 
_reflns_shell.pdbx_Rpim_I_all 
_reflns_shell.pdbx_rejects 
_reflns_shell.pdbx_ordinal 
_reflns_shell.pdbx_diffrn_id 
_reflns_shell.pdbx_CC_half 
_reflns_shell.pdbx_R_split 
1.500 1.530  ? ? ? ? ? ? 876 94.400 ? ? ? ? 0.114 ? ? ? ? ? ? ? ? 5.700 ? 1.245 ? ? 0.126 0.053 ? 1  1 0.986 ? 
1.530 1.550  ? ? ? ? ? ? 875 93.200 ? ? ? ? 0.103 ? ? ? ? ? ? ? ? 5.700 ? 1.175 ? ? 0.113 0.047 ? 2  1 0.993 ? 
1.550 1.580  ? ? ? ? ? ? 914 95.200 ? ? ? ? 0.097 ? ? ? ? ? ? ? ? 5.700 ? 1.207 ? ? 0.107 0.045 ? 3  1 0.993 ? 
1.580 1.620  ? ? ? ? ? ? 879 94.600 ? ? ? ? 0.090 ? ? ? ? ? ? ? ? 5.600 ? 1.217 ? ? 0.100 0.042 ? 4  1 0.993 ? 
1.620 1.650  ? ? ? ? ? ? 901 94.300 ? ? ? ? 0.085 ? ? ? ? ? ? ? ? 5.700 ? 1.262 ? ? 0.093 0.039 ? 5  1 0.994 ? 
1.650 1.690  ? ? ? ? ? ? 909 95.600 ? ? ? ? 0.081 ? ? ? ? ? ? ? ? 5.600 ? 1.209 ? ? 0.090 0.038 ? 6  1 0.993 ? 
1.690 1.730  ? ? ? ? ? ? 896 95.700 ? ? ? ? 0.078 ? ? ? ? ? ? ? ? 5.700 ? 1.213 ? ? 0.086 0.036 ? 7  1 0.993 ? 
1.730 1.780  ? ? ? ? ? ? 917 95.200 ? ? ? ? 0.075 ? ? ? ? ? ? ? ? 5.600 ? 1.283 ? ? 0.083 0.035 ? 8  1 0.993 ? 
1.780 1.830  ? ? ? ? ? ? 909 95.800 ? ? ? ? 0.069 ? ? ? ? ? ? ? ? 5.700 ? 1.284 ? ? 0.077 0.032 ? 9  1 0.995 ? 
1.830 1.890  ? ? ? ? ? ? 923 95.900 ? ? ? ? 0.069 ? ? ? ? ? ? ? ? 5.600 ? 1.374 ? ? 0.076 0.032 ? 10 1 0.994 ? 
1.890 1.960  ? ? ? ? ? ? 898 96.200 ? ? ? ? 0.066 ? ? ? ? ? ? ? ? 5.600 ? 1.435 ? ? 0.072 0.030 ? 11 1 0.996 ? 
1.960 2.040  ? ? ? ? ? ? 921 96.700 ? ? ? ? 0.060 ? ? ? ? ? ? ? ? 5.600 ? 1.444 ? ? 0.066 0.028 ? 12 1 0.997 ? 
2.040 2.130  ? ? ? ? ? ? 918 96.700 ? ? ? ? 0.056 ? ? ? ? ? ? ? ? 5.600 ? 1.408 ? ? 0.062 0.026 ? 13 1 0.997 ? 
2.130 2.240  ? ? ? ? ? ? 923 97.500 ? ? ? ? 0.054 ? ? ? ? ? ? ? ? 5.600 ? 1.406 ? ? 0.059 0.025 ? 14 1 0.996 ? 
2.240 2.380  ? ? ? ? ? ? 933 97.300 ? ? ? ? 0.053 ? ? ? ? ? ? ? ? 5.600 ? 1.392 ? ? 0.058 0.024 ? 15 1 0.997 ? 
2.380 2.560  ? ? ? ? ? ? 943 97.900 ? ? ? ? 0.049 ? ? ? ? ? ? ? ? 5.600 ? 1.354 ? ? 0.054 0.022 ? 16 1 0.997 ? 
2.560 2.820  ? ? ? ? ? ? 943 97.900 ? ? ? ? 0.047 ? ? ? ? ? ? ? ? 5.600 ? 1.321 ? ? 0.052 0.022 ? 17 1 0.997 ? 
2.820 3.230  ? ? ? ? ? ? 932 97.600 ? ? ? ? 0.044 ? ? ? ? ? ? ? ? 5.500 ? 1.259 ? ? 0.049 0.021 ? 18 1 0.997 ? 
3.230 4.070  ? ? ? ? ? ? 906 94.400 ? ? ? ? 0.041 ? ? ? ? ? ? ? ? 5.300 ? 1.150 ? ? 0.045 0.020 ? 19 1 0.996 ? 
4.070 50.000 ? ? ? ? ? ? 817 80.700 ? ? ? ? 0.038 ? ? ? ? ? ? ? ? 4.900 ? 0.983 ? ? 0.042 0.019 ? 20 1 0.996 ? 
# 
_refine.aniso_B[1][1]                            1.9166 
_refine.aniso_B[1][2]                            0.0000 
_refine.aniso_B[1][3]                            -3.9768 
_refine.aniso_B[2][2]                            3.6020 
_refine.aniso_B[2][3]                            0.0000 
_refine.aniso_B[3][3]                            -5.5187 
_refine.B_iso_max                                89.000 
_refine.B_iso_mean                               23.4500 
_refine.B_iso_min                                10.010 
_refine.correlation_coeff_Fo_to_Fc               0.9330 
_refine.correlation_coeff_Fo_to_Fc_free          0.9240 
_refine.details                                  ? 
_refine.diff_density_max                         ? 
_refine.diff_density_max_esd                     ? 
_refine.diff_density_min                         ? 
_refine.diff_density_min_esd                     ? 
_refine.diff_density_rms                         ? 
_refine.diff_density_rms_esd                     ? 
_refine.entry_id                                 6C7R 
_refine.pdbx_refine_id                           'X-RAY DIFFRACTION' 
_refine.ls_abs_structure_details                 ? 
_refine.ls_abs_structure_Flack                   ? 
_refine.ls_abs_structure_Flack_esd               ? 
_refine.ls_abs_structure_Rogers                  ? 
_refine.ls_abs_structure_Rogers_esd              ? 
_refine.ls_d_res_high                            1.5000 
_refine.ls_d_res_low                             17.7100 
_refine.ls_extinction_coef                       ? 
_refine.ls_extinction_coef_esd                   ? 
_refine.ls_extinction_expression                 ? 
_refine.ls_extinction_method                     ? 
_refine.ls_goodness_of_fit_all                   ? 
_refine.ls_goodness_of_fit_all_esd               ? 
_refine.ls_goodness_of_fit_obs                   ? 
_refine.ls_goodness_of_fit_obs_esd               ? 
_refine.ls_hydrogen_treatment                    ? 
_refine.ls_matrix_type                           ? 
_refine.ls_number_constraints                    ? 
_refine.ls_number_parameters                     ? 
_refine.ls_number_reflns_all                     ? 
_refine.ls_number_reflns_obs                     18120 
_refine.ls_number_reflns_R_free                  869 
_refine.ls_number_reflns_R_work                  ? 
_refine.ls_number_restraints                     ? 
_refine.ls_percent_reflns_obs                    94.5000 
_refine.ls_percent_reflns_R_free                 4.8000 
_refine.ls_R_factor_all                          ? 
_refine.ls_R_factor_obs                          0.2100 
_refine.ls_R_factor_R_free                       0.2410 
_refine.ls_R_factor_R_free_error                 ? 
_refine.ls_R_factor_R_free_error_details         ? 
_refine.ls_R_factor_R_work                       0.2090 
_refine.ls_R_Fsqd_factor_obs                     ? 
_refine.ls_R_I_factor_obs                        ? 
_refine.ls_redundancy_reflns_all                 ? 
_refine.ls_redundancy_reflns_obs                 ? 
_refine.ls_restrained_S_all                      ? 
_refine.ls_restrained_S_obs                      ? 
_refine.ls_shift_over_esd_max                    ? 
_refine.ls_shift_over_esd_mean                   ? 
_refine.ls_structure_factor_coef                 ? 
_refine.ls_weighting_details                     ? 
_refine.ls_weighting_scheme                      ? 
_refine.ls_wR_factor_all                         ? 
_refine.ls_wR_factor_obs                         ? 
_refine.ls_wR_factor_R_free                      ? 
_refine.ls_wR_factor_R_work                      ? 
_refine.occupancy_max                            ? 
_refine.occupancy_min                            ? 
_refine.solvent_model_details                    ? 
_refine.solvent_model_param_bsol                 ? 
_refine.solvent_model_param_ksol                 ? 
_refine.ls_R_factor_gt                           ? 
_refine.ls_goodness_of_fit_gt                    ? 
_refine.ls_goodness_of_fit_ref                   ? 
_refine.ls_shift_over_su_max                     ? 
_refine.ls_shift_over_su_max_lt                  ? 
_refine.ls_shift_over_su_mean                    ? 
_refine.ls_shift_over_su_mean_lt                 ? 
_refine.pdbx_ls_sigma_I                          ? 
_refine.pdbx_ls_sigma_F                          0.000 
_refine.pdbx_ls_sigma_Fsqd                       ? 
_refine.pdbx_data_cutoff_high_absF               ? 
_refine.pdbx_data_cutoff_high_rms_absF           ? 
_refine.pdbx_data_cutoff_low_absF                ? 
_refine.pdbx_isotropic_thermal_model             ? 
_refine.pdbx_ls_cross_valid_method               THROUGHOUT 
_refine.pdbx_method_to_determine_struct          'MOLECULAR REPLACEMENT' 
_refine.pdbx_starting_model                      4LYI 
_refine.pdbx_stereochemistry_target_values       ? 
_refine.pdbx_R_Free_selection_details            RANDOM 
_refine.pdbx_stereochem_target_val_spec_case     ? 
_refine.pdbx_overall_ESU_R                       ? 
_refine.pdbx_overall_ESU_R_Free                  ? 
_refine.pdbx_solvent_vdw_probe_radii             ? 
_refine.pdbx_solvent_ion_probe_radii             ? 
_refine.pdbx_solvent_shrinkage_radii             ? 
_refine.pdbx_real_space_R                        ? 
_refine.pdbx_density_correlation                 ? 
_refine.pdbx_pd_number_of_powder_patterns        ? 
_refine.pdbx_pd_number_of_points                 ? 
_refine.pdbx_pd_meas_number_of_points            ? 
_refine.pdbx_pd_proc_ls_prof_R_factor            ? 
_refine.pdbx_pd_proc_ls_prof_wR_factor           ? 
_refine.pdbx_pd_Marquardt_correlation_coeff      ? 
_refine.pdbx_pd_Fsqrd_R_factor                   ? 
_refine.pdbx_pd_ls_matrix_band_width             ? 
_refine.pdbx_overall_phase_error                 ? 
_refine.pdbx_overall_SU_R_free_Cruickshank_DPI   0.0910 
_refine.pdbx_overall_SU_R_free_Blow_DPI          0.0940 
_refine.pdbx_overall_SU_R_Blow_DPI               0.0960 
_refine.pdbx_TLS_residual_ADP_flag               ? 
_refine.pdbx_diffrn_id                           1 
_refine.overall_SU_B                             ? 
_refine.overall_SU_ML                            ? 
_refine.overall_SU_R_Cruickshank_DPI             0.0910 
_refine.overall_SU_R_free                        ? 
_refine.overall_FOM_free_R_set                   ? 
_refine.overall_FOM_work_R_set                   ? 
_refine.pdbx_average_fsc_overall                 ? 
_refine.pdbx_average_fsc_work                    ? 
_refine.pdbx_average_fsc_free                    ? 
# 
_refine_analyze.entry_id                        6C7R 
_refine_analyze.pdbx_refine_id                  'X-RAY DIFFRACTION' 
_refine_analyze.Luzzati_coordinate_error_free   ? 
_refine_analyze.Luzzati_coordinate_error_obs    0.210 
_refine_analyze.Luzzati_d_res_low_free          ? 
_refine_analyze.Luzzati_d_res_low_obs           ? 
_refine_analyze.Luzzati_sigma_a_free            ? 
_refine_analyze.Luzzati_sigma_a_free_details    ? 
_refine_analyze.Luzzati_sigma_a_obs             ? 
_refine_analyze.Luzzati_sigma_a_obs_details     ? 
_refine_analyze.number_disordered_residues      ? 
_refine_analyze.occupancy_sum_hydrogen          ? 
_refine_analyze.occupancy_sum_non_hydrogen      ? 
_refine_analyze.RG_d_res_high                   ? 
_refine_analyze.RG_d_res_low                    ? 
_refine_analyze.RG_free                         ? 
_refine_analyze.RG_work                         ? 
_refine_analyze.RG_free_work_ratio              ? 
_refine_analyze.pdbx_Luzzati_d_res_high_obs     ? 
# 
_refine_hist.cycle_id                         final 
_refine_hist.pdbx_refine_id                   'X-RAY DIFFRACTION' 
_refine_hist.d_res_high                       1.5000 
_refine_hist.d_res_low                        17.7100 
_refine_hist.pdbx_number_atoms_ligand         40 
_refine_hist.number_atoms_solvent             135 
_refine_hist.number_atoms_total               1087 
_refine_hist.pdbx_number_residues_total       108 
_refine_hist.pdbx_B_iso_mean_ligand           20.54 
_refine_hist.pdbx_B_iso_mean_solvent          32.23 
_refine_hist.pdbx_number_atoms_protein        912 
_refine_hist.pdbx_number_atoms_nucleic_acid   0 
# 
loop_
_refine_ls_restr.pdbx_refine_id 
_refine_ls_restr.criterion 
_refine_ls_restr.dev_ideal 
_refine_ls_restr.dev_ideal_target 
_refine_ls_restr.number 
_refine_ls_restr.rejects 
_refine_ls_restr.type 
_refine_ls_restr.weight 
_refine_ls_restr.pdbx_restraint_function 
'X-RAY DIFFRACTION' ? ?      ? 349  ? t_dihedral_angle_d        2.000  SINUSOIDAL   
'X-RAY DIFFRACTION' ? ?      ? 31   ? t_trig_c_planes           2.000  HARMONIC     
'X-RAY DIFFRACTION' ? ?      ? 185  ? t_gen_planes              5.000  HARMONIC     
'X-RAY DIFFRACTION' ? ?      ? 1008 ? t_it                      20.000 HARMONIC     
'X-RAY DIFFRACTION' ? ?      ? ?    ? t_nbd                     ?      ?            
'X-RAY DIFFRACTION' ? ?      ? ?    ? t_improper_torsion        ?      ?            
'X-RAY DIFFRACTION' ? ?      ? ?    ? t_pseud_angle             ?      ?            
'X-RAY DIFFRACTION' ? ?      ? 122  ? t_chiral_improper_torsion 5.000  SEMIHARMONIC 
'X-RAY DIFFRACTION' ? ?      ? ?    ? t_sum_occupancies         ?      ?            
'X-RAY DIFFRACTION' ? ?      ? ?    ? t_utility_distance        ?      ?            
'X-RAY DIFFRACTION' ? ?      ? ?    ? t_utility_angle           ?      ?            
'X-RAY DIFFRACTION' ? ?      ? ?    ? t_utility_torsion         ?      ?            
'X-RAY DIFFRACTION' ? ?      ? 1295 ? t_ideal_dist_contact      4.000  SEMIHARMONIC 
'X-RAY DIFFRACTION' ? 0.010  ? 1008 ? t_bond_d                  2.000  HARMONIC     
'X-RAY DIFFRACTION' ? 0.960  ? 1384 ? t_angle_deg               2.000  HARMONIC     
'X-RAY DIFFRACTION' ? 3.240  ? ?    ? t_omega_torsion           ?      ?            
'X-RAY DIFFRACTION' ? 18.370 ? ?    ? t_other_torsion           ?      ?            
# 
_refine_ls_shell.pdbx_refine_id                   'X-RAY DIFFRACTION' 
_refine_ls_shell.d_res_high                       1.5000 
_refine_ls_shell.d_res_low                        1.5900 
_refine_ls_shell.number_reflns_all                2776 
_refine_ls_shell.number_reflns_obs                ? 
_refine_ls_shell.number_reflns_R_free             125 
_refine_ls_shell.number_reflns_R_work             2651 
_refine_ls_shell.percent_reflns_obs               89.8200 
_refine_ls_shell.percent_reflns_R_free            4.5000 
_refine_ls_shell.R_factor_all                     0.2392 
_refine_ls_shell.R_factor_obs                     ? 
_refine_ls_shell.R_factor_R_free                  0.2484 
_refine_ls_shell.R_factor_R_free_error            0.0000 
_refine_ls_shell.R_factor_R_work                  0.2387 
_refine_ls_shell.redundancy_reflns_all            ? 
_refine_ls_shell.redundancy_reflns_obs            ? 
_refine_ls_shell.wR_factor_all                    ? 
_refine_ls_shell.wR_factor_obs                    ? 
_refine_ls_shell.wR_factor_R_free                 ? 
_refine_ls_shell.wR_factor_R_work                 ? 
_refine_ls_shell.pdbx_total_number_of_bins_used   9 
_refine_ls_shell.pdbx_phase_error                 ? 
_refine_ls_shell.pdbx_fsc_work                    ? 
_refine_ls_shell.pdbx_fsc_free                    ? 
# 
_struct.entry_id                     6C7R 
_struct.title                        'BRD4 BD1 in complex with compound CF53' 
_struct.pdbx_model_details           ? 
_struct.pdbx_formula_weight          ? 
_struct.pdbx_formula_weight_method   ? 
_struct.pdbx_model_type_details      ? 
_struct.pdbx_CASP_flag               N 
# 
_struct_keywords.entry_id        6C7R 
_struct_keywords.text            'BROMODOMAIN, TRANSCRIPTION, transcription-transcription inhibitor complex' 
_struct_keywords.pdbx_keywords   'transcription/transcription inhibitor' 
# 
loop_
_struct_asym.id 
_struct_asym.pdbx_blank_PDB_chainid_flag 
_struct_asym.pdbx_modified 
_struct_asym.entity_id 
_struct_asym.details 
A N N 1 ? 
B N N 2 ? 
C N N 3 ? 
# 
loop_
_struct_conf.conf_type_id 
_struct_conf.id 
_struct_conf.pdbx_PDB_helix_id 
_struct_conf.beg_label_comp_id 
_struct_conf.beg_label_asym_id 
_struct_conf.beg_label_seq_id 
_struct_conf.pdbx_beg_PDB_ins_code 
_struct_conf.end_label_comp_id 
_struct_conf.end_label_asym_id 
_struct_conf.end_label_seq_id 
_struct_conf.pdbx_end_PDB_ins_code 
_struct_conf.beg_auth_comp_id 
_struct_conf.beg_auth_asym_id 
_struct_conf.beg_auth_seq_id 
_struct_conf.end_auth_comp_id 
_struct_conf.end_auth_asym_id 
_struct_conf.end_auth_seq_id 
_struct_conf.pdbx_PDB_helix_class 
_struct_conf.details 
_struct_conf.pdbx_PDB_helix_length 
HELX_P HELX_P1 AA1 ASN A 21  ? VAL A 29  ? ASN A 61  VAL A 69  1 ? 9  
HELX_P HELX_P2 AA2 VAL A 29  ? LYS A 36  ? VAL A 69  LYS A 76  1 ? 8  
HELX_P HELX_P3 AA3 ALA A 40  ? GLN A 44  ? ALA A 80  GLN A 84  5 ? 5  
HELX_P HELX_P4 AA4 ASP A 56  ? ILE A 61  ? ASP A 96  ILE A 101 1 ? 6  
HELX_P HELX_P5 AA5 ASP A 66  ? ASN A 76  ? ASP A 106 ASN A 116 1 ? 11 
HELX_P HELX_P6 AA6 ASN A 81  ? ASN A 100 ? ASN A 121 ASN A 140 1 ? 20 
HELX_P HELX_P7 AA7 ASP A 104 ? GLU A 123 ? ASP A 144 GLU A 163 1 ? 20 
# 
_struct_conf_type.id          HELX_P 
_struct_conf_type.criteria    ? 
_struct_conf_type.reference   ? 
# 
_struct_site.id                   AC1 
_struct_site.pdbx_evidence_code   Software 
_struct_site.pdbx_auth_asym_id    A 
_struct_site.pdbx_auth_comp_id    EO4 
_struct_site.pdbx_auth_seq_id     201 
_struct_site.pdbx_auth_ins_code   ? 
_struct_site.pdbx_num_residues    12 
_struct_site.details              'binding site for residue EO4 A 201' 
# 
loop_
_struct_site_gen.id 
_struct_site_gen.site_id 
_struct_site_gen.pdbx_num_res 
_struct_site_gen.label_comp_id 
_struct_site_gen.label_asym_id 
_struct_site_gen.label_seq_id 
_struct_site_gen.pdbx_auth_ins_code 
_struct_site_gen.auth_comp_id 
_struct_site_gen.auth_asym_id 
_struct_site_gen.auth_seq_id 
_struct_site_gen.label_atom_id 
_struct_site_gen.label_alt_id 
_struct_site_gen.symmetry 
_struct_site_gen.details 
1  AC1 12 TRP A 41  ? TRP A 81  . ? 1_555 ? 
2  AC1 12 PRO A 42  ? PRO A 82  . ? 1_555 ? 
3  AC1 12 PHE A 43  ? PHE A 83  . ? 1_555 ? 
4  AC1 12 LEU A 52  ? LEU A 92  . ? 1_555 ? 
5  AC1 12 LEU A 54  ? LEU A 94  . ? 1_555 ? 
6  AC1 12 ASN A 100 ? ASN A 140 . ? 1_555 ? 
7  AC1 12 ASP A 105 ? ASP A 145 . ? 1_555 ? 
8  AC1 12 ILE A 106 ? ILE A 146 . ? 1_555 ? 
9  AC1 12 HOH C .   ? HOH A 301 . ? 1_555 ? 
10 AC1 12 HOH C .   ? HOH A 347 . ? 1_555 ? 
11 AC1 12 HOH C .   ? HOH A 360 . ? 1_555 ? 
12 AC1 12 HOH C .   ? HOH A 365 . ? 1_555 ? 
# 
_atom_sites.entry_id                    6C7R 
_atom_sites.fract_transf_matrix[1][1]   0.00965440 
_atom_sites.fract_transf_matrix[1][2]   0.03103330 
_atom_sites.fract_transf_matrix[1][3]   0.00594314 
_atom_sites.fract_transf_matrix[2][1]   -0.00677091 
_atom_sites.fract_transf_matrix[2][2]   0.00636742 
_atom_sites.fract_transf_matrix[2][3]   -0.02224966 
_atom_sites.fract_transf_matrix[3][1]   -0.01853441 
_atom_sites.fract_transf_matrix[3][2]   0.00623477 
_atom_sites.fract_transf_matrix[3][3]   0.00742457 
_atom_sites.fract_transf_vector[1]      0.159166 
_atom_sites.fract_transf_vector[2]      0.020001 
_atom_sites.fract_transf_vector[3]      0.219960 
# 
loop_
_atom_type.symbol 
C 
N 
O 
S 
# 
loop_
_atom_site.group_PDB 
_atom_site.id 
_atom_site.type_symbol 
_atom_site.label_atom_id 
_atom_site.label_alt_id 
_atom_site.label_comp_id 
_atom_site.label_asym_id 
_atom_site.label_entity_id 
_atom_site.label_seq_id 
_atom_site.pdbx_PDB_ins_code 
_atom_site.Cartn_x 
_atom_site.Cartn_y 
_atom_site.Cartn_z 
_atom_site.occupancy 
_atom_site.B_iso_or_equiv 
_atom_site.pdbx_formal_charge 
_atom_site.auth_seq_id 
_atom_site.auth_comp_id 
_atom_site.auth_asym_id 
_atom_site.auth_atom_id 
_atom_site.pdbx_PDB_model_num 
ATOM   1    N N   . ARG A 1 18  ? 25.835  9.486   -8.120  1.00 27.65 ? 58  ARG A N   1 
ATOM   2    C CA  . ARG A 1 18  ? 25.386  9.818   -6.765  1.00 26.09 ? 58  ARG A CA  1 
ATOM   3    C C   . ARG A 1 18  ? 24.734  8.624   -6.099  1.00 27.10 ? 58  ARG A C   1 
ATOM   4    O O   . ARG A 1 18  ? 24.237  7.726   -6.782  1.00 25.02 ? 58  ARG A O   1 
ATOM   5    C CB  . ARG A 1 18  ? 24.420  11.023  -6.768  1.00 24.58 ? 58  ARG A CB  1 
ATOM   6    C CG  . ARG A 1 18  ? 23.084  10.755  -7.475  1.00 22.07 ? 58  ARG A CG  1 
ATOM   7    C CD  . ARG A 1 18  ? 22.266  12.005  -7.539  1.00 20.21 ? 58  ARG A CD  1 
ATOM   8    N NE  . ARG A 1 18  ? 20.994  11.823  -8.243  1.00 19.72 ? 58  ARG A NE  1 
ATOM   9    C CZ  . ARG A 1 18  ? 20.090  12.787  -8.396  1.00 21.37 ? 58  ARG A CZ  1 
ATOM   10   N NH1 . ARG A 1 18  ? 20.314  13.998  -7.911  1.00 23.35 ? 58  ARG A NH1 1 
ATOM   11   N NH2 . ARG A 1 18  ? 18.951  12.543  -9.035  1.00 16.67 ? 58  ARG A NH2 1 
ATOM   12   N N   . GLN A 1 19  ? 24.739  8.605   -4.744  1.00 23.93 ? 59  GLN A N   1 
ATOM   13   C CA  . GLN A 1 19  ? 24.111  7.504   -4.024  1.00 23.12 ? 59  GLN A CA  1 
ATOM   14   C C   . GLN A 1 19  ? 22.608  7.773   -3.949  1.00 24.91 ? 59  GLN A C   1 
ATOM   15   O O   . GLN A 1 19  ? 22.196  8.928   -4.066  1.00 25.03 ? 59  GLN A O   1 
ATOM   16   C CB  . GLN A 1 19  ? 24.679  7.415   -2.614  1.00 23.81 ? 59  GLN A CB  1 
ATOM   17   C CG  . GLN A 1 19  ? 26.115  6.890   -2.562  1.00 25.70 ? 59  GLN A CG  1 
ATOM   18   C CD  . GLN A 1 19  ? 26.547  6.745   -1.124  1.00 40.08 ? 59  GLN A CD  1 
ATOM   19   O OE1 . GLN A 1 19  ? 25.784  6.303   -0.257  1.00 33.17 ? 59  GLN A OE1 1 
ATOM   20   N NE2 . GLN A 1 19  ? 27.762  7.160   -0.830  1.00 26.59 ? 59  GLN A NE2 1 
ATOM   21   N N   . THR A 1 20  ? 21.813  6.707   -3.787  1.00 22.07 ? 60  THR A N   1 
ATOM   22   C CA  . THR A 1 20  ? 20.359  6.812   -3.636  1.00 21.55 ? 60  THR A CA  1 
ATOM   23   C C   . THR A 1 20  ? 19.983  6.350   -2.228  1.00 24.37 ? 60  THR A C   1 
ATOM   24   O O   . THR A 1 20  ? 20.303  5.221   -1.852  1.00 25.48 ? 60  THR A O   1 
ATOM   25   C CB  . THR A 1 20  ? 19.632  6.001   -4.728  1.00 27.79 ? 60  THR A CB  1 
ATOM   26   O OG1 . THR A 1 20  ? 20.011  6.514   -6.001  1.00 25.36 ? 60  THR A OG1 1 
ATOM   27   C CG2 . THR A 1 20  ? 18.104  6.065   -4.595  1.00 24.76 ? 60  THR A CG2 1 
ATOM   28   N N   . ASN A 1 21  ? 19.293  7.223   -1.480  1.00 20.94 ? 61  ASN A N   1 
ATOM   29   C CA  . ASN A 1 21  ? 18.749  6.914   -0.156  1.00 20.81 ? 61  ASN A CA  1 
ATOM   30   C C   . ASN A 1 21  ? 17.406  6.215   -0.479  1.00 22.13 ? 61  ASN A C   1 
ATOM   31   O O   . ASN A 1 21  ? 16.493  6.865   -0.987  1.00 21.46 ? 61  ASN A O   1 
ATOM   32   C CB  . ASN A 1 21  ? 18.535  8.199   0.620   1.00 22.22 ? 61  ASN A CB  1 
ATOM   33   C CG  . ASN A 1 21  ? 17.938  7.945   1.986   1.00 35.63 ? 61  ASN A CG  1 
ATOM   34   O OD1 . ASN A 1 21  ? 16.962  7.212   2.122   1.00 24.30 ? 61  ASN A OD1 1 
ATOM   35   N ND2 . ASN A 1 21  ? 18.535  8.505   3.031   1.00 34.63 ? 61  ASN A ND2 1 
ATOM   36   N N   . GLN A 1 22  ? 17.345  4.889   -0.285  1.00 18.75 ? 62  GLN A N   1 
ATOM   37   C CA  . GLN A 1 22  ? 16.206  4.034   -0.660  1.00 17.56 ? 62  GLN A CA  1 
ATOM   38   C C   . GLN A 1 22  ? 14.913  4.457   0.063   1.00 19.88 ? 62  GLN A C   1 
ATOM   39   O O   . GLN A 1 22  ? 13.852  4.437   -0.565  1.00 19.53 ? 62  GLN A O   1 
ATOM   40   C CB  . GLN A 1 22  ? 16.508  2.549   -0.473  1.00 19.90 ? 62  GLN A CB  1 
ATOM   41   C CG  . GLN A 1 22  ? 17.490  1.997   -1.522  1.00 36.88 ? 62  GLN A CG  1 
ATOM   42   C CD  . GLN A 1 22  ? 17.832  0.525   -1.393  1.00 49.10 ? 62  GLN A CD  1 
ATOM   43   O OE1 . GLN A 1 22  ? 17.065  -0.311  -0.872  1.00 34.54 ? 62  GLN A OE1 1 
ATOM   44   N NE2 . GLN A 1 22  ? 18.998  0.165   -1.917  1.00 43.79 ? 62  GLN A NE2 1 
ATOM   45   N N   . LEU A 1 23  ? 14.995  4.847   1.352   1.00 16.40 ? 63  LEU A N   1 
ATOM   46   C CA  . LEU A 1 23  ? 13.769  5.260   2.052   1.00 16.73 ? 63  LEU A CA  1 
ATOM   47   C C   . LEU A 1 23  ? 13.230  6.576   1.483   1.00 20.75 ? 63  LEU A C   1 
ATOM   48   O O   . LEU A 1 23  ? 12.010  6.725   1.304   1.00 18.22 ? 63  LEU A O   1 
ATOM   49   C CB  . LEU A 1 23  ? 13.989  5.312   3.577   1.00 16.08 ? 63  LEU A CB  1 
ATOM   50   C CG  . LEU A 1 23  ? 13.890  3.956   4.304   1.00 17.18 ? 63  LEU A CG  1 
ATOM   51   C CD1 . LEU A 1 23  ? 14.496  4.054   5.709   1.00 18.39 ? 63  LEU A CD1 1 
ATOM   52   C CD2 . LEU A 1 23  ? 12.416  3.488   4.429   1.00 17.17 ? 63  LEU A CD2 1 
ATOM   53   N N   . GLN A 1 24  ? 14.133  7.517   1.125   1.00 17.77 ? 64  GLN A N   1 
ATOM   54   C CA  . GLN A 1 24  ? 13.741  8.778   0.486   1.00 18.89 ? 64  GLN A CA  1 
ATOM   55   C C   . GLN A 1 24  ? 13.169  8.514   -0.922  1.00 19.67 ? 64  GLN A C   1 
ATOM   56   O O   . GLN A 1 24  ? 12.196  9.176   -1.293  1.00 19.62 ? 64  GLN A O   1 
ATOM   57   C CB  . GLN A 1 24  ? 14.881  9.789   0.473   1.00 21.36 ? 64  GLN A CB  1 
ATOM   58   C CG  . GLN A 1 24  ? 15.158  10.347  1.866   1.00 26.66 ? 64  GLN A CG  1 
ATOM   59   C CD  . GLN A 1 24  ? 14.005  11.125  2.427   1.00 44.12 ? 64  GLN A CD  1 
ATOM   60   O OE1 . GLN A 1 24  ? 13.574  12.130  1.859   1.00 40.15 ? 64  GLN A OE1 1 
ATOM   61   N NE2 . GLN A 1 24  ? 13.471  10.665  3.556   1.00 39.88 ? 64  GLN A NE2 1 
ATOM   62   N N   . TYR A 1 25  ? 13.684  7.488   -1.624  1.00 17.64 ? 65  TYR A N   1 
ATOM   63   C CA  . TYR A 1 25  ? 13.205  7.036   -2.939  1.00 18.94 ? 65  TYR A CA  1 
ATOM   64   C C   . TYR A 1 25  ? 11.783  6.513   -2.790  1.00 21.23 ? 65  TYR A C   1 
ATOM   65   O O   . TYR A 1 25  ? 10.909  6.858   -3.591  1.00 19.24 ? 65  TYR A O   1 
ATOM   66   C CB  . TYR A 1 25  ? 14.132  5.965   -3.563  1.00 21.46 ? 65  TYR A CB  1 
ATOM   67   C CG  . TYR A 1 25  ? 13.687  5.476   -4.932  1.00 23.76 ? 65  TYR A CG  1 
ATOM   68   C CD1 . TYR A 1 25  ? 14.002  6.187   -6.087  1.00 26.13 ? 65  TYR A CD1 1 
ATOM   69   C CD2 . TYR A 1 25  ? 12.935  4.311   -5.068  1.00 24.51 ? 65  TYR A CD2 1 
ATOM   70   C CE1 . TYR A 1 25  ? 13.573  5.748   -7.348  1.00 23.60 ? 65  TYR A CE1 1 
ATOM   71   C CE2 . TYR A 1 25  ? 12.511  3.860   -6.317  1.00 25.11 ? 65  TYR A CE2 1 
ATOM   72   C CZ  . TYR A 1 25  ? 12.830  4.583   -7.455  1.00 29.07 ? 65  TYR A CZ  1 
ATOM   73   O OH  . TYR A 1 25  ? 12.386  4.137   -8.682  1.00 26.13 ? 65  TYR A OH  1 
ATOM   74   N N   . LEU A 1 26  ? 11.546  5.697   -1.760  1.00 17.21 ? 66  LEU A N   1 
ATOM   75   C CA  . LEU A 1 26  ? 10.213  5.167   -1.522  1.00 15.91 ? 66  LEU A CA  1 
ATOM   76   C C   . LEU A 1 26  ? 9.186   6.267   -1.264  1.00 18.69 ? 66  LEU A C   1 
ATOM   77   O O   . LEU A 1 26  ? 8.029   6.153   -1.718  1.00 17.87 ? 66  LEU A O   1 
ATOM   78   C CB  . LEU A 1 26  ? 10.271  4.190   -0.347  1.00 15.75 ? 66  LEU A CB  1 
ATOM   79   C CG  . LEU A 1 26  ? 10.753  2.793   -0.706  1.00 18.99 ? 66  LEU A CG  1 
ATOM   80   C CD1 . LEU A 1 26  ? 11.171  2.012   0.509   1.00 19.70 ? 66  LEU A CD1 1 
ATOM   81   C CD2 . LEU A 1 26  ? 9.652   1.992   -1.479  1.00 22.14 ? 66  LEU A CD2 1 
ATOM   82   N N   . LEU A 1 27  ? 9.572   7.303   -0.512  1.00 14.95 ? 67  LEU A N   1 
ATOM   83   C CA  . LEU A 1 27  ? 8.664   8.409   -0.243  1.00 14.54 ? 67  LEU A CA  1 
ATOM   84   C C   . LEU A 1 27  ? 8.465   9.328   -1.447  1.00 19.42 ? 67  LEU A C   1 
ATOM   85   O O   . LEU A 1 27  ? 7.323   9.656   -1.817  1.00 18.74 ? 67  LEU A O   1 
ATOM   86   C CB  . LEU A 1 27  ? 9.171   9.233   0.956   1.00 14.48 ? 67  LEU A CB  1 
ATOM   87   C CG  . LEU A 1 27  ? 8.330   10.443  1.374   1.00 16.97 ? 67  LEU A CG  1 
ATOM   88   C CD1 . LEU A 1 27  ? 6.900   10.066  1.752   1.00 16.07 ? 67  LEU A CD1 1 
ATOM   89   C CD2 . LEU A 1 27  ? 9.010   11.188  2.511   1.00 20.59 ? 67  LEU A CD2 1 
ATOM   90   N N   . ARG A 1 28  ? 9.589   9.848   -1.980  1.00 17.90 ? 68  ARG A N   1 
ATOM   91   C CA  . ARG A 1 28  ? 9.561   10.873  -3.016  1.00 17.57 ? 68  ARG A CA  1 
ATOM   92   C C   . ARG A 1 28  ? 9.273   10.381  -4.408  1.00 20.73 ? 68  ARG A C   1 
ATOM   93   O O   . ARG A 1 28  ? 8.847   11.206  -5.221  1.00 21.59 ? 68  ARG A O   1 
ATOM   94   C CB  . ARG A 1 28  ? 10.868  11.675  -3.003  1.00 16.21 ? 68  ARG A CB  1 
ATOM   95   C CG  . ARG A 1 28  ? 11.189  12.324  -1.681  1.00 22.19 ? 68  ARG A CG  1 
ATOM   96   C CD  . ARG A 1 28  ? 12.309  13.325  -1.843  1.00 37.97 ? 68  ARG A CD  1 
ATOM   97   N NE  . ARG A 1 28  ? 13.370  13.130  -0.857  1.00 51.89 ? 68  ARG A NE  1 
ATOM   98   C CZ  . ARG A 1 28  ? 14.644  13.452  -1.063  1.00 59.90 ? 68  ARG A CZ  1 
ATOM   99   N NH1 . ARG A 1 28  ? 15.032  13.956  -2.232  1.00 44.35 ? 68  ARG A NH1 1 
ATOM   100  N NH2 . ARG A 1 28  ? 15.547  13.245  -0.113  1.00 35.80 ? 68  ARG A NH2 1 
ATOM   101  N N   . VAL A 1 29  ? 9.543   9.102   -4.714  1.00 18.38 ? 69  VAL A N   1 
ATOM   102  C CA  . VAL A 1 29  ? 9.311   8.554   -6.051  1.00 18.95 ? 69  VAL A CA  1 
ATOM   103  C C   . VAL A 1 29  ? 8.193   7.527   -6.053  1.00 23.32 ? 69  VAL A C   1 
ATOM   104  O O   . VAL A 1 29  ? 7.193   7.724   -6.751  1.00 22.81 ? 69  VAL A O   1 
ATOM   105  C CB  . VAL A 1 29  ? 10.612  7.986   -6.717  1.00 23.24 ? 69  VAL A CB  1 
ATOM   106  C CG1 . VAL A 1 29  ? 10.321  7.273   -8.050  1.00 22.93 ? 69  VAL A CG1 1 
ATOM   107  C CG2 . VAL A 1 29  ? 11.679  9.057   -6.883  1.00 23.01 ? 69  VAL A CG2 1 
ATOM   108  N N   . VAL A 1 30  ? 8.354   6.430   -5.300  1.00 19.59 ? 70  VAL A N   1 
ATOM   109  C CA  . VAL A 1 30  ? 7.402   5.319   -5.325  1.00 18.03 ? 70  VAL A CA  1 
ATOM   110  C C   . VAL A 1 30  ? 6.034   5.735   -4.803  1.00 21.56 ? 70  VAL A C   1 
ATOM   111  O O   . VAL A 1 30  ? 5.056   5.631   -5.543  1.00 19.87 ? 70  VAL A O   1 
ATOM   112  C CB  . VAL A 1 30  ? 7.948   4.033   -4.624  1.00 21.95 ? 70  VAL A CB  1 
ATOM   113  C CG1 . VAL A 1 30  ? 6.953   2.874   -4.684  1.00 20.54 ? 70  VAL A CG1 1 
ATOM   114  C CG2 . VAL A 1 30  ? 9.289   3.607   -5.211  1.00 22.43 ? 70  VAL A CG2 1 
ATOM   115  N N   . LEU A 1 31  ? 5.973   6.241   -3.576  1.00 18.30 ? 71  LEU A N   1 
ATOM   116  C CA  . LEU A 1 31  ? 4.697   6.628   -2.964  1.00 16.75 ? 71  LEU A CA  1 
ATOM   117  C C   . LEU A 1 31  ? 4.059   7.761   -3.772  1.00 21.70 ? 71  LEU A C   1 
ATOM   118  O O   . LEU A 1 31  ? 2.854   7.719   -4.042  1.00 19.92 ? 71  LEU A O   1 
ATOM   119  C CB  . LEU A 1 31  ? 4.907   7.023   -1.487  1.00 16.87 ? 71  LEU A CB  1 
ATOM   120  C CG  . LEU A 1 31  ? 3.665   7.206   -0.587  1.00 23.80 ? 71  LEU A CG  1 
ATOM   121  C CD1 . LEU A 1 31  ? 3.046   8.569   -0.727  1.00 24.85 ? 71  LEU A CD1 1 
ATOM   122  C CD2 . LEU A 1 31  ? 2.693   6.058   -0.703  1.00 25.69 ? 71  LEU A CD2 1 
ATOM   123  N N   . LYS A 1 32  ? 4.855   8.749   -4.185  1.00 18.50 ? 72  LYS A N   1 
ATOM   124  C CA  . LYS A 1 32  ? 4.332   9.866   -4.971  1.00 17.86 ? 72  LYS A CA  1 
ATOM   125  C C   . LYS A 1 32  ? 3.716   9.369   -6.301  1.00 20.73 ? 72  LYS A C   1 
ATOM   126  O O   . LYS A 1 32  ? 2.632   9.826   -6.674  1.00 22.98 ? 72  LYS A O   1 
ATOM   127  C CB  . LYS A 1 32  ? 5.439   10.887  -5.222  1.00 20.75 ? 72  LYS A CB  1 
ATOM   128  C CG  . LYS A 1 32  ? 4.922   12.183  -5.819  1.00 34.35 ? 72  LYS A CG  1 
ATOM   129  C CD  . LYS A 1 32  ? 5.200   13.345  -4.893  1.00 45.93 ? 72  LYS A CD  1 
ATOM   130  C CE  . LYS A 1 32  ? 6.511   14.025  -5.202  1.00 55.72 ? 72  LYS A CE  1 
ATOM   131  N NZ  . LYS A 1 32  ? 6.298   15.415  -5.676  1.00 65.96 ? 72  LYS A NZ  1 
ATOM   132  N N   . THR A 1 33  ? 4.393   8.423   -7.000  1.00 18.39 ? 73  THR A N   1 
ATOM   133  C CA  . THR A 1 33  ? 3.882   7.844   -8.261  1.00 18.03 ? 73  THR A CA  1 
ATOM   134  C C   . THR A 1 33  ? 2.577   7.083   -8.015  1.00 22.37 ? 73  THR A C   1 
ATOM   135  O O   . THR A 1 33  ? 1.629   7.247   -8.788  1.00 21.10 ? 73  THR A O   1 
ATOM   136  C CB  . THR A 1 33  ? 4.945   6.936   -8.912  1.00 23.16 ? 73  THR A CB  1 
ATOM   137  O OG1 . THR A 1 33  ? 6.050   7.775   -9.241  1.00 22.42 ? 73  THR A OG1 1 
ATOM   138  C CG2 . THR A 1 33  ? 4.427   6.188   -10.164 1.00 21.92 ? 73  THR A CG2 1 
ATOM   139  N N   . LEU A 1 34  ? 2.539   6.210   -6.992  1.00 19.25 ? 74  LEU A N   1 
ATOM   140  C CA  . LEU A 1 34  ? 1.337   5.432   -6.750  1.00 18.87 ? 74  LEU A CA  1 
ATOM   141  C C   . LEU A 1 34  ? 0.203   6.317   -6.303  1.00 19.68 ? 74  LEU A C   1 
ATOM   142  O O   . LEU A 1 34  ? -0.924  6.091   -6.747  1.00 19.22 ? 74  LEU A O   1 
ATOM   143  C CB  . LEU A 1 34  ? 1.566   4.286   -5.750  1.00 20.07 ? 74  LEU A CB  1 
ATOM   144  C CG  . LEU A 1 34  ? 1.707   2.901   -6.391  1.00 26.75 ? 74  LEU A CG  1 
ATOM   145  C CD1 . LEU A 1 34  ? 3.048   2.747   -7.088  1.00 27.78 ? 74  LEU A CD1 1 
ATOM   146  C CD2 . LEU A 1 34  ? 1.493   1.803   -5.363  1.00 33.26 ? 74  LEU A CD2 1 
ATOM   147  N N   . TRP A 1 35  ? 0.481   7.326   -5.464  1.00 17.37 ? 75  TRP A N   1 
ATOM   148  C CA  . TRP A 1 35  ? -0.538  8.241   -4.947  1.00 16.31 ? 75  TRP A CA  1 
ATOM   149  C C   . TRP A 1 35  ? -1.348  8.939   -6.056  1.00 20.06 ? 75  TRP A C   1 
ATOM   150  O O   . TRP A 1 35  ? -2.557  9.121   -5.896  1.00 19.07 ? 75  TRP A O   1 
ATOM   151  C CB  . TRP A 1 35  ? 0.075   9.298   -4.010  1.00 14.57 ? 75  TRP A CB  1 
ATOM   152  C CG  . TRP A 1 35  ? -0.921  9.956   -3.109  1.00 14.62 ? 75  TRP A CG  1 
ATOM   153  C CD1 . TRP A 1 35  ? -1.720  11.025  -3.403  1.00 16.77 ? 75  TRP A CD1 1 
ATOM   154  C CD2 . TRP A 1 35  ? -1.184  9.624   -1.752  1.00 14.37 ? 75  TRP A CD2 1 
ATOM   155  N NE1 . TRP A 1 35  ? -2.474  11.360  -2.318  1.00 15.95 ? 75  TRP A NE1 1 
ATOM   156  C CE2 . TRP A 1 35  ? -2.200  10.488  -1.298  1.00 16.99 ? 75  TRP A CE2 1 
ATOM   157  C CE3 . TRP A 1 35  ? -0.689  8.634   -0.877  1.00 15.12 ? 75  TRP A CE3 1 
ATOM   158  C CZ2 . TRP A 1 35  ? -2.713  10.416  -0.006  1.00 14.69 ? 75  TRP A CZ2 1 
ATOM   159  C CZ3 . TRP A 1 35  ? -1.209  8.549   0.400   1.00 15.16 ? 75  TRP A CZ3 1 
ATOM   160  C CH2 . TRP A 1 35  ? -2.191  9.438   0.841   1.00 15.86 ? 75  TRP A CH2 1 
ATOM   161  N N   . LYS A 1 36  ? -0.686  9.326   -7.157  1.00 17.69 ? 76  LYS A N   1 
ATOM   162  C CA  . LYS A 1 36  ? -1.352  10.044  -8.236  1.00 18.19 ? 76  LYS A CA  1 
ATOM   163  C C   . LYS A 1 36  ? -2.175  9.153   -9.161  1.00 20.23 ? 76  LYS A C   1 
ATOM   164  O O   . LYS A 1 36  ? -2.938  9.689   -9.965  1.00 19.85 ? 76  LYS A O   1 
ATOM   165  C CB  . LYS A 1 36  ? -0.362  10.920  -9.039  1.00 22.91 ? 76  LYS A CB  1 
ATOM   166  C CG  . LYS A 1 36  ? 0.679   10.203  -9.864  1.00 36.73 ? 76  LYS A CG  1 
ATOM   167  C CD  . LYS A 1 36  ? 1.576   11.211  -10.584 1.00 46.87 ? 76  LYS A CD  1 
ATOM   168  C CE  . LYS A 1 36  ? 2.846   10.576  -11.109 1.00 60.74 ? 76  LYS A CE  1 
ATOM   169  N NZ  . LYS A 1 36  ? 2.974   10.726  -12.584 1.00 70.19 ? 76  LYS A NZ  1 
ATOM   170  N N   . HIS A 1 37  ? -2.018  7.809   -9.083  1.00 16.72 ? 77  HIS A N   1 
ATOM   171  C CA  . HIS A 1 37  ? -2.724  6.871   -9.950  1.00 15.91 ? 77  HIS A CA  1 
ATOM   172  C C   . HIS A 1 37  ? -4.244  6.979   -9.742  1.00 17.74 ? 77  HIS A C   1 
ATOM   173  O O   . HIS A 1 37  ? -4.683  7.210   -8.622  1.00 15.79 ? 77  HIS A O   1 
ATOM   174  C CB  . HIS A 1 37  ? -2.253  5.448   -9.681  1.00 16.92 ? 77  HIS A CB  1 
ATOM   175  C CG  . HIS A 1 37  ? -2.622  4.469   -10.752 1.00 18.87 ? 77  HIS A CG  1 
ATOM   176  N ND1 . HIS A 1 37  ? -3.900  3.914   -10.830 1.00 19.56 ? 77  HIS A ND1 1 
ATOM   177  C CD2 . HIS A 1 37  ? -1.853  3.932   -11.723 1.00 20.15 ? 77  HIS A CD2 1 
ATOM   178  C CE1 . HIS A 1 37  ? -3.865  3.093   -11.865 1.00 18.90 ? 77  HIS A CE1 1 
ATOM   179  N NE2 . HIS A 1 37  ? -2.660  3.086   -12.446 1.00 19.33 ? 77  HIS A NE2 1 
ATOM   180  N N   . GLN A 1 38  ? -5.024  6.880   -10.831 1.00 18.67 ? 78  GLN A N   1 
ATOM   181  C CA  . GLN A 1 38  ? -6.490  6.964   -10.780 1.00 18.72 ? 78  GLN A CA  1 
ATOM   182  C C   . GLN A 1 38  ? -7.133  5.954   -9.808  1.00 19.79 ? 78  GLN A C   1 
ATOM   183  O O   . GLN A 1 38  ? -8.254  6.204   -9.330  1.00 19.54 ? 78  GLN A O   1 
ATOM   184  C CB  . GLN A 1 38  ? -7.088  6.795   -12.191 1.00 19.99 ? 78  GLN A CB  1 
ATOM   185  C CG  . GLN A 1 38  ? -6.926  5.409   -12.793 1.00 32.55 ? 78  GLN A CG  1 
ATOM   186  C CD  . GLN A 1 38  ? -7.191  5.403   -14.275 1.00 64.58 ? 78  GLN A CD  1 
ATOM   187  O OE1 . GLN A 1 38  ? -8.271  5.788   -14.742 1.00 61.59 ? 78  GLN A OE1 1 
ATOM   188  N NE2 . GLN A 1 38  ? -6.209  4.944   -15.046 1.00 59.33 ? 78  GLN A NE2 1 
ATOM   189  N N   . PHE A 1 39  ? -6.448  4.825   -9.534  1.00 16.56 ? 79  PHE A N   1 
ATOM   190  C CA  . PHE A 1 39  ? -7.001  3.773   -8.649  1.00 15.39 ? 79  PHE A CA  1 
ATOM   191  C C   . PHE A 1 39  ? -6.507  3.922   -7.224  1.00 18.58 ? 79  PHE A C   1 
ATOM   192  O O   . PHE A 1 39  ? -6.824  3.081   -6.381  1.00 16.12 ? 79  PHE A O   1 
ATOM   193  C CB  . PHE A 1 39  ? -6.559  2.380   -9.142  1.00 16.27 ? 79  PHE A CB  1 
ATOM   194  C CG  . PHE A 1 39  ? -7.118  1.912   -10.468 1.00 17.29 ? 79  PHE A CG  1 
ATOM   195  C CD1 . PHE A 1 39  ? -8.200  2.562   -11.059 1.00 21.31 ? 79  PHE A CD1 1 
ATOM   196  C CD2 . PHE A 1 39  ? -6.580  0.806   -11.111 1.00 21.24 ? 79  PHE A CD2 1 
ATOM   197  C CE1 . PHE A 1 39  ? -8.729  2.108   -12.280 1.00 22.94 ? 79  PHE A CE1 1 
ATOM   198  C CE2 . PHE A 1 39  ? -7.101  0.366   -12.334 1.00 24.38 ? 79  PHE A CE2 1 
ATOM   199  C CZ  . PHE A 1 39  ? -8.161  1.025   -12.909 1.00 23.26 ? 79  PHE A CZ  1 
ATOM   200  N N   . ALA A 1 40  ? -5.703  4.980   -6.945  1.00 14.73 ? 80  ALA A N   1 
ATOM   201  C CA  . ALA A 1 40  ? -5.119  5.085   -5.624  1.00 13.58 ? 80  ALA A CA  1 
ATOM   202  C C   . ALA A 1 40  ? -6.056  5.422   -4.477  1.00 14.84 ? 80  ALA A C   1 
ATOM   203  O O   . ALA A 1 40  ? -5.811  4.972   -3.357  1.00 13.47 ? 80  ALA A O   1 
ATOM   204  C CB  . ALA A 1 40  ? -3.981  6.098   -5.618  1.00 13.76 ? 80  ALA A CB  1 
ATOM   205  N N   . TRP A 1 41  ? -7.115  6.222   -4.719  1.00 16.07 ? 81  TRP A N   1 
ATOM   206  C CA  . TRP A 1 41  ? -7.889  6.795   -3.634  1.00 15.20 ? 81  TRP A CA  1 
ATOM   207  C C   . TRP A 1 41  ? -8.428  5.779   -2.596  1.00 15.75 ? 81  TRP A C   1 
ATOM   208  O O   . TRP A 1 41  ? -8.310  6.107   -1.422  1.00 16.21 ? 81  TRP A O   1 
ATOM   209  C CB  . TRP A 1 41  ? -9.000  7.757   -4.102  1.00 16.13 ? 81  TRP A CB  1 
ATOM   210  C CG  . TRP A 1 41  ? -10.128 7.090   -4.811  1.00 17.08 ? 81  TRP A CG  1 
ATOM   211  C CD1 . TRP A 1 41  ? -10.225 6.844   -6.145  1.00 19.95 ? 81  TRP A CD1 1 
ATOM   212  C CD2 . TRP A 1 41  ? -11.313 6.542   -4.210  1.00 17.32 ? 81  TRP A CD2 1 
ATOM   213  N NE1 . TRP A 1 41  ? -11.398 6.169   -6.421  1.00 19.57 ? 81  TRP A NE1 1 
ATOM   214  C CE2 . TRP A 1 41  ? -12.070 5.946   -5.247  1.00 20.89 ? 81  TRP A CE2 1 
ATOM   215  C CE3 . TRP A 1 41  ? -11.773 6.430   -2.887  1.00 18.95 ? 81  TRP A CE3 1 
ATOM   216  C CZ2 . TRP A 1 41  ? -13.264 5.252   -4.998  1.00 20.40 ? 81  TRP A CZ2 1 
ATOM   217  C CZ3 . TRP A 1 41  ? -12.977 5.787   -2.649  1.00 20.68 ? 81  TRP A CZ3 1 
ATOM   218  C CH2 . TRP A 1 41  ? -13.712 5.217   -3.696  1.00 21.00 ? 81  TRP A CH2 1 
ATOM   219  N N   . PRO A 1 42  ? -8.901  4.545   -2.909  1.00 12.53 ? 82  PRO A N   1 
ATOM   220  C CA  . PRO A 1 42  ? -9.383  3.665   -1.819  1.00 11.18 ? 82  PRO A CA  1 
ATOM   221  C C   . PRO A 1 42  ? -8.287  3.189   -0.875  1.00 13.73 ? 82  PRO A C   1 
ATOM   222  O O   . PRO A 1 42  ? -8.578  2.646   0.201   1.00 14.88 ? 82  PRO A O   1 
ATOM   223  C CB  . PRO A 1 42  ? -9.959  2.448   -2.562  1.00 13.46 ? 82  PRO A CB  1 
ATOM   224  C CG  . PRO A 1 42  ? -10.327 2.979   -3.931  1.00 18.27 ? 82  PRO A CG  1 
ATOM   225  C CD  . PRO A 1 42  ? -9.174  3.928   -4.232  1.00 14.94 ? 82  PRO A CD  1 
ATOM   226  N N   . PHE A 1 43  ? -7.025  3.359   -1.330  1.00 11.69 ? 83  PHE A N   1 
ATOM   227  C CA  . PHE A 1 43  ? -5.824  2.892   -0.640  1.00 11.99 ? 83  PHE A CA  1 
ATOM   228  C C   . PHE A 1 43  ? -5.076  4.015   0.055   1.00 14.03 ? 83  PHE A C   1 
ATOM   229  O O   . PHE A 1 43  ? -4.047  3.743   0.658   1.00 13.89 ? 83  PHE A O   1 
ATOM   230  C CB  . PHE A 1 43  ? -4.848  2.225   -1.636  1.00 13.12 ? 83  PHE A CB  1 
ATOM   231  C CG  . PHE A 1 43  ? -5.464  1.062   -2.395  1.00 13.47 ? 83  PHE A CG  1 
ATOM   232  C CD1 . PHE A 1 43  ? -6.181  1.279   -3.561  1.00 16.07 ? 83  PHE A CD1 1 
ATOM   233  C CD2 . PHE A 1 43  ? -5.303  -0.250  -1.950  1.00 14.12 ? 83  PHE A CD2 1 
ATOM   234  C CE1 . PHE A 1 43  ? -6.774  0.209   -4.258  1.00 16.08 ? 83  PHE A CE1 1 
ATOM   235  C CE2 . PHE A 1 43  ? -5.849  -1.319  -2.672  1.00 18.13 ? 83  PHE A CE2 1 
ATOM   236  C CZ  . PHE A 1 43  ? -6.611  -1.073  -3.800  1.00 16.39 ? 83  PHE A CZ  1 
ATOM   237  N N   . GLN A 1 44  ? -5.622  5.246   0.014   1.00 12.79 ? 84  GLN A N   1 
ATOM   238  C CA  . GLN A 1 44  ? -4.950  6.420   0.577   1.00 12.42 ? 84  GLN A CA  1 
ATOM   239  C C   . GLN A 1 44  ? -5.168  6.620   2.055   1.00 16.25 ? 84  GLN A C   1 
ATOM   240  O O   . GLN A 1 44  ? -4.590  7.539   2.648   1.00 16.29 ? 84  GLN A O   1 
ATOM   241  C CB  . GLN A 1 44  ? -5.337  7.668   -0.214  1.00 12.56 ? 84  GLN A CB  1 
ATOM   242  C CG  . GLN A 1 44  ? -4.610  7.776   -1.541  1.00 12.75 ? 84  GLN A CG  1 
ATOM   243  C CD  . GLN A 1 44  ? -5.125  8.871   -2.426  1.00 14.93 ? 84  GLN A CD  1 
ATOM   244  O OE1 . GLN A 1 44  ? -6.156  9.467   -2.153  1.00 19.50 ? 84  GLN A OE1 1 
ATOM   245  N NE2 . GLN A 1 44  ? -4.453  9.103   -3.517  1.00 16.82 ? 84  GLN A NE2 1 
ATOM   246  N N   . GLN A 1 45  ? -5.948  5.755   2.685   1.00 15.04 ? 85  GLN A N   1 
ATOM   247  C CA  . GLN A 1 45  ? -6.309  5.814   4.085   1.00 14.12 ? 85  GLN A CA  1 
ATOM   248  C C   . GLN A 1 45  ? -6.780  4.454   4.509   1.00 17.49 ? 85  GLN A C   1 
ATOM   249  O O   . GLN A 1 45  ? -7.132  3.618   3.649   1.00 17.59 ? 85  GLN A O   1 
ATOM   250  C CB  . GLN A 1 45  ? -7.400  6.889   4.342   1.00 15.80 ? 85  GLN A CB  1 
ATOM   251  C CG  . GLN A 1 45  ? -8.739  6.703   3.591   1.00 17.05 ? 85  GLN A CG  1 
ATOM   252  C CD  . GLN A 1 45  ? -8.668  7.035   2.138   1.00 15.65 ? 85  GLN A CD  1 
ATOM   253  O OE1 . GLN A 1 45  ? -8.150  8.067   1.727   1.00 21.44 ? 85  GLN A OE1 1 
ATOM   254  N NE2 . GLN A 1 45  ? -9.096  6.079   1.312   1.00 17.11 ? 85  GLN A NE2 1 
ATOM   255  N N   . PRO A 1 46  ? -6.827  4.171   5.817   1.00 14.85 ? 86  PRO A N   1 
ATOM   256  C CA  . PRO A 1 46  ? -7.295  2.853   6.239   1.00 16.45 ? 86  PRO A CA  1 
ATOM   257  C C   . PRO A 1 46  ? -8.700  2.532   5.711   1.00 20.42 ? 86  PRO A C   1 
ATOM   258  O O   . PRO A 1 46  ? -9.523  3.434   5.501   1.00 20.62 ? 86  PRO A O   1 
ATOM   259  C CB  . PRO A 1 46  ? -7.311  2.959   7.762   1.00 17.73 ? 86  PRO A CB  1 
ATOM   260  C CG  . PRO A 1 46  ? -6.288  4.059   8.063   1.00 19.39 ? 86  PRO A CG  1 
ATOM   261  C CD  . PRO A 1 46  ? -6.431  5.023   6.967   1.00 16.23 ? 86  PRO A CD  1 
ATOM   262  N N   . VAL A 1 47  ? -8.953  1.242   5.484   1.00 18.71 ? 87  VAL A N   1 
ATOM   263  C CA  . VAL A 1 47  ? -10.277 0.733   5.114   1.00 17.75 ? 87  VAL A CA  1 
ATOM   264  C C   . VAL A 1 47  ? -11.189 1.068   6.322   1.00 22.23 ? 87  VAL A C   1 
ATOM   265  O O   . VAL A 1 47  ? -10.919 0.608   7.429   1.00 21.28 ? 87  VAL A O   1 
ATOM   266  C CB  . VAL A 1 47  ? -10.222 -0.802  4.900   1.00 20.05 ? 87  VAL A CB  1 
ATOM   267  C CG1 . VAL A 1 47  ? -11.630 -1.377  4.716   1.00 21.32 ? 87  VAL A CG1 1 
ATOM   268  C CG2 . VAL A 1 47  ? -9.324  -1.165  3.720   1.00 18.92 ? 87  VAL A CG2 1 
ATOM   269  N N   . ASP A 1 48  ? -12.241 1.874   6.119   1.00 19.97 ? 88  ASP A N   1 
ATOM   270  C CA  . ASP A 1 48  ? -13.149 2.223   7.218   1.00 20.21 ? 88  ASP A CA  1 
ATOM   271  C C   . ASP A 1 48  ? -14.307 1.223   7.117   1.00 23.14 ? 88  ASP A C   1 
ATOM   272  O O   . ASP A 1 48  ? -15.331 1.501   6.501   1.00 21.64 ? 88  ASP A O   1 
ATOM   273  C CB  . ASP A 1 48  ? -13.640 3.674   7.058   1.00 21.89 ? 88  ASP A CB  1 
ATOM   274  C CG  . ASP A 1 48  ? -14.433 4.196   8.242   1.00 28.56 ? 88  ASP A CG  1 
ATOM   275  O OD1 . ASP A 1 48  ? -14.945 3.373   9.019   1.00 28.80 ? 88  ASP A OD1 1 
ATOM   276  O OD2 . ASP A 1 48  ? -14.650 5.420   8.314   1.00 32.81 ? 88  ASP A OD2 1 
ATOM   277  N N   . ALA A 1 49  ? -14.106 0.044   7.702   1.00 23.03 ? 89  ALA A N   1 
ATOM   278  C CA  . ALA A 1 49  ? -15.006 -1.102  7.622   1.00 24.58 ? 89  ALA A CA  1 
ATOM   279  C C   . ALA A 1 49  ? -16.374 -0.873  8.242   1.00 29.59 ? 89  ALA A C   1 
ATOM   280  O O   . ALA A 1 49  ? -17.343 -1.416  7.723   1.00 27.50 ? 89  ALA A O   1 
ATOM   281  C CB  . ALA A 1 49  ? -14.344 -2.329  8.212   1.00 26.31 ? 89  ALA A CB  1 
ATOM   282  N N   . VAL A 1 50  ? -16.472 -0.071  9.317   1.00 28.32 ? 90  VAL A N   1 
ATOM   283  C CA  . VAL A 1 50  ? -17.771 0.230   9.933   1.00 28.88 ? 90  VAL A CA  1 
ATOM   284  C C   . VAL A 1 50  ? -18.598 1.131   8.985   1.00 33.07 ? 90  VAL A C   1 
ATOM   285  O O   . VAL A 1 50  ? -19.752 0.803   8.686   1.00 31.74 ? 90  VAL A O   1 
ATOM   286  C CB  . VAL A 1 50  ? -17.630 0.776   11.378  1.00 33.05 ? 90  VAL A CB  1 
ATOM   287  C CG1 . VAL A 1 50  ? -18.983 1.203   11.941  1.00 31.95 ? 90  VAL A CG1 1 
ATOM   288  C CG2 . VAL A 1 50  ? -16.985 -0.274  12.290  1.00 33.23 ? 90  VAL A CG2 1 
ATOM   289  N N   . LYS A 1 51  ? -17.976 2.195   8.440   1.00 30.70 ? 91  LYS A N   1 
ATOM   290  C CA  . LYS A 1 51  ? -18.603 3.105   7.470   1.00 30.28 ? 91  LYS A CA  1 
ATOM   291  C C   . LYS A 1 51  ? -18.919 2.398   6.121   1.00 31.70 ? 91  LYS A C   1 
ATOM   292  O O   . LYS A 1 51  ? -19.910 2.729   5.467   1.00 32.75 ? 91  LYS A O   1 
ATOM   293  C CB  . LYS A 1 51  ? -17.736 4.364   7.259   1.00 33.06 ? 91  LYS A CB  1 
ATOM   294  C CG  . LYS A 1 51  ? -18.479 5.535   6.618   1.00 50.19 ? 91  LYS A CG  1 
ATOM   295  C CD  . LYS A 1 51  ? -17.528 6.638   6.178   1.00 64.48 ? 91  LYS A CD  1 
ATOM   296  C CE  . LYS A 1 51  ? -18.212 7.643   5.283   1.00 78.92 ? 91  LYS A CE  1 
ATOM   297  N NZ  . LYS A 1 51  ? -17.231 8.486   4.551   1.00 89.00 ? 91  LYS A NZ  1 
ATOM   298  N N   . LEU A 1 52  ? -18.100 1.419   5.723   1.00 23.84 ? 92  LEU A N   1 
ATOM   299  C CA  . LEU A 1 52  ? -18.298 0.643   4.498   1.00 22.04 ? 92  LEU A CA  1 
ATOM   300  C C   . LEU A 1 52  ? -19.172 -0.594  4.699   1.00 25.63 ? 92  LEU A C   1 
ATOM   301  O O   . LEU A 1 52  ? -19.312 -1.415  3.777   1.00 24.28 ? 92  LEU A O   1 
ATOM   302  C CB  . LEU A 1 52  ? -16.956 0.214   3.893   1.00 22.02 ? 92  LEU A CB  1 
ATOM   303  C CG  . LEU A 1 52  ? -16.142 1.282   3.173   1.00 26.65 ? 92  LEU A CG  1 
ATOM   304  C CD1 . LEU A 1 52  ? -14.726 0.776   2.946   1.00 26.98 ? 92  LEU A CD1 1 
ATOM   305  C CD2 . LEU A 1 52  ? -16.796 1.661   1.840   1.00 29.05 ? 92  LEU A CD2 1 
ATOM   306  N N   . ASN A 1 53  ? -19.756 -0.736  5.919   1.00 23.27 ? 93  ASN A N   1 
ATOM   307  C CA  A ASN A 1 53  ? -20.611 -1.875  6.260   0.50 23.37 ? 93  ASN A CA  1 
ATOM   308  C CA  B ASN A 1 53  ? -20.606 -1.876  6.270   0.50 23.48 ? 93  ASN A CA  1 
ATOM   309  C C   . ASN A 1 53  ? -19.909 -3.221  5.950   1.00 26.72 ? 93  ASN A C   1 
ATOM   310  O O   . ASN A 1 53  ? -20.445 -4.085  5.264   1.00 26.95 ? 93  ASN A O   1 
ATOM   311  C CB  A ASN A 1 53  ? -22.011 -1.738  5.597   0.50 23.53 ? 93  ASN A CB  1 
ATOM   312  C CB  B ASN A 1 53  ? -22.012 -1.735  5.635   0.50 24.49 ? 93  ASN A CB  1 
ATOM   313  C CG  A ASN A 1 53  ? -23.022 -2.756  6.067   0.50 40.21 ? 93  ASN A CG  1 
ATOM   314  C CG  B ASN A 1 53  ? -22.702 -0.441  5.996   0.50 44.21 ? 93  ASN A CG  1 
ATOM   315  O OD1 A ASN A 1 53  ? -23.137 -3.053  7.260   0.50 33.92 ? 93  ASN A OD1 1 
ATOM   316  O OD1 B ASN A 1 53  ? -22.877 -0.101  7.173   0.50 35.86 ? 93  ASN A OD1 1 
ATOM   317  N ND2 A ASN A 1 53  ? -23.737 -3.352  5.125   0.50 28.23 ? 93  ASN A ND2 1 
ATOM   318  N ND2 B ASN A 1 53  ? -23.081 0.333   4.990   0.50 40.80 ? 93  ASN A ND2 1 
ATOM   319  N N   . LEU A 1 54  ? -18.676 -3.388  6.463   1.00 22.04 ? 94  LEU A N   1 
ATOM   320  C CA  . LEU A 1 54  ? -17.867 -4.596  6.320   1.00 22.58 ? 94  LEU A CA  1 
ATOM   321  C C   . LEU A 1 54  ? -17.542 -5.037  7.750   1.00 26.28 ? 94  LEU A C   1 
ATOM   322  O O   . LEU A 1 54  ? -16.404 -4.890  8.191   1.00 22.50 ? 94  LEU A O   1 
ATOM   323  C CB  . LEU A 1 54  ? -16.574 -4.337  5.512   1.00 22.42 ? 94  LEU A CB  1 
ATOM   324  C CG  . LEU A 1 54  ? -16.750 -3.663  4.147   1.00 27.00 ? 94  LEU A CG  1 
ATOM   325  C CD1 . LEU A 1 54  ? -15.424 -3.269  3.595   1.00 27.16 ? 94  LEU A CD1 1 
ATOM   326  C CD2 . LEU A 1 54  ? -17.563 -4.538  3.161   1.00 28.12 ? 94  LEU A CD2 1 
ATOM   327  N N   . PRO A 1 55  ? -18.543 -5.561  8.513   1.00 26.30 ? 95  PRO A N   1 
ATOM   328  C CA  . PRO A 1 55  ? -18.288 -5.895  9.928   1.00 26.27 ? 95  PRO A CA  1 
ATOM   329  C C   . PRO A 1 55  ? -17.313 -7.043  10.203  1.00 25.43 ? 95  PRO A C   1 
ATOM   330  O O   . PRO A 1 55  ? -16.863 -7.153  11.340  1.00 23.78 ? 95  PRO A O   1 
ATOM   331  C CB  . PRO A 1 55  ? -19.687 -6.195  10.476  1.00 28.67 ? 95  PRO A CB  1 
ATOM   332  C CG  . PRO A 1 55  ? -20.459 -6.650  9.302   1.00 33.03 ? 95  PRO A CG  1 
ATOM   333  C CD  . PRO A 1 55  ? -19.956 -5.829  8.152   1.00 29.05 ? 95  PRO A CD  1 
ATOM   334  N N   . ASP A 1 56  ? -16.979 -7.875  9.204   1.00 22.39 ? 96  ASP A N   1 
ATOM   335  C CA  . ASP A 1 56  ? -16.041 -8.986  9.373   1.00 22.64 ? 96  ASP A CA  1 
ATOM   336  C C   . ASP A 1 56  ? -14.608 -8.609  8.939   1.00 24.12 ? 96  ASP A C   1 
ATOM   337  O O   . ASP A 1 56  ? -13.690 -9.435  9.024   1.00 24.07 ? 96  ASP A O   1 
ATOM   338  C CB  . ASP A 1 56  ? -16.527 -10.219 8.601   1.00 26.02 ? 96  ASP A CB  1 
ATOM   339  C CG  . ASP A 1 56  ? -16.613 -10.043 7.104   1.00 35.05 ? 96  ASP A CG  1 
ATOM   340  O OD1 . ASP A 1 56  ? -16.710 -8.888  6.647   1.00 33.08 ? 96  ASP A OD1 1 
ATOM   341  O OD2 . ASP A 1 56  ? -16.648 -11.061 6.391   1.00 46.86 ? 96  ASP A OD2 1 
ATOM   342  N N   . TYR A 1 57  ? -14.424 -7.366  8.448   1.00 21.88 ? 97  TYR A N   1 
ATOM   343  C CA  . TYR A 1 57  ? -13.114 -6.968  7.937   1.00 19.24 ? 97  TYR A CA  1 
ATOM   344  C C   . TYR A 1 57  ? -11.972 -7.226  8.904   1.00 19.31 ? 97  TYR A C   1 
ATOM   345  O O   . TYR A 1 57  ? -10.987 -7.827  8.519   1.00 17.77 ? 97  TYR A O   1 
ATOM   346  C CB  . TYR A 1 57  ? -13.111 -5.503  7.468   1.00 19.50 ? 97  TYR A CB  1 
ATOM   347  C CG  . TYR A 1 57  ? -11.815 -5.123  6.774   1.00 17.07 ? 97  TYR A CG  1 
ATOM   348  C CD1 . TYR A 1 57  ? -11.592 -5.450  5.435   1.00 17.77 ? 97  TYR A CD1 1 
ATOM   349  C CD2 . TYR A 1 57  ? -10.779 -4.502  7.475   1.00 17.20 ? 97  TYR A CD2 1 
ATOM   350  C CE1 . TYR A 1 57  ? -10.382 -5.172  4.817   1.00 17.38 ? 97  TYR A CE1 1 
ATOM   351  C CE2 . TYR A 1 57  ? -9.561  -4.221  6.863   1.00 17.03 ? 97  TYR A CE2 1 
ATOM   352  C CZ  . TYR A 1 57  ? -9.386  -4.515  5.522   1.00 19.39 ? 97  TYR A CZ  1 
ATOM   353  O OH  . TYR A 1 57  ? -8.180  -4.293  4.937   1.00 16.93 ? 97  TYR A OH  1 
ATOM   354  N N   . TYR A 1 58  ? -12.117 -6.785  10.168  1.00 16.67 ? 98  TYR A N   1 
ATOM   355  C CA  . TYR A 1 58  ? -11.041 -6.914  11.149  1.00 17.70 ? 98  TYR A CA  1 
ATOM   356  C C   . TYR A 1 58  ? -10.910 -8.337  11.733  1.00 23.96 ? 98  TYR A C   1 
ATOM   357  O O   . TYR A 1 58  ? -9.929  -8.628  12.415  1.00 23.63 ? 98  TYR A O   1 
ATOM   358  C CB  . TYR A 1 58  ? -11.157 -5.849  12.241  1.00 19.37 ? 98  TYR A CB  1 
ATOM   359  C CG  . TYR A 1 58  ? -11.160 -4.428  11.709  1.00 22.19 ? 98  TYR A CG  1 
ATOM   360  C CD1 . TYR A 1 58  ? -10.015 -3.868  11.151  1.00 23.90 ? 98  TYR A CD1 1 
ATOM   361  C CD2 . TYR A 1 58  ? -12.323 -3.661  11.726  1.00 23.90 ? 98  TYR A CD2 1 
ATOM   362  C CE1 . TYR A 1 58  ? -10.021 -2.568  10.641  1.00 23.09 ? 98  TYR A CE1 1 
ATOM   363  C CE2 . TYR A 1 58  ? -12.334 -2.350  11.252  1.00 25.61 ? 98  TYR A CE2 1 
ATOM   364  C CZ  . TYR A 1 58  ? -11.186 -1.816  10.690  1.00 32.70 ? 98  TYR A CZ  1 
ATOM   365  O OH  . TYR A 1 58  ? -11.224 -0.533  10.188  1.00 35.10 ? 98  TYR A OH  1 
ATOM   366  N N   . LYS A 1 59  ? -11.865 -9.212  11.411  1.00 22.86 ? 99  LYS A N   1 
ATOM   367  C CA  . LYS A 1 59  ? -11.826 -10.622 11.776  1.00 24.20 ? 99  LYS A CA  1 
ATOM   368  C C   . LYS A 1 59  ? -10.873 -11.295 10.789  1.00 27.72 ? 99  LYS A C   1 
ATOM   369  O O   . LYS A 1 59  ? -9.987  -12.043 11.195  1.00 30.56 ? 99  LYS A O   1 
ATOM   370  C CB  . LYS A 1 59  ? -13.240 -11.238 11.713  1.00 26.56 ? 99  LYS A CB  1 
ATOM   371  C CG  . LYS A 1 59  ? -13.320 -12.716 12.112  1.00 31.38 ? 99  LYS A CG  1 
ATOM   372  C CD  . LYS A 1 59  ? -14.687 -13.071 12.684  1.00 41.93 ? 99  LYS A CD  1 
ATOM   373  C CE  . LYS A 1 59  ? -15.654 -13.641 11.675  1.00 57.91 ? 99  LYS A CE  1 
ATOM   374  N NZ  . LYS A 1 59  ? -16.874 -14.175 12.337  1.00 67.47 ? 99  LYS A NZ  1 
ATOM   375  N N   . ILE A 1 60  ? -11.000 -10.942 9.490   1.00 21.74 ? 100 ILE A N   1 
ATOM   376  C CA  . ILE A 1 60  ? -10.188 -11.534 8.430   1.00 20.93 ? 100 ILE A CA  1 
ATOM   377  C C   . ILE A 1 60  ? -8.797  -10.870 8.272   1.00 22.21 ? 100 ILE A C   1 
ATOM   378  O O   . ILE A 1 60  ? -7.803  -11.551 8.004   1.00 20.76 ? 100 ILE A O   1 
ATOM   379  C CB  . ILE A 1 60  ? -11.037 -11.486 7.135   1.00 24.20 ? 100 ILE A CB  1 
ATOM   380  C CG1 . ILE A 1 60  ? -12.315 -12.363 7.314   1.00 25.26 ? 100 ILE A CG1 1 
ATOM   381  C CG2 . ILE A 1 60  ? -10.231 -11.933 5.909   1.00 23.58 ? 100 ILE A CG2 1 
ATOM   382  C CD1 . ILE A 1 60  ? -13.510 -11.919 6.553   1.00 34.05 ? 100 ILE A CD1 1 
ATOM   383  N N   . ILE A 1 61  ? -8.741  -9.540  8.432   1.00 18.96 ? 101 ILE A N   1 
ATOM   384  C CA  . ILE A 1 61  ? -7.518  -8.762  8.260   1.00 17.80 ? 101 ILE A CA  1 
ATOM   385  C C   . ILE A 1 61  ? -6.931  -8.392  9.606   1.00 21.29 ? 101 ILE A C   1 
ATOM   386  O O   . ILE A 1 61  ? -7.404  -7.461  10.262  1.00 21.40 ? 101 ILE A O   1 
ATOM   387  C CB  . ILE A 1 61  ? -7.745  -7.541  7.296   1.00 19.45 ? 101 ILE A CB  1 
ATOM   388  C CG1 . ILE A 1 61  ? -8.133  -8.008  5.875   1.00 17.62 ? 101 ILE A CG1 1 
ATOM   389  C CG2 . ILE A 1 61  ? -6.553  -6.560  7.266   1.00 20.17 ? 101 ILE A CG2 1 
ATOM   390  C CD1 . ILE A 1 61  ? -7.256  -8.960  5.185   1.00 17.34 ? 101 ILE A CD1 1 
ATOM   391  N N   . LYS A 1 62  ? -5.870  -9.118  9.968   1.00 19.62 ? 102 LYS A N   1 
ATOM   392  C CA  . LYS A 1 62  ? -5.154  -8.999  11.237  1.00 19.65 ? 102 LYS A CA  1 
ATOM   393  C C   . LYS A 1 62  ? -4.250  -7.776  11.282  1.00 20.74 ? 102 LYS A C   1 
ATOM   394  O O   . LYS A 1 62  ? -4.096  -7.184  12.353  1.00 20.69 ? 102 LYS A O   1 
ATOM   395  C CB  . LYS A 1 62  ? -4.322  -10.278 11.530  1.00 23.22 ? 102 LYS A CB  1 
ATOM   396  C CG  . LYS A 1 62  ? -5.105  -11.599 11.446  1.00 29.80 ? 102 LYS A CG  1 
ATOM   397  C CD  . LYS A 1 62  ? -6.029  -11.823 12.618  1.00 38.28 ? 102 LYS A CD  1 
ATOM   398  C CE  . LYS A 1 62  ? -6.866  -13.062 12.448  1.00 38.84 ? 102 LYS A CE  1 
ATOM   399  N NZ  . LYS A 1 62  ? -8.168  -12.926 13.156  1.00 38.16 ? 102 LYS A NZ  1 
ATOM   400  N N   . THR A 1 63  ? -3.596  -7.432  10.147  1.00 17.38 ? 103 THR A N   1 
ATOM   401  C CA  . THR A 1 63  ? -2.651  -6.317  10.095  1.00 16.74 ? 103 THR A CA  1 
ATOM   402  C C   . THR A 1 63  ? -3.089  -5.356  8.995   1.00 17.96 ? 103 THR A C   1 
ATOM   403  O O   . THR A 1 63  ? -2.538  -5.422  7.880   1.00 19.78 ? 103 THR A O   1 
ATOM   404  C CB  . THR A 1 63  ? -1.219  -6.834  9.891   1.00 23.36 ? 103 THR A CB  1 
ATOM   405  O OG1 . THR A 1 63  ? -0.956  -7.862  10.855  1.00 23.62 ? 103 THR A OG1 1 
ATOM   406  C CG2 . THR A 1 63  ? -0.174  -5.726  10.023  1.00 21.11 ? 103 THR A CG2 1 
ATOM   407  N N   . PRO A 1 64  ? -4.059  -4.469  9.251   1.00 16.23 ? 104 PRO A N   1 
ATOM   408  C CA  . PRO A 1 64  ? -4.441  -3.506  8.201   1.00 14.95 ? 104 PRO A CA  1 
ATOM   409  C C   . PRO A 1 64  ? -3.277  -2.609  7.783   1.00 16.12 ? 104 PRO A C   1 
ATOM   410  O O   . PRO A 1 64  ? -2.346  -2.341  8.551   1.00 16.61 ? 104 PRO A O   1 
ATOM   411  C CB  . PRO A 1 64  ? -5.595  -2.705  8.823   1.00 16.94 ? 104 PRO A CB  1 
ATOM   412  C CG  . PRO A 1 64  ? -6.058  -3.505  10.009  1.00 22.19 ? 104 PRO A CG  1 
ATOM   413  C CD  . PRO A 1 64  ? -4.809  -4.211  10.503  1.00 17.92 ? 104 PRO A CD  1 
ATOM   414  N N   . MET A 1 65  ? -3.264  -2.238  6.513   1.00 12.52 ? 105 MET A N   1 
ATOM   415  C CA  . MET A 1 65  ? -2.237  -1.361  5.979   1.00 11.57 ? 105 MET A CA  1 
ATOM   416  C C   . MET A 1 65  ? -2.803  -0.585  4.819   1.00 13.33 ? 105 MET A C   1 
ATOM   417  O O   . MET A 1 65  ? -3.680  -1.068  4.082   1.00 14.38 ? 105 MET A O   1 
ATOM   418  C CB  . MET A 1 65  ? -0.961  -2.137  5.603   1.00 12.18 ? 105 MET A CB  1 
ATOM   419  C CG  . MET A 1 65  ? 0.267   -1.260  5.333   1.00 12.84 ? 105 MET A CG  1 
ATOM   420  S SD  . MET A 1 65  ? 0.640   0.070   6.540   1.00 14.48 ? 105 MET A SD  1 
ATOM   421  C CE  . MET A 1 65  ? 0.729   -0.888  8.087   1.00 15.27 ? 105 MET A CE  1 
ATOM   422  N N   . ASP A 1 66  ? -2.299  0.657   4.643   1.00 11.04 ? 106 ASP A N   1 
ATOM   423  C CA  . ASP A 1 66  ? -2.732  1.562   3.593   1.00 10.22 ? 106 ASP A CA  1 
ATOM   424  C C   . ASP A 1 66  ? -1.620  2.560   3.272   1.00 11.04 ? 106 ASP A C   1 
ATOM   425  O O   . ASP A 1 66  ? -0.679  2.709   4.094   1.00 10.74 ? 106 ASP A O   1 
ATOM   426  C CB  . ASP A 1 66  ? -4.023  2.287   4.006   1.00 12.26 ? 106 ASP A CB  1 
ATOM   427  C CG  . ASP A 1 66  ? -3.744  3.231   5.164   1.00 11.68 ? 106 ASP A CG  1 
ATOM   428  O OD1 . ASP A 1 66  ? -3.643  2.738   6.292   1.00 13.29 ? 106 ASP A OD1 1 
ATOM   429  O OD2 . ASP A 1 66  ? -3.511  4.445   4.892   1.00 13.53 ? 106 ASP A OD2 1 
ATOM   430  N N   . MET A 1 67  ? -1.756  3.309   2.138   1.00 10.34 ? 107 MET A N   1 
ATOM   431  C CA  . MET A 1 67  ? -0.721  4.268   1.737   1.00 11.19 ? 107 MET A CA  1 
ATOM   432  C C   . MET A 1 67  ? -0.632  5.503   2.635   1.00 13.62 ? 107 MET A C   1 
ATOM   433  O O   . MET A 1 67  ? 0.450   6.068   2.722   1.00 12.38 ? 107 MET A O   1 
ATOM   434  C CB  . MET A 1 67  ? -0.810  4.674   0.267   1.00 12.75 ? 107 MET A CB  1 
ATOM   435  C CG  . MET A 1 67  ? -0.636  3.492   -0.674  1.00 13.42 ? 107 MET A CG  1 
ATOM   436  S SD  . MET A 1 67  ? -0.184  3.969   -2.352  1.00 17.23 ? 107 MET A SD  1 
ATOM   437  C CE  . MET A 1 67  ? -1.599  4.721   -2.733  1.00 12.35 ? 107 MET A CE  1 
ATOM   438  N N   . GLY A 1 68  ? -1.734  5.912   3.266   1.00 11.40 ? 108 GLY A N   1 
ATOM   439  C CA  . GLY A 1 68  ? -1.675  7.059   4.185   1.00 11.46 ? 108 GLY A CA  1 
ATOM   440  C C   . GLY A 1 68  ? -0.800  6.723   5.381   1.00 14.95 ? 108 GLY A C   1 
ATOM   441  O O   . GLY A 1 68  ? 0.042   7.537   5.797   1.00 13.86 ? 108 GLY A O   1 
ATOM   442  N N   . THR A 1 69  ? -0.954  5.477   5.907   1.00 10.55 ? 109 THR A N   1 
ATOM   443  C CA  . THR A 1 69  ? -0.146  4.981   7.018   1.00 10.25 ? 109 THR A CA  1 
ATOM   444  C C   . THR A 1 69  ? 1.321   4.839   6.587   1.00 12.30 ? 109 THR A C   1 
ATOM   445  O O   . THR A 1 69  ? 2.208   5.250   7.339   1.00 11.89 ? 109 THR A O   1 
ATOM   446  C CB  . THR A 1 69  ? -0.682  3.664   7.552   1.00 12.50 ? 109 THR A CB  1 
ATOM   447  O OG1 . THR A 1 69  ? -2.031  3.888   8.011   1.00 14.05 ? 109 THR A OG1 1 
ATOM   448  C CG2 . THR A 1 69  ? 0.183   3.092   8.676   1.00 13.59 ? 109 THR A CG2 1 
ATOM   449  N N   . ILE A 1 70  ? 1.567   4.301   5.370   1.00 10.01 ? 110 ILE A N   1 
ATOM   450  C CA  . ILE A 1 70  ? 2.955   4.154   4.896   1.00 10.40 ? 110 ILE A CA  1 
ATOM   451  C C   . ILE A 1 70  ? 3.589   5.548   4.764   1.00 12.80 ? 110 ILE A C   1 
ATOM   452  O O   . ILE A 1 70  ? 4.738   5.738   5.143   1.00 13.03 ? 110 ILE A O   1 
ATOM   453  C CB  . ILE A 1 70  ? 3.001   3.366   3.565   1.00 12.06 ? 110 ILE A CB  1 
ATOM   454  C CG1 . ILE A 1 70  ? 2.554   1.918   3.808   1.00 10.13 ? 110 ILE A CG1 1 
ATOM   455  C CG2 . ILE A 1 70  ? 4.427   3.427   2.929   1.00 11.76 ? 110 ILE A CG2 1 
ATOM   456  C CD1 . ILE A 1 70  ? 2.206   1.103   2.496   1.00 11.18 ? 110 ILE A CD1 1 
ATOM   457  N N   . LYS A 1 71  ? 2.835   6.518   4.221   1.00 10.42 ? 111 LYS A N   1 
ATOM   458  C CA  . LYS A 1 71  ? 3.363   7.873   4.067   1.00 10.54 ? 111 LYS A CA  1 
ATOM   459  C C   . LYS A 1 71  ? 3.766   8.452   5.444   1.00 11.98 ? 111 LYS A C   1 
ATOM   460  O O   . LYS A 1 71  ? 4.876   8.970   5.565   1.00 12.24 ? 111 LYS A O   1 
ATOM   461  C CB  . LYS A 1 71  ? 2.293   8.761   3.419   1.00 12.55 ? 111 LYS A CB  1 
ATOM   462  C CG  . LYS A 1 71  ? 2.778   10.200  3.121   1.00 15.89 ? 111 LYS A CG  1 
ATOM   463  C CD  . LYS A 1 71  ? 1.634   11.083  2.531   1.00 17.50 ? 111 LYS A CD  1 
ATOM   464  C CE  . LYS A 1 71  ? 2.092   12.533  2.308   1.00 17.79 ? 111 LYS A CE  1 
ATOM   465  N NZ  . LYS A 1 71  ? 1.907   13.362  3.523   1.00 21.41 ? 111 LYS A NZ  1 
ATOM   466  N N   . LYS A 1 72  ? 2.925   8.284   6.458   1.00 10.69 ? 112 LYS A N   1 
ATOM   467  C CA  . LYS A 1 72  ? 3.185   8.791   7.804   1.00 12.11 ? 112 LYS A CA  1 
ATOM   468  C C   . LYS A 1 72  ? 4.408   8.082   8.370   1.00 14.54 ? 112 LYS A C   1 
ATOM   469  O O   . LYS A 1 72  ? 5.273   8.741   8.942   1.00 15.81 ? 112 LYS A O   1 
ATOM   470  C CB  . LYS A 1 72  ? 1.958   8.584   8.715   1.00 15.38 ? 112 LYS A CB  1 
ATOM   471  C CG  . LYS A 1 72  ? 0.792   9.528   8.423   1.00 21.36 ? 112 LYS A CG  1 
ATOM   472  C CD  . LYS A 1 72  ? -0.416  9.198   9.305   1.00 27.46 ? 112 LYS A CD  1 
ATOM   473  C CE  . LYS A 1 72  ? -1.574  10.146  9.093   1.00 38.55 ? 112 LYS A CE  1 
ATOM   474  N NZ  . LYS A 1 72  ? -1.394  11.415  9.856   1.00 43.55 ? 112 LYS A NZ  1 
ATOM   475  N N   . ARG A 1 73  ? 4.516   6.760   8.187   1.00 10.88 ? 113 ARG A N   1 
ATOM   476  C CA  . ARG A 1 73  ? 5.689   6.028   8.703   1.00 11.20 ? 113 ARG A CA  1 
ATOM   477  C C   . ARG A 1 73  ? 6.973   6.485   8.017   1.00 15.09 ? 113 ARG A C   1 
ATOM   478  O O   . ARG A 1 73  ? 8.011   6.635   8.680   1.00 16.02 ? 113 ARG A O   1 
ATOM   479  C CB  . ARG A 1 73  ? 5.506   4.514   8.517   1.00 11.39 ? 113 ARG A CB  1 
ATOM   480  C CG  . ARG A 1 73  ? 4.516   3.924   9.501   1.00 11.72 ? 113 ARG A CG  1 
ATOM   481  C CD  . ARG A 1 73  ? 4.189   2.457   9.279   1.00 12.74 ? 113 ARG A CD  1 
ATOM   482  N NE  . ARG A 1 73  ? 3.388   1.959   10.404  1.00 15.14 ? 113 ARG A NE  1 
ATOM   483  C CZ  . ARG A 1 73  ? 3.174   0.674   10.661  1.00 18.88 ? 113 ARG A CZ  1 
ATOM   484  N NH1 . ARG A 1 73  ? 3.697   -0.265  9.880   1.00 14.72 ? 113 ARG A NH1 1 
ATOM   485  N NH2 . ARG A 1 73  ? 2.448   0.317   11.714  1.00 18.65 ? 113 ARG A NH2 1 
ATOM   486  N N   . LEU A 1 74  ? 6.929   6.727   6.699   1.00 13.08 ? 114 LEU A N   1 
ATOM   487  C CA  . LEU A 1 74  ? 8.116   7.251   6.008   1.00 12.57 ? 114 LEU A CA  1 
ATOM   488  C C   . LEU A 1 74  ? 8.508   8.632   6.545   1.00 16.33 ? 114 LEU A C   1 
ATOM   489  O O   . LEU A 1 74  ? 9.683   8.870   6.795   1.00 18.24 ? 114 LEU A O   1 
ATOM   490  C CB  . LEU A 1 74  ? 7.896   7.324   4.504   1.00 12.54 ? 114 LEU A CB  1 
ATOM   491  C CG  . LEU A 1 74  ? 7.950   5.973   3.801   1.00 13.17 ? 114 LEU A CG  1 
ATOM   492  C CD1 . LEU A 1 74  ? 7.327   6.047   2.411   1.00 14.05 ? 114 LEU A CD1 1 
ATOM   493  C CD2 . LEU A 1 74  ? 9.396   5.458   3.716   1.00 13.37 ? 114 LEU A CD2 1 
ATOM   494  N N   . GLU A 1 75  ? 7.535   9.494   6.779   1.00 13.91 ? 115 GLU A N   1 
ATOM   495  C CA  . GLU A 1 75  ? 7.759   10.854  7.299   1.00 16.19 ? 115 GLU A CA  1 
ATOM   496  C C   . GLU A 1 75  ? 8.240   10.903  8.712   1.00 20.76 ? 115 GLU A C   1 
ATOM   497  O O   . GLU A 1 75  ? 8.887   11.891  9.086   1.00 22.71 ? 115 GLU A O   1 
ATOM   498  C CB  . GLU A 1 75  ? 6.461   11.640  7.253   1.00 18.09 ? 115 GLU A CB  1 
ATOM   499  C CG  . GLU A 1 75  ? 6.001   11.903  5.866   1.00 24.22 ? 115 GLU A CG  1 
ATOM   500  C CD  . GLU A 1 75  ? 4.537   12.280  5.734   1.00 18.57 ? 115 GLU A CD  1 
ATOM   501  O OE1 . GLU A 1 75  ? 3.717   12.127  6.675   1.00 21.13 ? 115 GLU A OE1 1 
ATOM   502  O OE2 . GLU A 1 75  ? 4.242   12.748  4.624   1.00 19.34 ? 115 GLU A OE2 1 
ATOM   503  N N   . ASN A 1 76  ? 7.835   9.928   9.532   1.00 18.53 ? 116 ASN A N   1 
ATOM   504  C CA  . ASN A 1 76  ? 8.189   9.873   10.941  1.00 17.71 ? 116 ASN A CA  1 
ATOM   505  C C   . ASN A 1 76  ? 9.384   8.974   11.229  1.00 20.37 ? 116 ASN A C   1 
ATOM   506  O O   . ASN A 1 76  ? 9.694   8.727   12.404  1.00 21.53 ? 116 ASN A O   1 
ATOM   507  C CB  . ASN A 1 76  ? 6.966   9.495   11.775  1.00 22.72 ? 116 ASN A CB  1 
ATOM   508  C CG  . ASN A 1 76  ? 5.893   10.564  11.708  1.00 41.72 ? 116 ASN A CG  1 
ATOM   509  O OD1 . ASN A 1 76  ? 6.128   11.739  11.998  1.00 43.91 ? 116 ASN A OD1 1 
ATOM   510  N ND2 . ASN A 1 76  ? 4.703   10.191  11.290  1.00 33.26 ? 116 ASN A ND2 1 
ATOM   511  N N   . ASN A 1 77  ? 10.101  8.530   10.163  1.00 15.51 ? 117 ASN A N   1 
ATOM   512  C CA  . ASN A 1 77  ? 11.309  7.717   10.311  1.00 15.75 ? 117 ASN A CA  1 
ATOM   513  C C   . ASN A 1 77  ? 11.011  6.413   11.075  1.00 18.21 ? 117 ASN A C   1 
ATOM   514  O O   . ASN A 1 77  ? 11.848  5.899   11.828  1.00 17.15 ? 117 ASN A O   1 
ATOM   515  C CB  . ASN A 1 77  ? 12.447  8.579   10.931  1.00 19.53 ? 117 ASN A CB  1 
ATOM   516  C CG  . ASN A 1 77  ? 12.646  9.863   10.172  1.00 27.98 ? 117 ASN A CG  1 
ATOM   517  O OD1 . ASN A 1 77  ? 13.074  9.864   9.005   1.00 29.15 ? 117 ASN A OD1 1 
ATOM   518  N ND2 . ASN A 1 77  ? 12.282  10.979  10.784  1.00 28.84 ? 117 ASN A ND2 1 
ATOM   519  N N   . TYR A 1 78  ? 9.804   5.847   10.860  1.00 15.14 ? 118 TYR A N   1 
ATOM   520  C CA  . TYR A 1 78  ? 9.391   4.626   11.546  1.00 14.94 ? 118 TYR A CA  1 
ATOM   521  C C   . TYR A 1 78  ? 10.253  3.436   11.126  1.00 17.54 ? 118 TYR A C   1 
ATOM   522  O O   . TYR A 1 78  ? 10.601  2.608   11.942  1.00 17.17 ? 118 TYR A O   1 
ATOM   523  C CB  . TYR A 1 78  ? 7.897   4.358   11.232  1.00 15.59 ? 118 TYR A CB  1 
ATOM   524  C CG  . TYR A 1 78  ? 7.350   3.034   11.724  1.00 15.48 ? 118 TYR A CG  1 
ATOM   525  C CD1 . TYR A 1 78  ? 7.450   1.885   10.951  1.00 15.68 ? 118 TYR A CD1 1 
ATOM   526  C CD2 . TYR A 1 78  ? 6.684   2.943   12.947  1.00 15.99 ? 118 TYR A CD2 1 
ATOM   527  C CE1 . TYR A 1 78  ? 6.918   0.670   11.381  1.00 15.93 ? 118 TYR A CE1 1 
ATOM   528  C CE2 . TYR A 1 78  ? 6.136   1.740   13.382  1.00 17.68 ? 118 TYR A CE2 1 
ATOM   529  C CZ  . TYR A 1 78  ? 6.292   0.597   12.615  1.00 20.05 ? 118 TYR A CZ  1 
ATOM   530  O OH  . TYR A 1 78  ? 5.741   -0.585  13.036  1.00 24.76 ? 118 TYR A OH  1 
ATOM   531  N N   . TYR A 1 79  ? 10.558  3.331   9.839   1.00 15.28 ? 119 TYR A N   1 
ATOM   532  C CA  . TYR A 1 79  ? 11.248  2.172   9.294   1.00 14.71 ? 119 TYR A CA  1 
ATOM   533  C C   . TYR A 1 79  ? 12.733  2.161   9.532   1.00 19.88 ? 119 TYR A C   1 
ATOM   534  O O   . TYR A 1 79  ? 13.367  3.212   9.427   1.00 20.35 ? 119 TYR A O   1 
ATOM   535  C CB  . TYR A 1 79  ? 11.025  2.148   7.780   1.00 15.10 ? 119 TYR A CB  1 
ATOM   536  C CG  . TYR A 1 79  ? 9.565   2.037   7.413   1.00 12.77 ? 119 TYR A CG  1 
ATOM   537  C CD1 . TYR A 1 79  ? 8.842   0.874   7.686   1.00 12.70 ? 119 TYR A CD1 1 
ATOM   538  C CD2 . TYR A 1 79  ? 8.929   3.053   6.702   1.00 13.41 ? 119 TYR A CD2 1 
ATOM   539  C CE1 . TYR A 1 79  ? 7.498   0.760   7.327   1.00 12.63 ? 119 TYR A CE1 1 
ATOM   540  C CE2 . TYR A 1 79  ? 7.610   2.922   6.280   1.00 13.29 ? 119 TYR A CE2 1 
ATOM   541  C CZ  . TYR A 1 79  ? 6.893   1.777   6.595   1.00 16.96 ? 119 TYR A CZ  1 
ATOM   542  O OH  . TYR A 1 79  ? 5.579   1.665   6.207   1.00 17.28 ? 119 TYR A OH  1 
ATOM   543  N N   . TRP A 1 80  ? 13.270  0.949   9.789   1.00 16.88 ? 120 TRP A N   1 
ATOM   544  C CA  A TRP A 1 80  ? 14.694  0.612   10.000  0.50 16.57 ? 120 TRP A CA  1 
ATOM   545  C CA  B TRP A 1 80  ? 14.714  0.875   9.971   0.50 17.44 ? 120 TRP A CA  1 
ATOM   546  C C   . TRP A 1 80  ? 15.410  0.754   8.637   1.00 21.70 ? 120 TRP A C   1 
ATOM   547  O O   . TRP A 1 80  ? 16.576  1.179   8.530   1.00 22.52 ? 120 TRP A O   1 
ATOM   548  C CB  A TRP A 1 80  ? 14.815  -0.883  10.453  0.50 14.96 ? 120 TRP A CB  1 
ATOM   549  C CB  B TRP A 1 80  ? 15.114  -0.205  10.967  0.50 16.37 ? 120 TRP A CB  1 
ATOM   550  C CG  A TRP A 1 80  ? 14.430  -1.183  11.880  0.50 15.20 ? 120 TRP A CG  1 
ATOM   551  C CG  B TRP A 1 80  ? 14.761  0.137   12.381  0.50 17.42 ? 120 TRP A CG  1 
ATOM   552  C CD1 A TRP A 1 80  ? 13.339  -1.885  12.307  0.50 17.63 ? 120 TRP A CD1 1 
ATOM   553  C CD1 B TRP A 1 80  ? 13.639  0.781   12.816  0.50 20.37 ? 120 TRP A CD1 1 
ATOM   554  C CD2 A TRP A 1 80  ? 15.195  -0.880  13.055  0.50 14.75 ? 120 TRP A CD2 1 
ATOM   555  C CD2 B TRP A 1 80  ? 15.525  -0.174  13.549  0.50 17.39 ? 120 TRP A CD2 1 
ATOM   556  N NE1 A TRP A 1 80  ? 13.318  -1.941  13.683  0.50 16.62 ? 120 TRP A NE1 1 
ATOM   557  N NE1 B TRP A 1 80  ? 13.662  0.895   14.182  0.50 20.30 ? 120 TRP A NE1 1 
ATOM   558  C CE2 A TRP A 1 80  ? 14.462  -1.357  14.167  0.50 18.03 ? 120 TRP A CE2 1 
ATOM   559  C CE2 B TRP A 1 80  ? 14.790  0.285   14.663  0.50 21.63 ? 120 TRP A CE2 1 
ATOM   560  C CE3 A TRP A 1 80  ? 16.404  -0.198  13.285  0.50 15.09 ? 120 TRP A CE3 1 
ATOM   561  C CE3 B TRP A 1 80  ? 16.728  -0.867  13.770  0.50 18.93 ? 120 TRP A CE3 1 
ATOM   562  C CZ2 A TRP A 1 80  ? 14.910  -1.196  15.480  0.50 17.41 ? 120 TRP A CZ2 1 
ATOM   563  C CZ2 B TRP A 1 80  ? 15.245  0.127   15.978  0.50 20.70 ? 120 TRP A CZ2 1 
ATOM   564  C CZ3 A TRP A 1 80  ? 16.854  -0.052  14.588  0.50 15.96 ? 120 TRP A CZ3 1 
ATOM   565  C CZ3 B TRP A 1 80  ? 17.188  -1.000  15.070  0.50 20.40 ? 120 TRP A CZ3 1 
ATOM   566  C CH2 A TRP A 1 80  ? 16.116  -0.556  15.667  0.50 16.47 ? 120 TRP A CH2 1 
ATOM   567  C CH2 B TRP A 1 80  ? 16.450  -0.511  16.156  0.50 21.07 ? 120 TRP A CH2 1 
ATOM   568  N N   . ASN A 1 81  ? 14.708  0.270   7.595   1.00 16.94 ? 121 ASN A N   1 
ATOM   569  C CA  . ASN A 1 81  ? 15.262  0.197   6.256   1.00 18.10 ? 121 ASN A CA  1 
ATOM   570  C C   . ASN A 1 81  ? 14.147  0.153   5.212   1.00 19.70 ? 121 ASN A C   1 
ATOM   571  O O   . ASN A 1 81  ? 12.977  -0.032  5.551   1.00 17.56 ? 121 ASN A O   1 
ATOM   572  C CB  . ASN A 1 81  ? 16.187  -1.030  6.140   1.00 21.06 ? 121 ASN A CB  1 
ATOM   573  C CG  . ASN A 1 81  ? 15.549  -2.330  6.568   1.00 29.09 ? 121 ASN A CG  1 
ATOM   574  O OD1 . ASN A 1 81  ? 14.456  -2.717  6.131   1.00 23.02 ? 121 ASN A OD1 1 
ATOM   575  N ND2 . ASN A 1 81  ? 16.252  -3.071  7.405   1.00 31.18 ? 121 ASN A ND2 1 
ATOM   576  N N   . ALA A 1 82  ? 14.524  0.291   3.945   1.00 18.28 ? 122 ALA A N   1 
ATOM   577  C CA  . ALA A 1 82  ? 13.604  0.234   2.823   1.00 17.75 ? 122 ALA A CA  1 
ATOM   578  C C   . ALA A 1 82  ? 12.778  -1.061  2.757   1.00 20.23 ? 122 ALA A C   1 
ATOM   579  O O   . ALA A 1 82  ? 11.603  -1.024  2.410   1.00 18.80 ? 122 ALA A O   1 
ATOM   580  C CB  . ALA A 1 82  ? 14.382  0.412   1.540   1.00 18.48 ? 122 ALA A CB  1 
ATOM   581  N N   . GLN A 1 83  ? 13.364  -2.229  3.099   1.00 20.39 ? 123 GLN A N   1 
ATOM   582  C CA  . GLN A 1 83  ? 12.625  -3.490  3.079   1.00 21.27 ? 123 GLN A CA  1 
ATOM   583  C C   . GLN A 1 83  ? 11.412  -3.514  3.996   1.00 22.93 ? 123 GLN A C   1 
ATOM   584  O O   . GLN A 1 83  ? 10.397  -4.078  3.636   1.00 22.43 ? 123 GLN A O   1 
ATOM   585  C CB  . GLN A 1 83  ? 13.535  -4.706  3.356   1.00 23.58 ? 123 GLN A CB  1 
ATOM   586  C CG  . GLN A 1 83  ? 14.553  -4.977  2.234   1.00 35.49 ? 123 GLN A CG  1 
ATOM   587  C CD  . GLN A 1 83  ? 13.948  -5.187  0.862   1.00 50.74 ? 123 GLN A CD  1 
ATOM   588  O OE1 . GLN A 1 83  ? 12.858  -5.767  0.696   1.00 38.22 ? 123 GLN A OE1 1 
ATOM   589  N NE2 . GLN A 1 83  ? 14.664  -4.732  -0.158  1.00 43.48 ? 123 GLN A NE2 1 
ATOM   590  N N   . GLU A 1 84  ? 11.502  -2.907  5.183   1.00 19.43 ? 124 GLU A N   1 
ATOM   591  C CA  . GLU A 1 84  ? 10.353  -2.886  6.080   1.00 18.85 ? 124 GLU A CA  1 
ATOM   592  C C   . GLU A 1 84  ? 9.210   -2.096  5.438   1.00 18.28 ? 124 GLU A C   1 
ATOM   593  O O   . GLU A 1 84  ? 8.048   -2.442  5.595   1.00 19.23 ? 124 GLU A O   1 
ATOM   594  C CB  . GLU A 1 84  ? 10.725  -2.209  7.379   1.00 20.83 ? 124 GLU A CB  1 
ATOM   595  C CG  . GLU A 1 84  ? 11.317  -3.114  8.427   1.00 28.77 ? 124 GLU A CG  1 
ATOM   596  C CD  . GLU A 1 84  ? 11.102  -2.478  9.783   1.00 41.51 ? 124 GLU A CD  1 
ATOM   597  O OE1 . GLU A 1 84  ? 10.564  -3.156  10.687  1.00 40.60 ? 124 GLU A OE1 1 
ATOM   598  O OE2 . GLU A 1 84  ? 11.361  -1.260  9.898   1.00 21.12 ? 124 GLU A OE2 1 
ATOM   599  N N   . CYS A 1 85  ? 9.561   -1.018  4.700   1.00 15.46 ? 125 CYS A N   1 
ATOM   600  C CA  . CYS A 1 85  ? 8.541   -0.224  4.020   1.00 14.38 ? 125 CYS A CA  1 
ATOM   601  C C   . CYS A 1 85  ? 7.903   -1.028  2.878   1.00 16.81 ? 125 CYS A C   1 
ATOM   602  O O   . CYS A 1 85  ? 6.683   -1.095  2.756   1.00 14.98 ? 125 CYS A O   1 
ATOM   603  C CB  . CYS A 1 85  ? 9.143   1.073   3.514   1.00 12.01 ? 125 CYS A CB  1 
ATOM   604  S SG  . CYS A 1 85  ? 7.963   2.046   2.551   1.00 14.89 ? 125 CYS A SG  1 
ATOM   605  N N   . ILE A 1 86  ? 8.747   -1.697  2.071   1.00 16.21 ? 126 ILE A N   1 
ATOM   606  C CA  . ILE A 1 86  ? 8.262   -2.576  1.002   1.00 16.17 ? 126 ILE A CA  1 
ATOM   607  C C   . ILE A 1 86  ? 7.299   -3.666  1.545   1.00 18.35 ? 126 ILE A C   1 
ATOM   608  O O   . ILE A 1 86  ? 6.258   -3.927  0.946   1.00 18.47 ? 126 ILE A O   1 
ATOM   609  C CB  . ILE A 1 86  ? 9.487   -3.136  0.235   1.00 19.71 ? 126 ILE A CB  1 
ATOM   610  C CG1 . ILE A 1 86  ? 10.125  -2.003  -0.574  1.00 20.43 ? 126 ILE A CG1 1 
ATOM   611  C CG2 . ILE A 1 86  ? 9.086   -4.327  -0.680  1.00 20.16 ? 126 ILE A CG2 1 
ATOM   612  C CD1 . ILE A 1 86  ? 11.616  -2.259  -0.985  1.00 24.54 ? 126 ILE A CD1 1 
ATOM   613  N N   . GLN A 1 87  ? 7.634   -4.253  2.709   1.00 17.69 ? 127 GLN A N   1 
ATOM   614  C CA  . GLN A 1 87  ? 6.798   -5.234  3.410   1.00 18.70 ? 127 GLN A CA  1 
ATOM   615  C C   . GLN A 1 87  ? 5.386   -4.655  3.688   1.00 19.46 ? 127 GLN A C   1 
ATOM   616  O O   . GLN A 1 87  ? 4.384   -5.354  3.503   1.00 19.28 ? 127 GLN A O   1 
ATOM   617  C CB  . GLN A 1 87  ? 7.519   -5.648  4.700   1.00 21.73 ? 127 GLN A CB  1 
ATOM   618  C CG  . GLN A 1 87  ? 6.882   -6.760  5.523   1.00 37.63 ? 127 GLN A CG  1 
ATOM   619  C CD  . GLN A 1 87  ? 7.594   -6.946  6.854   1.00 62.12 ? 127 GLN A CD  1 
ATOM   620  O OE1 . GLN A 1 87  ? 8.787   -6.638  7.021   1.00 54.34 ? 127 GLN A OE1 1 
ATOM   621  N NE2 . GLN A 1 87  ? 6.875   -7.466  7.839   1.00 62.82 ? 127 GLN A NE2 1 
ATOM   622  N N   . ASP A 1 88  ? 5.300   -3.358  4.093   1.00 14.14 ? 128 ASP A N   1 
ATOM   623  C CA  . ASP A 1 88  ? 3.985   -2.760  4.307   1.00 13.50 ? 128 ASP A CA  1 
ATOM   624  C C   . ASP A 1 88  ? 3.188   -2.558  3.015   1.00 12.39 ? 128 ASP A C   1 
ATOM   625  O O   . ASP A 1 88  ? 1.999   -2.802  3.025   1.00 11.94 ? 128 ASP A O   1 
ATOM   626  C CB  . ASP A 1 88  ? 4.095   -1.439  5.063   1.00 14.25 ? 128 ASP A CB  1 
ATOM   627  C CG  . ASP A 1 88  ? 4.262   -1.543  6.569   1.00 15.69 ? 128 ASP A CG  1 
ATOM   628  O OD1 . ASP A 1 88  ? 4.088   -2.673  7.130   1.00 16.36 ? 128 ASP A OD1 1 
ATOM   629  O OD2 . ASP A 1 88  ? 4.579   -0.514  7.191   1.00 14.45 ? 128 ASP A OD2 1 
ATOM   630  N N   . PHE A 1 89  ? 3.835   -2.166  1.895   1.00 13.05 ? 129 PHE A N   1 
ATOM   631  C CA  . PHE A 1 89  ? 3.115   -2.080  0.650   1.00 11.31 ? 129 PHE A CA  1 
ATOM   632  C C   . PHE A 1 89  ? 2.583   -3.471  0.292   1.00 15.23 ? 129 PHE A C   1 
ATOM   633  O O   . PHE A 1 89  ? 1.428   -3.588  -0.082  1.00 14.90 ? 129 PHE A O   1 
ATOM   634  C CB  . PHE A 1 89  ? 4.029   -1.592  -0.489  1.00 13.15 ? 129 PHE A CB  1 
ATOM   635  C CG  . PHE A 1 89  ? 4.146   -0.090  -0.593  1.00 13.16 ? 129 PHE A CG  1 
ATOM   636  C CD1 . PHE A 1 89  ? 3.200   0.658   -1.308  1.00 15.92 ? 129 PHE A CD1 1 
ATOM   637  C CD2 . PHE A 1 89  ? 5.236   0.568   -0.059  1.00 14.33 ? 129 PHE A CD2 1 
ATOM   638  C CE1 . PHE A 1 89  ? 3.341   2.045   -1.441  1.00 17.08 ? 129 PHE A CE1 1 
ATOM   639  C CE2 . PHE A 1 89  ? 5.378   1.958   -0.194  1.00 16.44 ? 129 PHE A CE2 1 
ATOM   640  C CZ  . PHE A 1 89  ? 4.421   2.690   -0.871  1.00 14.97 ? 129 PHE A CZ  1 
ATOM   641  N N   . ASN A 1 90  ? 3.415   -4.518  0.476   1.00 15.95 ? 130 ASN A N   1 
ATOM   642  C CA  . ASN A 1 90  ? 2.959   -5.878  0.153   1.00 17.40 ? 130 ASN A CA  1 
ATOM   643  C C   . ASN A 1 90  ? 1.795   -6.330  1.046   1.00 20.12 ? 130 ASN A C   1 
ATOM   644  O O   . ASN A 1 90  ? 0.841   -6.925  0.550   1.00 20.78 ? 130 ASN A O   1 
ATOM   645  C CB  . ASN A 1 90  ? 4.146   -6.846  0.192   1.00 18.60 ? 130 ASN A CB  1 
ATOM   646  C CG  . ASN A 1 90  ? 5.086   -6.659  -0.979  1.00 41.49 ? 130 ASN A CG  1 
ATOM   647  O OD1 . ASN A 1 90  ? 4.692   -6.265  -2.092  1.00 37.95 ? 130 ASN A OD1 1 
ATOM   648  N ND2 . ASN A 1 90  ? 6.356   -6.930  -0.756  1.00 39.75 ? 130 ASN A ND2 1 
ATOM   649  N N   . THR A 1 91  ? 1.803   -5.967  2.339   1.00 15.40 ? 131 THR A N   1 
ATOM   650  C CA  . THR A 1 91  ? 0.694   -6.280  3.258   1.00 15.40 ? 131 THR A CA  1 
ATOM   651  C C   . THR A 1 91  ? -0.581  -5.585  2.763   1.00 15.34 ? 131 THR A C   1 
ATOM   652  O O   . THR A 1 91  ? -1.660  -6.174  2.731   1.00 16.00 ? 131 THR A O   1 
ATOM   653  C CB  . THR A 1 91  ? 1.067   -5.880  4.687   1.00 19.35 ? 131 THR A CB  1 
ATOM   654  O OG1 . THR A 1 91  ? 2.137   -6.725  5.133   1.00 18.73 ? 131 THR A OG1 1 
ATOM   655  C CG2 . THR A 1 91  ? -0.141  -5.903  5.681   1.00 20.50 ? 131 THR A CG2 1 
ATOM   656  N N   . MET A 1 92  ? -0.454  -4.299  2.324   1.00 12.61 ? 132 MET A N   1 
ATOM   657  C CA  . MET A 1 92  ? -1.620  -3.606  1.810   1.00 12.21 ? 132 MET A CA  1 
ATOM   658  C C   . MET A 1 92  ? -2.222  -4.352  0.617   1.00 14.93 ? 132 MET A C   1 
ATOM   659  O O   . MET A 1 92  ? -3.420  -4.558  0.583   1.00 13.11 ? 132 MET A O   1 
ATOM   660  C CB  . MET A 1 92  ? -1.227  -2.173  1.424   1.00 12.23 ? 132 MET A CB  1 
ATOM   661  C CG  . MET A 1 92  ? -2.311  -1.418  0.667   1.00 12.57 ? 132 MET A CG  1 
ATOM   662  S SD  . MET A 1 92  ? -1.774  0.237   0.207   1.00 12.92 ? 132 MET A SD  1 
ATOM   663  C CE  . MET A 1 92  ? -0.823  -0.149  -1.267  1.00 13.75 ? 132 MET A CE  1 
ATOM   664  N N   . PHE A 1 93  ? -1.393  -4.735  -0.357  1.00 13.06 ? 133 PHE A N   1 
ATOM   665  C CA  . PHE A 1 93  ? -1.917  -5.461  -1.508  1.00 13.91 ? 133 PHE A CA  1 
ATOM   666  C C   . PHE A 1 93  ? -2.465  -6.829  -1.130  1.00 16.95 ? 133 PHE A C   1 
ATOM   667  O O   . PHE A 1 93  ? -3.588  -7.132  -1.521  1.00 16.46 ? 133 PHE A O   1 
ATOM   668  C CB  . PHE A 1 93  ? -0.847  -5.612  -2.595  1.00 15.48 ? 133 PHE A CB  1 
ATOM   669  C CG  . PHE A 1 93  ? -0.381  -4.287  -3.173  1.00 15.08 ? 133 PHE A CG  1 
ATOM   670  C CD1 . PHE A 1 93  ? -1.293  -3.380  -3.698  1.00 17.09 ? 133 PHE A CD1 1 
ATOM   671  C CD2 . PHE A 1 93  ? 0.965   -3.943  -3.167  1.00 17.51 ? 133 PHE A CD2 1 
ATOM   672  C CE1 . PHE A 1 93  ? -0.869  -2.143  -4.206  1.00 19.02 ? 133 PHE A CE1 1 
ATOM   673  C CE2 . PHE A 1 93  ? 1.397   -2.717  -3.702  1.00 18.29 ? 133 PHE A CE2 1 
ATOM   674  C CZ  . PHE A 1 93  ? 0.473   -1.820  -4.191  1.00 16.37 ? 133 PHE A CZ  1 
ATOM   675  N N   . THR A 1 94  ? -1.704  -7.617  -0.350  1.00 16.27 ? 134 THR A N   1 
ATOM   676  C CA  . THR A 1 94  ? -2.200  -8.962  -0.005  1.00 16.67 ? 134 THR A CA  1 
ATOM   677  C C   . THR A 1 94  ? -3.457  -8.931  0.844   1.00 20.04 ? 134 THR A C   1 
ATOM   678  O O   . THR A 1 94  ? -4.300  -9.799  0.669   1.00 19.95 ? 134 THR A O   1 
ATOM   679  C CB  . THR A 1 94  ? -1.129  -9.839  0.617   1.00 26.98 ? 134 THR A CB  1 
ATOM   680  O OG1 . THR A 1 94  ? -0.662  -9.220  1.801   1.00 26.57 ? 134 THR A OG1 1 
ATOM   681  C CG2 . THR A 1 94  ? 0.023   -10.127 -0.335  1.00 23.63 ? 134 THR A CG2 1 
ATOM   682  N N   . ASN A 1 95  ? -3.622  -7.934  1.748   1.00 15.21 ? 135 ASN A N   1 
ATOM   683  C CA  . ASN A 1 95  ? -4.853  -7.822  2.554   1.00 15.56 ? 135 ASN A CA  1 
ATOM   684  C C   . ASN A 1 95  ? -6.028  -7.681  1.595   1.00 16.59 ? 135 ASN A C   1 
ATOM   685  O O   . ASN A 1 95  ? -7.082  -8.271  1.801   1.00 16.70 ? 135 ASN A O   1 
ATOM   686  C CB  . ASN A 1 95  ? -4.843  -6.581  3.463   1.00 16.57 ? 135 ASN A CB  1 
ATOM   687  C CG  . ASN A 1 95  ? -3.985  -6.680  4.689   1.00 20.71 ? 135 ASN A CG  1 
ATOM   688  O OD1 . ASN A 1 95  ? -3.419  -7.734  5.033   1.00 18.92 ? 135 ASN A OD1 1 
ATOM   689  N ND2 . ASN A 1 95  ? -3.786  -5.525  5.334   1.00 14.70 ? 135 ASN A ND2 1 
ATOM   690  N N   . CYS A 1 96  ? -5.843  -6.870  0.522   1.00 13.97 ? 136 CYS A N   1 
ATOM   691  C CA  . CYS A 1 96  ? -6.901  -6.682  -0.443  1.00 12.24 ? 136 CYS A CA  1 
ATOM   692  C C   . CYS A 1 96  ? -7.291  -8.009  -1.101  1.00 16.25 ? 136 CYS A C   1 
ATOM   693  O O   . CYS A 1 96  ? -8.474  -8.319  -1.180  1.00 17.70 ? 136 CYS A O   1 
ATOM   694  C CB  . CYS A 1 96  ? -6.465  -5.647  -1.474  1.00 13.36 ? 136 CYS A CB  1 
ATOM   695  S SG  . CYS A 1 96  ? -7.778  -5.154  -2.596  1.00 16.03 ? 136 CYS A SG  1 
ATOM   696  N N   . TYR A 1 97  ? -6.274  -8.797  -1.463  1.00 15.83 ? 137 TYR A N   1 
ATOM   697  C CA  . TYR A 1 97  ? -6.499  -10.107 -2.091  1.00 15.81 ? 137 TYR A CA  1 
ATOM   698  C C   . TYR A 1 97  ? -7.112  -11.117 -1.123  1.00 20.05 ? 137 TYR A C   1 
ATOM   699  O O   . TYR A 1 97  ? -7.871  -11.989 -1.558  1.00 20.76 ? 137 TYR A O   1 
ATOM   700  C CB  . TYR A 1 97  ? -5.212  -10.655 -2.688  1.00 16.38 ? 137 TYR A CB  1 
ATOM   701  C CG  . TYR A 1 97  ? -4.496  -9.711  -3.628  1.00 15.36 ? 137 TYR A CG  1 
ATOM   702  C CD1 . TYR A 1 97  ? -5.200  -8.750  -4.352  1.00 15.76 ? 137 TYR A CD1 1 
ATOM   703  C CD2 . TYR A 1 97  ? -3.115  -9.761  -3.777  1.00 15.69 ? 137 TYR A CD2 1 
ATOM   704  C CE1 . TYR A 1 97  ? -4.544  -7.849  -5.183  1.00 14.04 ? 137 TYR A CE1 1 
ATOM   705  C CE2 . TYR A 1 97  ? -2.445  -8.842  -4.583  1.00 16.22 ? 137 TYR A CE2 1 
ATOM   706  C CZ  . TYR A 1 97  ? -3.168  -7.894  -5.288  1.00 15.89 ? 137 TYR A CZ  1 
ATOM   707  O OH  . TYR A 1 97  ? -2.548  -6.993  -6.114  1.00 20.23 ? 137 TYR A OH  1 
ATOM   708  N N   . ILE A 1 98  ? -6.815  -10.996 0.174   1.00 17.02 ? 138 ILE A N   1 
ATOM   709  C CA  . ILE A 1 98  ? -7.363  -11.915 1.176   1.00 16.58 ? 138 ILE A CA  1 
ATOM   710  C C   . ILE A 1 98  ? -8.830  -11.653 1.403   1.00 22.97 ? 138 ILE A C   1 
ATOM   711  O O   . ILE A 1 98  ? -9.651  -12.593 1.384   1.00 23.86 ? 138 ILE A O   1 
ATOM   712  C CB  . ILE A 1 98  ? -6.550  -11.824 2.503   1.00 18.74 ? 138 ILE A CB  1 
ATOM   713  C CG1 . ILE A 1 98  ? -5.157  -12.414 2.344   1.00 18.73 ? 138 ILE A CG1 1 
ATOM   714  C CG2 . ILE A 1 98  ? -7.298  -12.461 3.697   1.00 20.91 ? 138 ILE A CG2 1 
ATOM   715  C CD1 . ILE A 1 98  ? -4.178  -12.165 3.575   1.00 24.33 ? 138 ILE A CD1 1 
ATOM   716  N N   . TYR A 1 99  ? -9.181  -10.383 1.652   1.00 16.95 ? 139 TYR A N   1 
ATOM   717  C CA  . TYR A 1 99  ? -10.527 -10.033 2.036   1.00 16.01 ? 139 TYR A CA  1 
ATOM   718  C C   . TYR A 1 99  ? -11.518 -10.170 0.940   1.00 22.58 ? 139 TYR A C   1 
ATOM   719  O O   . TYR A 1 99  ? -12.640 -10.644 1.160   1.00 23.45 ? 139 TYR A O   1 
ATOM   720  C CB  . TYR A 1 99  ? -10.609 -8.620  2.667   1.00 16.01 ? 139 TYR A CB  1 
ATOM   721  C CG  . TYR A 1 99  ? -12.013 -8.337  3.143   1.00 16.62 ? 139 TYR A CG  1 
ATOM   722  C CD1 . TYR A 1 99  ? -12.484 -8.862  4.347   1.00 17.45 ? 139 TYR A CD1 1 
ATOM   723  C CD2 . TYR A 1 99  ? -12.903 -7.606  2.359   1.00 16.90 ? 139 TYR A CD2 1 
ATOM   724  C CE1 . TYR A 1 99  ? -13.795 -8.650  4.765   1.00 19.25 ? 139 TYR A CE1 1 
ATOM   725  C CE2 . TYR A 1 99  ? -14.212 -7.369  2.777   1.00 18.32 ? 139 TYR A CE2 1 
ATOM   726  C CZ  . TYR A 1 99  ? -14.669 -7.934  3.960   1.00 21.61 ? 139 TYR A CZ  1 
ATOM   727  O OH  . TYR A 1 99  ? -15.961 -7.708  4.369   1.00 25.65 ? 139 TYR A OH  1 
ATOM   728  N N   . ASN A 1 100 ? -11.102 -9.728  -0.236  1.00 21.45 ? 140 ASN A N   1 
ATOM   729  C CA  A ASN A 1 100 ? -11.931 -9.727  -1.428  0.50 22.48 ? 140 ASN A CA  1 
ATOM   730  C CA  B ASN A 1 100 ? -11.932 -9.724  -1.425  0.50 22.57 ? 140 ASN A CA  1 
ATOM   731  C C   . ASN A 1 100 ? -11.704 -11.036 -2.232  1.00 27.26 ? 140 ASN A C   1 
ATOM   732  O O   . ASN A 1 100 ? -11.039 -11.953 -1.742  1.00 29.15 ? 140 ASN A O   1 
ATOM   733  C CB  A ASN A 1 100 ? -11.661 -8.447  -2.216  0.50 22.67 ? 140 ASN A CB  1 
ATOM   734  C CB  B ASN A 1 100 ? -11.671 -8.433  -2.209  0.50 23.52 ? 140 ASN A CB  1 
ATOM   735  C CG  A ASN A 1 100 ? -11.817 -7.203  -1.359  0.50 27.06 ? 140 ASN A CG  1 
ATOM   736  C CG  B ASN A 1 100 ? -11.818 -7.182  -1.350  0.50 32.38 ? 140 ASN A CG  1 
ATOM   737  O OD1 A ASN A 1 100 ? -12.921 -6.720  -1.117  0.50 21.09 ? 140 ASN A OD1 1 
ATOM   738  O OD1 B ASN A 1 100 ? -10.838 -6.578  -0.883  0.50 22.94 ? 140 ASN A OD1 1 
ATOM   739  N ND2 A ASN A 1 100 ? -10.705 -6.645  -0.877  0.50 18.70 ? 140 ASN A ND2 1 
ATOM   740  N ND2 B ASN A 1 100 ? -13.045 -6.745  -1.125  0.50 25.69 ? 140 ASN A ND2 1 
ATOM   741  N N   . LYS A 1 101 ? -12.298 -11.170 -3.404  1.00 28.65 ? 141 LYS A N   1 
ATOM   742  C CA  . LYS A 1 101 ? -12.205 -12.394 -4.211  1.00 29.51 ? 141 LYS A CA  1 
ATOM   743  C C   . LYS A 1 101 ? -11.515 -12.175 -5.555  1.00 32.43 ? 141 LYS A C   1 
ATOM   744  O O   . LYS A 1 101 ? -11.492 -11.032 -6.023  1.00 33.00 ? 141 LYS A O   1 
ATOM   745  C CB  . LYS A 1 101 ? -13.615 -12.982 -4.410  1.00 33.54 ? 141 LYS A CB  1 
ATOM   746  N N   . PRO A 1 102 ? -10.923 -13.223 -6.192  1.00 26.67 ? 142 PRO A N   1 
ATOM   747  C CA  . PRO A 1 102 ? -10.264 -13.007 -7.484  1.00 26.63 ? 142 PRO A CA  1 
ATOM   748  C C   . PRO A 1 102 ? -11.240 -12.457 -8.517  1.00 32.12 ? 142 PRO A C   1 
ATOM   749  O O   . PRO A 1 102 ? -12.309 -13.030 -8.706  1.00 31.62 ? 142 PRO A O   1 
ATOM   750  C CB  . PRO A 1 102 ? -9.737  -14.404 -7.857  1.00 27.52 ? 142 PRO A CB  1 
ATOM   751  C CG  . PRO A 1 102 ? -9.644  -15.132 -6.546  1.00 30.67 ? 142 PRO A CG  1 
ATOM   752  C CD  . PRO A 1 102 ? -10.835 -14.642 -5.790  1.00 26.58 ? 142 PRO A CD  1 
ATOM   753  N N   . GLY A 1 103 ? -10.915 -11.295 -9.081  1.00 28.95 ? 143 GLY A N   1 
ATOM   754  C CA  . GLY A 1 103 ? -11.768 -10.671 -10.087 1.00 28.56 ? 143 GLY A CA  1 
ATOM   755  C C   . GLY A 1 103 ? -12.583 -9.482  -9.637  1.00 30.32 ? 143 GLY A C   1 
ATOM   756  O O   . GLY A 1 103 ? -13.126 -8.766  -10.482 1.00 31.07 ? 143 GLY A O   1 
ATOM   757  N N   . ASP A 1 104 ? -12.699 -9.249  -8.299  1.00 24.47 ? 144 ASP A N   1 
ATOM   758  C CA  . ASP A 1 104 ? -13.446 -8.101  -7.780  1.00 21.76 ? 144 ASP A CA  1 
ATOM   759  C C   . ASP A 1 104 ? -12.774 -6.767  -8.211  1.00 22.19 ? 144 ASP A C   1 
ATOM   760  O O   . ASP A 1 104 ? -11.555 -6.733  -8.360  1.00 22.36 ? 144 ASP A O   1 
ATOM   761  C CB  . ASP A 1 104 ? -13.443 -8.134  -6.240  1.00 23.18 ? 144 ASP A CB  1 
ATOM   762  C CG  . ASP A 1 104 ? -14.158 -9.289  -5.574  1.00 33.28 ? 144 ASP A CG  1 
ATOM   763  O OD1 . ASP A 1 104 ? -14.888 -10.031 -6.280  1.00 34.01 ? 144 ASP A OD1 1 
ATOM   764  O OD2 . ASP A 1 104 ? -14.097 -9.381  -4.329  1.00 34.27 ? 144 ASP A OD2 1 
ATOM   765  N N   . ASP A 1 105 ? -13.561 -5.694  -8.405  1.00 19.61 ? 145 ASP A N   1 
ATOM   766  C CA  . ASP A 1 105 ? -13.041 -4.388  -8.830  1.00 19.31 ? 145 ASP A CA  1 
ATOM   767  C C   . ASP A 1 105 ? -11.873 -3.908  -7.982  1.00 20.80 ? 145 ASP A C   1 
ATOM   768  O O   . ASP A 1 105 ? -10.841 -3.516  -8.528  1.00 19.74 ? 145 ASP A O   1 
ATOM   769  C CB  . ASP A 1 105 ? -14.136 -3.319  -8.832  1.00 21.52 ? 145 ASP A CB  1 
ATOM   770  C CG  . ASP A 1 105 ? -15.166 -3.454  -9.930  1.00 29.19 ? 145 ASP A CG  1 
ATOM   771  O OD1 . ASP A 1 105 ? -14.924 -4.221  -10.874 1.00 29.53 ? 145 ASP A OD1 1 
ATOM   772  O OD2 . ASP A 1 105 ? -16.201 -2.782  -9.846  1.00 32.29 ? 145 ASP A OD2 1 
ATOM   773  N N   . ILE A 1 106 ? -12.012 -3.983  -6.649  1.00 18.20 ? 146 ILE A N   1 
ATOM   774  C CA  . ILE A 1 106 ? -10.920 -3.510  -5.791  1.00 16.11 ? 146 ILE A CA  1 
ATOM   775  C C   . ILE A 1 106 ? -9.679  -4.345  -5.979  1.00 18.82 ? 146 ILE A C   1 
ATOM   776  O O   . ILE A 1 106 ? -8.589  -3.807  -5.905  1.00 17.69 ? 146 ILE A O   1 
ATOM   777  C CB  . ILE A 1 106 ? -11.364 -3.362  -4.312  1.00 17.36 ? 146 ILE A CB  1 
ATOM   778  C CG1 . ILE A 1 106 ? -10.389 -2.500  -3.495  1.00 17.34 ? 146 ILE A CG1 1 
ATOM   779  C CG2 . ILE A 1 106 ? -11.624 -4.680  -3.629  1.00 19.10 ? 146 ILE A CG2 1 
ATOM   780  C CD1 . ILE A 1 106 ? -10.470 -1.073  -3.803  1.00 21.31 ? 146 ILE A CD1 1 
ATOM   781  N N   . VAL A 1 107 ? -9.834  -5.648  -6.272  1.00 15.52 ? 147 VAL A N   1 
ATOM   782  C CA  . VAL A 1 107 ? -8.703  -6.525  -6.533  1.00 15.52 ? 147 VAL A CA  1 
ATOM   783  C C   . VAL A 1 107 ? -8.037  -6.100  -7.835  1.00 20.10 ? 147 VAL A C   1 
ATOM   784  O O   . VAL A 1 107 ? -6.813  -6.033  -7.868  1.00 18.52 ? 147 VAL A O   1 
ATOM   785  C CB  . VAL A 1 107 ? -9.140  -8.013  -6.513  1.00 18.91 ? 147 VAL A CB  1 
ATOM   786  C CG1 . VAL A 1 107 ? -8.070  -8.934  -7.071  1.00 19.91 ? 147 VAL A CG1 1 
ATOM   787  C CG2 . VAL A 1 107 ? -9.526  -8.418  -5.105  1.00 19.50 ? 147 VAL A CG2 1 
ATOM   788  N N   . LEU A 1 108 ? -8.843  -5.812  -8.892  1.00 19.16 ? 148 LEU A N   1 
ATOM   789  C CA  . LEU A 1 108 ? -8.291  -5.342  -10.174 1.00 20.84 ? 148 LEU A CA  1 
ATOM   790  C C   . LEU A 1 108 ? -7.488  -4.045  -9.946  1.00 22.22 ? 148 LEU A C   1 
ATOM   791  O O   . LEU A 1 108 ? -6.389  -3.878  -10.496 1.00 21.64 ? 148 LEU A O   1 
ATOM   792  C CB  . LEU A 1 108 ? -9.427  -5.069  -11.178 1.00 22.33 ? 148 LEU A CB  1 
ATOM   793  C CG  . LEU A 1 108 ? -10.214 -6.284  -11.662 1.00 28.78 ? 148 LEU A CG  1 
ATOM   794  C CD1 . LEU A 1 108 ? -11.399 -5.852  -12.514 1.00 29.81 ? 148 LEU A CD1 1 
ATOM   795  C CD2 . LEU A 1 108 ? -9.307  -7.298  -12.361 1.00 32.11 ? 148 LEU A CD2 1 
ATOM   796  N N   . MET A 1 109 ? -8.040  -3.151  -9.114  1.00 18.57 ? 149 MET A N   1 
ATOM   797  C CA  . MET A 1 109 ? -7.375  -1.878  -8.784  1.00 16.42 ? 149 MET A CA  1 
ATOM   798  C C   . MET A 1 109 ? -6.055  -2.102  -8.045  1.00 19.14 ? 149 MET A C   1 
ATOM   799  O O   . MET A 1 109 ? -5.008  -1.568  -8.447  1.00 17.90 ? 149 MET A O   1 
ATOM   800  C CB  . MET A 1 109 ? -8.320  -0.949  -8.045  1.00 17.63 ? 149 MET A CB  1 
ATOM   801  C CG  . MET A 1 109 ? -9.370  -0.385  -8.945  1.00 20.89 ? 149 MET A CG  1 
ATOM   802  S SD  . MET A 1 109 ? -10.755 0.249   -8.038  1.00 24.81 ? 149 MET A SD  1 
ATOM   803  C CE  . MET A 1 109 ? -10.188 1.830   -7.590  1.00 20.85 ? 149 MET A CE  1 
ATOM   804  N N   . ALA A 1 110 ? -6.080  -2.974  -7.034  1.00 15.35 ? 150 ALA A N   1 
ATOM   805  C CA  . ALA A 1 110 ? -4.904  -3.359  -6.281  1.00 15.57 ? 150 ALA A CA  1 
ATOM   806  C C   . ALA A 1 110 ? -3.840  -4.011  -7.165  1.00 18.42 ? 150 ALA A C   1 
ATOM   807  O O   . ALA A 1 110 ? -2.680  -3.645  -7.059  1.00 18.01 ? 150 ALA A O   1 
ATOM   808  C CB  . ALA A 1 110 ? -5.296  -4.273  -5.139  1.00 15.85 ? 150 ALA A CB  1 
ATOM   809  N N   . GLU A 1 111 ? -4.237  -4.961  -8.056  1.00 16.83 ? 151 GLU A N   1 
ATOM   810  C CA  . GLU A 1 111 ? -3.307  -5.610  -8.986  1.00 16.80 ? 151 GLU A CA  1 
ATOM   811  C C   . GLU A 1 111 ? -2.573  -4.585  -9.873  1.00 20.70 ? 151 GLU A C   1 
ATOM   812  O O   . GLU A 1 111 ? -1.360  -4.691  -10.046 1.00 21.18 ? 151 GLU A O   1 
ATOM   813  C CB  . GLU A 1 111 ? -4.064  -6.635  -9.847  1.00 18.06 ? 151 GLU A CB  1 
ATOM   814  C CG  . GLU A 1 111 ? -4.361  -7.922  -9.091  1.00 22.09 ? 151 GLU A CG  1 
ATOM   815  C CD  . GLU A 1 111 ? -5.259  -8.909  -9.810  1.00 29.92 ? 151 GLU A CD  1 
ATOM   816  O OE1 . GLU A 1 111 ? -5.700  -8.616  -10.946 1.00 29.85 ? 151 GLU A OE1 1 
ATOM   817  O OE2 . GLU A 1 111 ? -5.563  -9.958  -9.202  1.00 27.94 ? 151 GLU A OE2 1 
ATOM   818  N N   . ALA A 1 112 ? -3.297  -3.585  -10.375 1.00 18.48 ? 152 ALA A N   1 
ATOM   819  C CA  . ALA A 1 112 ? -2.727  -2.530  -11.237 1.00 20.11 ? 152 ALA A CA  1 
ATOM   820  C C   . ALA A 1 112 ? -1.726  -1.695  -10.441 1.00 22.56 ? 152 ALA A C   1 
ATOM   821  O O   . ALA A 1 112 ? -0.633  -1.398  -10.939 1.00 22.94 ? 152 ALA A O   1 
ATOM   822  C CB  . ALA A 1 112 ? -3.831  -1.631  -11.763 1.00 21.49 ? 152 ALA A CB  1 
ATOM   823  N N   . LEU A 1 113 ? -2.110  -1.321  -9.210  1.00 18.41 ? 153 LEU A N   1 
ATOM   824  C CA  . LEU A 1 113 ? -1.196  -0.549  -8.370  1.00 16.64 ? 153 LEU A CA  1 
ATOM   825  C C   . LEU A 1 113 ? 0.028   -1.386  -7.984  1.00 18.86 ? 153 LEU A C   1 
ATOM   826  O O   . LEU A 1 113 ? 1.115   -0.824  -7.914  1.00 18.27 ? 153 LEU A O   1 
ATOM   827  C CB  . LEU A 1 113 ? -1.907  -0.058  -7.111  1.00 16.44 ? 153 LEU A CB  1 
ATOM   828  C CG  . LEU A 1 113 ? -2.939  1.039   -7.293  1.00 20.39 ? 153 LEU A CG  1 
ATOM   829  C CD1 . LEU A 1 113 ? -3.721  1.220   -6.026  1.00 20.84 ? 153 LEU A CD1 1 
ATOM   830  C CD2 . LEU A 1 113 ? -2.299  2.392   -7.627  1.00 22.02 ? 153 LEU A CD2 1 
ATOM   831  N N   . GLU A 1 114 ? -0.132  -2.698  -7.712  1.00 16.20 ? 154 GLU A N   1 
ATOM   832  C CA  . GLU A 1 114 ? 0.985   -3.555  -7.348  1.00 15.31 ? 154 GLU A CA  1 
ATOM   833  C C   . GLU A 1 114 ? 1.980   -3.697  -8.508  1.00 19.24 ? 154 GLU A C   1 
ATOM   834  O O   . GLU A 1 114 ? 3.175   -3.723  -8.269  1.00 19.16 ? 154 GLU A O   1 
ATOM   835  C CB  . GLU A 1 114 ? 0.475   -4.929  -6.925  1.00 15.29 ? 154 GLU A CB  1 
ATOM   836  C CG  . GLU A 1 114 ? 1.543   -5.806  -6.325  1.00 22.23 ? 154 GLU A CG  1 
ATOM   837  C CD  . GLU A 1 114 ? 1.116   -7.218  -5.985  1.00 24.80 ? 154 GLU A CD  1 
ATOM   838  O OE1 . GLU A 1 114 ? 0.045   -7.665  -6.459  1.00 25.94 ? 154 GLU A OE1 1 
ATOM   839  O OE2 . GLU A 1 114 ? 1.913   -7.910  -5.313  1.00 35.87 ? 154 GLU A OE2 1 
ATOM   840  N N   . LYS A 1 115 ? 1.463   -3.849  -9.739  1.00 19.35 ? 155 LYS A N   1 
ATOM   841  C CA  . LYS A 1 115 ? 2.341   -3.970  -10.923 1.00 18.66 ? 155 LYS A CA  1 
ATOM   842  C C   . LYS A 1 115 ? 3.192   -2.685  -11.047 1.00 22.87 ? 155 LYS A C   1 
ATOM   843  O O   . LYS A 1 115 ? 4.416   -2.784  -11.219 1.00 22.83 ? 155 LYS A O   1 
ATOM   844  C CB  . LYS A 1 115 ? 1.487   -4.182  -12.178 1.00 21.27 ? 155 LYS A CB  1 
ATOM   845  C CG  . LYS A 1 115 ? 2.305   -4.246  -13.477 1.00 39.08 ? 155 LYS A CG  1 
ATOM   846  C CD  . LYS A 1 115 ? 1.464   -3.829  -14.679 1.00 56.24 ? 155 LYS A CD  1 
ATOM   847  C CE  . LYS A 1 115 ? 1.892   -2.503  -15.260 1.00 67.22 ? 155 LYS A CE  1 
ATOM   848  N NZ  . LYS A 1 115 ? 1.098   -2.159  -16.467 1.00 77.75 ? 155 LYS A NZ  1 
ATOM   849  N N   . LEU A 1 116 ? 2.551   -1.494  -10.888 1.00 19.64 ? 156 LEU A N   1 
ATOM   850  C CA  . LEU A 1 116 ? 3.232   -0.194  -10.906 1.00 18.83 ? 156 LEU A CA  1 
ATOM   851  C C   . LEU A 1 116 ? 4.263   -0.078  -9.774  1.00 22.09 ? 156 LEU A C   1 
ATOM   852  O O   . LEU A 1 116 ? 5.390   0.369   -9.984  1.00 21.28 ? 156 LEU A O   1 
ATOM   853  C CB  . LEU A 1 116 ? 2.225   0.958   -10.818 1.00 18.77 ? 156 LEU A CB  1 
ATOM   854  C CG  . LEU A 1 116 ? 2.778   2.395   -10.909 1.00 23.54 ? 156 LEU A CG  1 
ATOM   855  C CD1 . LEU A 1 116 ? 3.495   2.638   -12.252 1.00 23.66 ? 156 LEU A CD1 1 
ATOM   856  C CD2 . LEU A 1 116 ? 1.676   3.427   -10.683 1.00 23.28 ? 156 LEU A CD2 1 
ATOM   857  N N   . PHE A 1 117 ? 3.879   -0.511  -8.567  1.00 17.70 ? 157 PHE A N   1 
ATOM   858  C CA  . PHE A 1 117 ? 4.776   -0.521  -7.437  1.00 16.93 ? 157 PHE A CA  1 
ATOM   859  C C   . PHE A 1 117 ? 6.029   -1.345  -7.754  1.00 20.24 ? 157 PHE A C   1 
ATOM   860  O O   . PHE A 1 117 ? 7.133   -0.829  -7.598  1.00 18.88 ? 157 PHE A O   1 
ATOM   861  C CB  . PHE A 1 117 ? 4.024   -1.062  -6.189  1.00 16.73 ? 157 PHE A CB  1 
ATOM   862  C CG  . PHE A 1 117 ? 4.938   -1.349  -5.029  1.00 17.17 ? 157 PHE A CG  1 
ATOM   863  C CD1 . PHE A 1 117 ? 5.459   -0.309  -4.260  1.00 19.49 ? 157 PHE A CD1 1 
ATOM   864  C CD2 . PHE A 1 117 ? 5.328   -2.651  -4.731  1.00 19.97 ? 157 PHE A CD2 1 
ATOM   865  C CE1 . PHE A 1 117 ? 6.345   -0.575  -3.212  1.00 20.43 ? 157 PHE A CE1 1 
ATOM   866  C CE2 . PHE A 1 117 ? 6.191   -2.911  -3.663  1.00 22.04 ? 157 PHE A CE2 1 
ATOM   867  C CZ  . PHE A 1 117 ? 6.685   -1.871  -2.909  1.00 19.51 ? 157 PHE A CZ  1 
ATOM   868  N N   . LEU A 1 118 ? 5.868   -2.582  -8.274  1.00 19.31 ? 158 LEU A N   1 
ATOM   869  C CA  . LEU A 1 118 ? 7.037   -3.425  -8.588  1.00 21.32 ? 158 LEU A CA  1 
ATOM   870  C C   . LEU A 1 118 ? 7.889   -2.812  -9.695  1.00 24.09 ? 158 LEU A C   1 
ATOM   871  O O   . LEU A 1 118 ? 9.119   -2.890  -9.613  1.00 23.36 ? 158 LEU A O   1 
ATOM   872  C CB  . LEU A 1 118 ? 6.635   -4.867  -8.911  1.00 22.03 ? 158 LEU A CB  1 
ATOM   873  C CG  . LEU A 1 118 ? 6.007   -5.646  -7.733  1.00 27.78 ? 158 LEU A CG  1 
ATOM   874  C CD1 . LEU A 1 118 ? 5.282   -6.886  -8.225  1.00 28.35 ? 158 LEU A CD1 1 
ATOM   875  C CD2 . LEU A 1 118 ? 7.058   -6.002  -6.690  1.00 30.98 ? 158 LEU A CD2 1 
ATOM   876  N N   . GLN A 1 119 ? 7.243   -2.127  -10.663 1.00 23.56 ? 159 GLN A N   1 
ATOM   877  C CA  . GLN A 1 119 ? 7.953   -1.409  -11.738 1.00 24.22 ? 159 GLN A CA  1 
ATOM   878  C C   . GLN A 1 119 ? 8.841   -0.314  -11.117 1.00 25.08 ? 159 GLN A C   1 
ATOM   879  O O   . GLN A 1 119 ? 10.028  -0.226  -11.450 1.00 23.91 ? 159 GLN A O   1 
ATOM   880  C CB  . GLN A 1 119 ? 6.966   -0.741  -12.709 1.00 26.75 ? 159 GLN A CB  1 
ATOM   881  C CG  . GLN A 1 119 ? 6.365   -1.676  -13.758 1.00 45.33 ? 159 GLN A CG  1 
ATOM   882  C CD  . GLN A 1 119 ? 5.470   -0.940  -14.731 1.00 70.46 ? 159 GLN A CD  1 
ATOM   883  O OE1 . GLN A 1 119 ? 4.508   -0.256  -14.353 1.00 63.87 ? 159 GLN A OE1 1 
ATOM   884  N NE2 . GLN A 1 119 ? 5.752   -1.089  -16.016 1.00 66.26 ? 159 GLN A NE2 1 
ATOM   885  N N   . LYS A 1 120 ? 8.279   0.500   -10.191 1.00 20.01 ? 160 LYS A N   1 
ATOM   886  C CA  . LYS A 1 120 ? 9.016   1.576   -9.540  1.00 19.30 ? 160 LYS A CA  1 
ATOM   887  C C   . LYS A 1 120 ? 10.180  1.071   -8.688  1.00 22.50 ? 160 LYS A C   1 
ATOM   888  O O   . LYS A 1 120 ? 11.226  1.706   -8.672  1.00 21.04 ? 160 LYS A O   1 
ATOM   889  C CB  . LYS A 1 120 ? 8.074   2.483   -8.740  1.00 20.59 ? 160 LYS A CB  1 
ATOM   890  C CG  . LYS A 1 120 ? 7.018   3.221   -9.596  1.00 24.02 ? 160 LYS A CG  1 
ATOM   891  C CD  . LYS A 1 120 ? 7.546   3.915   -10.878 1.00 20.16 ? 160 LYS A CD  1 
ATOM   892  C CE  . LYS A 1 120 ? 8.267   5.206   -10.584 1.00 25.19 ? 160 LYS A CE  1 
ATOM   893  N NZ  . LYS A 1 120 ? 8.677   5.883   -11.857 1.00 27.92 ? 160 LYS A NZ  1 
ATOM   894  N N   . ILE A 1 121 ? 10.000  -0.058  -7.983  1.00 18.76 ? 161 ILE A N   1 
ATOM   895  C CA  . ILE A 1 121 ? 11.066  -0.672  -7.202  1.00 19.07 ? 161 ILE A CA  1 
ATOM   896  C C   . ILE A 1 121 ? 12.160  -1.150  -8.167  1.00 23.83 ? 161 ILE A C   1 
ATOM   897  O O   . ILE A 1 121 ? 13.341  -0.930  -7.902  1.00 25.15 ? 161 ILE A O   1 
ATOM   898  C CB  . ILE A 1 121 ? 10.539  -1.833  -6.300  1.00 22.45 ? 161 ILE A CB  1 
ATOM   899  C CG1 . ILE A 1 121 ? 9.456   -1.334  -5.306  1.00 23.49 ? 161 ILE A CG1 1 
ATOM   900  C CG2 . ILE A 1 121 ? 11.703  -2.567  -5.563  1.00 24.59 ? 161 ILE A CG2 1 
ATOM   901  C CD1 . ILE A 1 121 ? 9.883   -0.188  -4.358  1.00 29.90 ? 161 ILE A CD1 1 
ATOM   902  N N   . ASN A 1 122 ? 11.762  -1.748  -9.307  1.00 22.85 ? 162 ASN A N   1 
ATOM   903  C CA  . ASN A 1 122 ? 12.718  -2.225  -10.314 1.00 23.88 ? 162 ASN A CA  1 
ATOM   904  C C   . ASN A 1 122 ? 13.495  -1.046  -10.940 1.00 28.74 ? 162 ASN A C   1 
ATOM   905  O O   . ASN A 1 122 ? 14.633  -1.235  -11.381 1.00 30.39 ? 162 ASN A O   1 
ATOM   906  C CB  . ASN A 1 122 ? 11.992  -3.038  -11.386 1.00 27.13 ? 162 ASN A CB  1 
ATOM   907  C CG  . ASN A 1 122 ? 12.915  -3.725  -12.361 1.00 51.21 ? 162 ASN A CG  1 
ATOM   908  O OD1 . ASN A 1 122 ? 13.671  -4.636  -12.003 1.00 41.95 ? 162 ASN A OD1 1 
ATOM   909  N ND2 . ASN A 1 122 ? 12.883  -3.288  -13.611 1.00 45.68 ? 162 ASN A ND2 1 
ATOM   910  N N   . GLU A 1 123 ? 12.895  0.149   -10.948 1.00 23.90 ? 163 GLU A N   1 
ATOM   911  C CA  . GLU A 1 123 ? 13.527  1.354   -11.507 1.00 23.36 ? 163 GLU A CA  1 
ATOM   912  C C   . GLU A 1 123 ? 14.542  2.017   -10.581 1.00 28.45 ? 163 GLU A C   1 
ATOM   913  O O   . GLU A 1 123 ? 15.244  2.913   -11.038 1.00 28.67 ? 163 GLU A O   1 
ATOM   914  C CB  . GLU A 1 123 ? 12.477  2.378   -11.948 1.00 24.65 ? 163 GLU A CB  1 
ATOM   915  C CG  . GLU A 1 123 ? 11.768  2.017   -13.237 1.00 31.57 ? 163 GLU A CG  1 
ATOM   916  C CD  . GLU A 1 123 ? 10.543  2.849   -13.563 1.00 39.67 ? 163 GLU A CD  1 
ATOM   917  O OE1 . GLU A 1 123 ? 10.315  3.886   -12.897 1.00 34.99 ? 163 GLU A OE1 1 
ATOM   918  O OE2 . GLU A 1 123 ? 9.824   2.476   -14.515 1.00 37.29 ? 163 GLU A OE2 1 
ATOM   919  N N   . LEU A 1 124 ? 14.628  1.600   -9.291  1.00 26.81 ? 164 LEU A N   1 
ATOM   920  C CA  . LEU A 1 124 ? 15.568  2.139   -8.298  1.00 27.16 ? 164 LEU A CA  1 
ATOM   921  C C   . LEU A 1 124 ? 16.981  2.336   -8.906  1.00 30.38 ? 164 LEU A C   1 
ATOM   922  O O   . LEU A 1 124 ? 17.600  1.355   -9.325  1.00 31.85 ? 164 LEU A O   1 
ATOM   923  C CB  . LEU A 1 124 ? 15.600  1.242   -7.039  1.00 28.12 ? 164 LEU A CB  1 
ATOM   924  C CG  . LEU A 1 124 ? 16.666  1.527   -5.967  1.00 33.24 ? 164 LEU A CG  1 
ATOM   925  C CD1 . LEU A 1 124 ? 16.290  2.749   -5.152  1.00 33.02 ? 164 LEU A CD1 1 
ATOM   926  C CD2 . LEU A 1 124 ? 16.837  0.312   -5.056  1.00 36.94 ? 164 LEU A CD2 1 
ATOM   927  N N   . PRO A 1 125 ? 17.473  3.591   -9.017  1.00 24.41 ? 165 PRO A N   1 
ATOM   928  C CA  . PRO A 1 125 ? 18.773  3.801   -9.689  1.00 26.64 ? 165 PRO A CA  1 
ATOM   929  C C   . PRO A 1 125 ? 19.985  3.376   -8.866  1.00 56.81 ? 165 PRO A C   1 
ATOM   930  O O   . PRO A 1 125 ? 19.852  3.109   -7.682  1.00 34.91 ? 165 PRO A O   1 
ATOM   931  C CB  . PRO A 1 125 ? 18.778  5.301   -9.990  1.00 27.49 ? 165 PRO A CB  1 
ATOM   932  C CG  . PRO A 1 125 ? 17.920  5.906   -8.933  1.00 30.20 ? 165 PRO A CG  1 
ATOM   933  C CD  . PRO A 1 125 ? 16.858  4.875   -8.620  1.00 24.60 ? 165 PRO A CD  1 
HETATM 934  C C2  A EO4 B 2 .   ? -10.900 -2.050  0.351   0.50 19.96 ? 201 EO4 A C2  1 
HETATM 935  C C2  B EO4 B 2 .   ? -10.858 -2.013  0.322   0.50 18.73 ? 201 EO4 A C2  1 
HETATM 936  C C3  . EO4 B 2 .   ? -11.734 -0.862  0.051   1.00 16.89 ? 201 EO4 A C3  1 
HETATM 937  C C4  . EO4 B 2 .   ? -12.875 -0.945  -0.781  1.00 17.15 ? 201 EO4 A C4  1 
HETATM 938  C C5  . EO4 B 2 .   ? -14.348 -2.382  -2.034  1.00 23.49 ? 201 EO4 A C5  1 
HETATM 939  N N1  . EO4 B 2 .   ? -16.017 2.724   -1.734  1.00 20.99 ? 201 EO4 A N1  1 
HETATM 940  C C1  A EO4 B 2 .   ? -9.565  -2.221  0.156   0.50 20.80 ? 201 EO4 A C1  1 
HETATM 941  C C1  B EO4 B 2 .   ? -11.212 -3.212  0.856   0.50 18.86 ? 201 EO4 A C1  1 
HETATM 942  C C6  . EO4 B 2 .   ? -13.685 0.169   -0.993  1.00 16.70 ? 201 EO4 A C6  1 
HETATM 943  C C7  . EO4 B 2 .   ? -13.365 1.389   -0.406  1.00 19.02 ? 201 EO4 A C7  1 
HETATM 944  C C8  . EO4 B 2 .   ? -12.211 1.475   0.391   1.00 17.10 ? 201 EO4 A C8  1 
HETATM 945  O O1  A EO4 B 2 .   ? -9.198  -3.460  0.543   0.50 22.02 ? 201 EO4 A O1  1 
HETATM 946  O O1  B EO4 B 2 .   ? -10.132 -4.017  0.917   0.50 18.94 ? 201 EO4 A O1  1 
HETATM 947  N N2  . EO4 B 2 .   ? -16.018 0.140   -4.180  1.00 22.57 ? 201 EO4 A N2  1 
HETATM 948  C C9  . EO4 B 2 .   ? -13.162 3.492   0.492   1.00 18.81 ? 201 EO4 A C9  1 
HETATM 949  N N3  . EO4 B 2 .   ? -16.526 0.842   -3.127  1.00 20.29 ? 201 EO4 A N3  1 
HETATM 950  C C23 A EO4 B 2 .   ? -12.691 -3.728  1.382   0.50 22.75 ? 201 EO4 A C23 1 
HETATM 951  C C23 B EO4 B 2 .   ? -8.501  -1.129  -0.500  0.50 19.12 ? 201 EO4 A C23 1 
HETATM 952  C C22 A EO4 B 2 .   ? -11.335 -3.320  0.913   0.50 20.92 ? 201 EO4 A C22 1 
HETATM 953  C C22 B EO4 B 2 .   ? -9.439  -2.138  0.074   0.50 19.20 ? 201 EO4 A C22 1 
HETATM 954  N N6  A EO4 B 2 .   ? -10.340 -4.150  1.018   0.50 21.51 ? 201 EO4 A N6  1 
HETATM 955  N N6  B EO4 B 2 .   ? -9.007  -3.314  0.417   0.50 20.57 ? 201 EO4 A N6  1 
HETATM 956  C C   A EO4 B 2 .   ? -8.487  -1.361  -0.389  0.50 20.93 ? 201 EO4 A C   1 
HETATM 957  C C   B EO4 B 2 .   ? -12.472 -3.762  1.411   0.50 21.60 ? 201 EO4 A C   1 
HETATM 958  C C21 . EO4 B 2 .   ? -11.417 0.373   0.629   1.00 16.78 ? 201 EO4 A C21 1 
HETATM 959  N N   . EO4 B 2 .   ? -12.098 2.756   0.895   1.00 20.03 ? 201 EO4 A N   1 
HETATM 960  N N5  . EO4 B 2 .   ? -13.471 4.737   0.876   1.00 22.43 ? 201 EO4 A N5  1 
HETATM 961  C C19 . EO4 B 2 .   ? -14.649 5.193   0.436   1.00 22.68 ? 201 EO4 A C19 1 
HETATM 962  C C20 . EO4 B 2 .   ? -15.070 6.553   0.884   1.00 23.43 ? 201 EO4 A C20 1 
HETATM 963  N N4  . EO4 B 2 .   ? -15.492 4.522   -0.353  1.00 21.78 ? 201 EO4 A N4  1 
HETATM 964  C C11 . EO4 B 2 .   ? -15.192 3.283   -0.761  1.00 19.45 ? 201 EO4 A C11 1 
HETATM 965  C C10 . EO4 B 2 .   ? -13.995 2.681   -0.343  1.00 17.03 ? 201 EO4 A C10 1 
HETATM 966  O O   . EO4 B 2 .   ? -13.116 -2.177  -1.331  1.00 20.20 ? 201 EO4 A O   1 
HETATM 967  C C12 . EO4 B 2 .   ? -15.717 1.960   -2.826  1.00 20.62 ? 201 EO4 A C12 1 
HETATM 968  C C18 . EO4 B 2 .   ? -17.713 0.347   -2.442  1.00 20.71 ? 201 EO4 A C18 1 
HETATM 969  C C14 . EO4 B 2 .   ? -14.899 0.758   -4.549  1.00 21.16 ? 201 EO4 A C14 1 
HETATM 970  C C13 . EO4 B 2 .   ? -14.678 1.897   -3.706  1.00 19.87 ? 201 EO4 A C13 1 
HETATM 971  C C15 . EO4 B 2 .   ? -13.979 0.373   -5.655  1.00 22.81 ? 201 EO4 A C15 1 
HETATM 972  C C17 . EO4 B 2 .   ? -14.494 -0.279  -6.908  1.00 27.50 ? 201 EO4 A C17 1 
HETATM 973  C C16 . EO4 B 2 .   ? -13.715 -1.077  -5.946  1.00 25.37 ? 201 EO4 A C16 1 
HETATM 974  O O   . HOH C 3 .   ? -7.659  -4.932  2.455   1.00 15.89 ? 301 HOH A O   1 
HETATM 975  O O   . HOH C 3 .   ? 19.218  8.911   -6.705  1.00 23.59 ? 302 HOH A O   1 
HETATM 976  O O   . HOH C 3 .   ? -15.533 4.243   11.465  1.00 34.00 ? 303 HOH A O   1 
HETATM 977  O O   . HOH C 3 .   ? -8.163  9.762   -0.428  1.00 24.68 ? 304 HOH A O   1 
HETATM 978  O O   . HOH C 3 .   ? 5.707   -2.862  11.648  1.00 28.29 ? 305 HOH A O   1 
HETATM 979  O O   . HOH C 3 .   ? -7.464  1.316   2.229   1.00 15.36 ? 306 HOH A O   1 
HETATM 980  O O   . HOH C 3 .   ? -7.428  11.309  -3.615  1.00 34.47 ? 307 HOH A O   1 
HETATM 981  O O   . HOH C 3 .   ? -14.905 -6.854  -11.345 1.00 36.36 ? 308 HOH A O   1 
HETATM 982  O O   . HOH C 3 .   ? -4.950  9.943   -6.769  1.00 42.02 ? 309 HOH A O   1 
HETATM 983  O O   . HOH C 3 .   ? -5.064  10.027  3.522   1.00 33.12 ? 310 HOH A O   1 
HETATM 984  O O   . HOH C 3 .   ? 5.873   13.929  2.853   1.00 25.28 ? 311 HOH A O   1 
HETATM 985  O O   . HOH C 3 .   ? 22.208  5.829   -7.377  1.00 24.44 ? 312 HOH A O   1 
HETATM 986  O O   . HOH C 3 .   ? -8.911  -12.256 -4.020  1.00 32.55 ? 313 HOH A O   1 
HETATM 987  O O   . HOH C 3 .   ? -4.627  0.509   7.429   1.00 16.02 ? 314 HOH A O   1 
HETATM 988  O O   . HOH C 3 .   ? 11.829  13.970  2.762   1.00 38.22 ? 315 HOH A O   1 
HETATM 989  O O   . HOH C 3 .   ? -14.625 -5.652  11.401  1.00 27.35 ? 316 HOH A O   1 
HETATM 990  O O   . HOH C 3 .   ? -13.250 -12.400 3.120   1.00 31.42 ? 317 HOH A O   1 
HETATM 991  O O   . HOH C 3 .   ? 1.573   7.520   -11.479 1.00 32.95 ? 318 HOH A O   1 
HETATM 992  O O   . HOH C 3 .   ? 10.689  -6.794  1.953   1.00 44.28 ? 319 HOH A O   1 
HETATM 993  O O   . HOH C 3 .   ? -5.847  -10.505 -12.883 1.00 37.64 ? 320 HOH A O   1 
HETATM 994  O O   . HOH C 3 .   ? 1.049   12.389  6.260   1.00 35.20 ? 321 HOH A O   1 
HETATM 995  O O   . HOH C 3 .   ? 10.418  13.783  7.885   1.00 31.21 ? 322 HOH A O   1 
HETATM 996  O O   . HOH C 3 .   ? -5.712  -3.163  4.929   1.00 16.07 ? 323 HOH A O   1 
HETATM 997  O O   . HOH C 3 .   ? 11.790  7.333   6.042   1.00 18.54 ? 324 HOH A O   1 
HETATM 998  O O   . HOH C 3 .   ? -4.466  -10.836 -6.876  1.00 38.49 ? 325 HOH A O   1 
HETATM 999  O O   . HOH C 3 .   ? 4.108   -0.824  15.196  1.00 37.64 ? 326 HOH A O   1 
HETATM 1000 O O   . HOH C 3 .   ? -1.532  -2.386  11.145  1.00 29.29 ? 327 HOH A O   1 
HETATM 1001 O O   . HOH C 3 .   ? 10.204  -5.167  -8.596  1.00 34.69 ? 328 HOH A O   1 
HETATM 1002 O O   . HOH C 3 .   ? -1.516  -9.561  4.364   1.00 21.39 ? 329 HOH A O   1 
HETATM 1003 O O   . HOH C 3 .   ? -22.070 3.564   6.901   1.00 40.26 ? 330 HOH A O   1 
HETATM 1004 O O   . HOH C 3 .   ? -16.245 -11.536 3.736   1.00 42.07 ? 331 HOH A O   1 
HETATM 1005 O O   . HOH C 3 .   ? 15.283  -2.477  -6.770  1.00 35.35 ? 332 HOH A O   1 
HETATM 1006 O O   . HOH C 3 .   ? 2.209   -8.201  -2.612  1.00 34.69 ? 333 HOH A O   1 
HETATM 1007 O O   . HOH C 3 .   ? -0.356  -0.783  -13.588 1.00 29.14 ? 334 HOH A O   1 
HETATM 1008 O O   . HOH C 3 .   ? 3.745   -5.432  6.927   1.00 31.14 ? 335 HOH A O   1 
HETATM 1009 O O   . HOH C 3 .   ? 1.202   -9.251  5.597   1.00 30.97 ? 336 HOH A O   1 
HETATM 1010 O O   . HOH C 3 .   ? 6.838   -3.598  7.763   1.00 27.30 ? 337 HOH A O   1 
HETATM 1011 O O   . HOH C 3 .   ? -0.120  -7.136  -10.094 1.00 39.56 ? 338 HOH A O   1 
HETATM 1012 O O   . HOH C 3 .   ? 9.697   2.367   14.521  1.00 21.24 ? 339 HOH A O   1 
HETATM 1013 O O   . HOH C 3 .   ? 4.348   -8.103  3.610   1.00 32.71 ? 340 HOH A O   1 
HETATM 1014 O O   . HOH C 3 .   ? -3.569  -8.891  7.530   1.00 20.31 ? 341 HOH A O   1 
HETATM 1015 O O   . HOH C 3 .   ? -5.086  -11.096 8.108   1.00 26.46 ? 342 HOH A O   1 
HETATM 1016 O O   . HOH C 3 .   ? 18.545  2.992   7.868   1.00 52.65 ? 343 HOH A O   1 
HETATM 1017 O O   . HOH C 3 .   ? -9.885  8.417   -9.561  1.00 30.77 ? 344 HOH A O   1 
HETATM 1018 O O   . HOH C 3 .   ? -1.984  1.486   -14.612 1.00 42.07 ? 345 HOH A O   1 
HETATM 1019 O O   . HOH C 3 .   ? 5.948   8.848   -11.801 1.00 38.55 ? 346 HOH A O   1 
HETATM 1020 O O   . HOH C 3 .   ? -10.038 3.492   2.623   1.00 25.03 ? 347 HOH A O   1 
HETATM 1021 O O   . HOH C 3 .   ? 14.103  7.806   7.431   1.00 26.44 ? 348 HOH A O   1 
HETATM 1022 O O   . HOH C 3 .   ? -5.508  -0.623  2.022   1.00 15.47 ? 349 HOH A O   1 
HETATM 1023 O O   . HOH C 3 .   ? -6.408  -4.042  -13.282 1.00 28.43 ? 350 HOH A O   1 
HETATM 1024 O O   . HOH C 3 .   ? -10.011 5.819   6.877   1.00 25.81 ? 351 HOH A O   1 
HETATM 1025 O O   . HOH C 3 .   ? -2.876  3.298   10.614  1.00 32.78 ? 352 HOH A O   1 
HETATM 1026 O O   . HOH C 3 .   ? 11.368  11.215  5.323   1.00 28.49 ? 353 HOH A O   1 
HETATM 1027 O O   . HOH C 3 .   ? -17.857 -2.740  -7.585  1.00 29.30 ? 354 HOH A O   1 
HETATM 1028 O O   . HOH C 3 .   ? 3.472   12.169  9.729   1.00 31.92 ? 355 HOH A O   1 
HETATM 1029 O O   . HOH C 3 .   ? 24.408  8.181   -10.153 1.00 28.84 ? 356 HOH A O   1 
HETATM 1030 O O   . HOH C 3 .   ? -18.937 -1.669  1.006   1.00 27.59 ? 357 HOH A O   1 
HETATM 1031 O O   . HOH C 3 .   ? 17.731  11.559  -0.643  1.00 35.94 ? 358 HOH A O   1 
HETATM 1032 O O   . HOH C 3 .   ? 4.284   -7.228  8.901   1.00 46.36 ? 359 HOH A O   1 
HETATM 1033 O O   . HOH C 3 .   ? -12.044 6.438   2.600   1.00 26.87 ? 360 HOH A O   1 
HETATM 1034 O O   . HOH C 3 .   ? -0.672  10.213  5.306   1.00 21.74 ? 361 HOH A O   1 
HETATM 1035 O O   . HOH C 3 .   ? -7.857  -11.585 -9.316  1.00 40.33 ? 362 HOH A O   1 
HETATM 1036 O O   . HOH C 3 .   ? 10.257  13.128  -6.720  1.00 28.81 ? 363 HOH A O   1 
HETATM 1037 O O   . HOH C 3 .   ? 13.718  15.095  -4.448  1.00 37.89 ? 364 HOH A O   1 
HETATM 1038 O O   . HOH C 3 .   ? -16.543 -2.533  -4.908  1.00 34.60 ? 365 HOH A O   1 
HETATM 1039 O O   . HOH C 3 .   ? -16.976 -8.126  -6.425  1.00 54.03 ? 366 HOH A O   1 
HETATM 1040 O O   . HOH C 3 .   ? -15.150 -11.186 -0.056  1.00 29.08 ? 367 HOH A O   1 
HETATM 1041 O O   . HOH C 3 .   ? 3.481   -3.176  9.860   1.00 26.99 ? 368 HOH A O   1 
HETATM 1042 O O   . HOH C 3 .   ? -4.424  13.411  -2.621  1.00 31.15 ? 369 HOH A O   1 
HETATM 1043 O O   . HOH C 3 .   ? -5.565  -3.249  1.925   1.00 16.18 ? 370 HOH A O   1 
HETATM 1044 O O   . HOH C 3 .   ? 11.576  -6.312  6.488   1.00 40.95 ? 371 HOH A O   1 
HETATM 1045 O O   . HOH C 3 .   ? -8.482  -0.634  8.269   1.00 22.67 ? 372 HOH A O   1 
HETATM 1046 O O   . HOH C 3 .   ? -4.126  6.337   -13.642 1.00 25.65 ? 373 HOH A O   1 
HETATM 1047 O O   . HOH C 3 .   ? 8.544   9.108   15.028  1.00 52.87 ? 374 HOH A O   1 
HETATM 1048 O O   . HOH C 3 .   ? 19.338  10.019  -2.215  1.00 25.81 ? 375 HOH A O   1 
HETATM 1049 O O   . HOH C 3 .   ? 14.201  4.221   12.020  1.00 31.03 ? 376 HOH A O   1 
HETATM 1050 O O   . HOH C 3 .   ? 25.888  10.759  -3.168  1.00 36.95 ? 377 HOH A O   1 
HETATM 1051 O O   . HOH C 3 .   ? 20.049  10.776  -4.723  1.00 30.76 ? 378 HOH A O   1 
HETATM 1052 O O   . HOH C 3 .   ? -8.011  10.463  3.381   1.00 39.52 ? 379 HOH A O   1 
HETATM 1053 O O   . HOH C 3 .   ? 1.961   3.750   12.207  1.00 31.36 ? 380 HOH A O   1 
HETATM 1054 O O   . HOH C 3 .   ? -6.703  -0.560  6.096   1.00 16.62 ? 381 HOH A O   1 
HETATM 1055 O O   . HOH C 3 .   ? 17.067  2.090   -13.212 1.00 34.23 ? 382 HOH A O   1 
HETATM 1056 O O   . HOH C 3 .   ? -12.099 -14.798 -11.066 1.00 35.24 ? 383 HOH A O   1 
HETATM 1057 O O   . HOH C 3 .   ? 22.608  15.089  -6.378  1.00 40.00 ? 384 HOH A O   1 
HETATM 1058 O O   . HOH C 3 .   ? 11.299  8.644   3.595   1.00 24.64 ? 385 HOH A O   1 
HETATM 1059 O O   . HOH C 3 .   ? 10.963  5.580   7.943   1.00 23.56 ? 386 HOH A O   1 
HETATM 1060 O O   . HOH C 3 .   ? 25.418  8.501   1.719   1.00 32.06 ? 387 HOH A O   1 
HETATM 1061 O O   . HOH C 3 .   ? 15.093  5.629   9.057   1.00 27.31 ? 388 HOH A O   1 
HETATM 1062 O O   . HOH C 3 .   ? -12.732 3.742   3.816   1.00 31.80 ? 389 HOH A O   1 
HETATM 1063 O O   . HOH C 3 .   ? 17.364  1.260   3.722   1.00 25.00 ? 390 HOH A O   1 
HETATM 1064 O O   . HOH C 3 .   ? -15.236 -5.938  -3.030  1.00 34.79 ? 391 HOH A O   1 
HETATM 1065 O O   . HOH C 3 .   ? -4.142  12.421  -9.552  1.00 33.18 ? 392 HOH A O   1 
HETATM 1066 O O   . HOH C 3 .   ? 17.331  4.165   3.134   1.00 23.10 ? 393 HOH A O   1 
HETATM 1067 O O   . HOH C 3 .   ? -6.995  8.241   -6.980  1.00 22.49 ? 394 HOH A O   1 
HETATM 1068 O O   . HOH C 3 .   ? -3.175  6.649   8.500   1.00 28.07 ? 395 HOH A O   1 
HETATM 1069 O O   . HOH C 3 .   ? 1.200   -2.435  11.485  1.00 29.58 ? 396 HOH A O   1 
HETATM 1070 O O   . HOH C 3 .   ? -14.660 -4.470  -5.251  1.00 26.38 ? 397 HOH A O   1 
HETATM 1071 O O   . HOH C 3 .   ? 9.578   8.779   -11.383 1.00 25.58 ? 398 HOH A O   1 
HETATM 1072 O O   . HOH C 3 .   ? 5.961   6.217   -13.263 1.00 35.25 ? 399 HOH A O   1 
HETATM 1073 O O   . HOH C 3 .   ? 17.503  6.413   5.065   1.00 34.22 ? 400 HOH A O   1 
HETATM 1074 O O   . HOH C 3 .   ? 1.234   9.896   -15.027 1.00 34.69 ? 401 HOH A O   1 
HETATM 1075 O O   . HOH C 3 .   ? 16.486  -2.513  3.088   1.00 29.50 ? 402 HOH A O   1 
HETATM 1076 O O   . HOH C 3 .   ? 19.690  3.523   1.367   1.00 22.79 ? 403 HOH A O   1 
HETATM 1077 O O   . HOH C 3 .   ? 15.660  8.640   4.891   1.00 40.96 ? 404 HOH A O   1 
HETATM 1078 O O   . HOH C 3 .   ? -10.537 2.765   9.896   1.00 31.93 ? 405 HOH A O   1 
HETATM 1079 O O   . HOH C 3 .   ? 21.757  9.974   -0.722  1.00 31.26 ? 406 HOH A O   1 
HETATM 1080 O O   . HOH C 3 .   ? 7.651   6.441   14.238  1.00 31.71 ? 407 HOH A O   1 
HETATM 1081 O O   . HOH C 3 .   ? -1.975  -5.424  -13.506 1.00 36.33 ? 408 HOH A O   1 
HETATM 1082 O O   . HOH C 3 .   ? -19.761 -12.064 11.964  1.00 41.41 ? 409 HOH A O   1 
HETATM 1083 O O   . HOH C 3 .   ? 0.284   -11.295 -6.025  1.00 48.00 ? 410 HOH A O   1 
HETATM 1084 O O   . HOH C 3 .   ? -5.630  -4.195  13.853  1.00 36.60 ? 411 HOH A O   1 
HETATM 1085 O O   . HOH C 3 .   ? 13.935  -5.005  9.564   1.00 51.10 ? 412 HOH A O   1 
HETATM 1086 O O   . HOH C 3 .   ? -15.251 4.704   4.142   1.00 30.97 ? 413 HOH A O   1 
HETATM 1087 O O   . HOH C 3 .   ? 14.738  -2.928  -3.455  1.00 46.32 ? 414 HOH A O   1 
HETATM 1088 O O   . HOH C 3 .   ? -13.649 -14.650 -1.478  1.00 65.90 ? 415 HOH A O   1 
HETATM 1089 O O   . HOH C 3 .   ? -7.225  -12.429 -6.153  1.00 36.19 ? 416 HOH A O   1 
HETATM 1090 O O   . HOH C 3 .   ? -1.798  -4.265  13.120  1.00 32.04 ? 417 HOH A O   1 
HETATM 1091 O O   . HOH C 3 .   ? -2.963  -12.966 -0.941  1.00 27.22 ? 418 HOH A O   1 
HETATM 1092 O O   . HOH C 3 .   ? 21.806  7.202   -9.791  1.00 26.30 ? 419 HOH A O   1 
HETATM 1093 O O   . HOH C 3 .   ? -7.374  0.157   10.766  1.00 28.93 ? 420 HOH A O   1 
HETATM 1094 O O   . HOH C 3 .   ? -4.477  8.015   6.603   1.00 27.55 ? 421 HOH A O   1 
HETATM 1095 O O   . HOH C 3 .   ? -0.317  -7.429  -12.831 1.00 30.67 ? 422 HOH A O   1 
HETATM 1096 O O   . HOH C 3 .   ? -3.052  -0.169  11.895  1.00 35.18 ? 423 HOH A O   1 
HETATM 1097 O O   . HOH C 3 .   ? 9.995   15.728  9.954   1.00 27.50 ? 424 HOH A O   1 
HETATM 1098 O O   . HOH C 3 .   ? 27.651  5.821   -5.481  1.00 42.81 ? 425 HOH A O   1 
HETATM 1099 O O   . HOH C 3 .   ? 5.092   6.396   12.953  1.00 32.16 ? 426 HOH A O   1 
HETATM 1100 O O   . HOH C 3 .   ? -3.329  10.245  5.620   1.00 40.92 ? 427 HOH A O   1 
HETATM 1101 O O   . HOH C 3 .   ? -5.901  -14.608 -4.239  1.00 33.57 ? 428 HOH A O   1 
HETATM 1102 O O   . HOH C 3 .   ? 10.028  13.574  5.203   1.00 35.17 ? 429 HOH A O   1 
HETATM 1103 O O   . HOH C 3 .   ? -4.853  0.981   10.180  1.00 23.06 ? 430 HOH A O   1 
HETATM 1104 O O   . HOH C 3 .   ? 22.782  9.994   4.146   1.00 38.54 ? 431 HOH A O   1 
HETATM 1105 O O   . HOH C 3 .   ? 25.382  8.334   -12.698 1.00 45.48 ? 432 HOH A O   1 
HETATM 1106 O O   . HOH C 3 .   ? 8.158   14.138  -0.347  1.00 39.18 ? 433 HOH A O   1 
HETATM 1107 O O   . HOH C 3 .   ? -20.683 -1.581  -5.133  1.00 40.03 ? 434 HOH A O   1 
HETATM 1108 O O   . HOH C 3 .   ? -9.506  -4.794  -16.021 1.00 42.54 ? 435 HOH A O   1 
# 
loop_
_pdbx_poly_seq_scheme.asym_id 
_pdbx_poly_seq_scheme.entity_id 
_pdbx_poly_seq_scheme.seq_id 
_pdbx_poly_seq_scheme.mon_id 
_pdbx_poly_seq_scheme.ndb_seq_num 
_pdbx_poly_seq_scheme.pdb_seq_num 
_pdbx_poly_seq_scheme.auth_seq_num 
_pdbx_poly_seq_scheme.pdb_mon_id 
_pdbx_poly_seq_scheme.auth_mon_id 
_pdbx_poly_seq_scheme.pdb_strand_id 
_pdbx_poly_seq_scheme.pdb_ins_code 
_pdbx_poly_seq_scheme.hetero 
A 1 1   SER 1   41  ?   ?   ?   A . n 
A 1 2   ASN 2   42  ?   ?   ?   A . n 
A 1 3   ALA 3   43  ?   ?   ?   A . n 
A 1 4   ASN 4   44  ?   ?   ?   A . n 
A 1 5   PRO 5   45  ?   ?   ?   A . n 
A 1 6   PRO 6   46  ?   ?   ?   A . n 
A 1 7   PRO 7   47  ?   ?   ?   A . n 
A 1 8   PRO 8   48  ?   ?   ?   A . n 
A 1 9   GLU 9   49  ?   ?   ?   A . n 
A 1 10  THR 10  50  ?   ?   ?   A . n 
A 1 11  SER 11  51  ?   ?   ?   A . n 
A 1 12  ASN 12  52  ?   ?   ?   A . n 
A 1 13  PRO 13  53  ?   ?   ?   A . n 
A 1 14  ASN 14  54  ?   ?   ?   A . n 
A 1 15  LYS 15  55  ?   ?   ?   A . n 
A 1 16  PRO 16  56  ?   ?   ?   A . n 
A 1 17  LYS 17  57  ?   ?   ?   A . n 
A 1 18  ARG 18  58  58  ARG ARG A . n 
A 1 19  GLN 19  59  59  GLN GLN A . n 
A 1 20  THR 20  60  60  THR THR A . n 
A 1 21  ASN 21  61  61  ASN ASN A . n 
A 1 22  GLN 22  62  62  GLN GLN A . n 
A 1 23  LEU 23  63  63  LEU LEU A . n 
A 1 24  GLN 24  64  64  GLN GLN A . n 
A 1 25  TYR 25  65  65  TYR TYR A . n 
A 1 26  LEU 26  66  66  LEU LEU A . n 
A 1 27  LEU 27  67  67  LEU LEU A . n 
A 1 28  ARG 28  68  68  ARG ARG A . n 
A 1 29  VAL 29  69  69  VAL VAL A . n 
A 1 30  VAL 30  70  70  VAL VAL A . n 
A 1 31  LEU 31  71  71  LEU LEU A . n 
A 1 32  LYS 32  72  72  LYS LYS A . n 
A 1 33  THR 33  73  73  THR THR A . n 
A 1 34  LEU 34  74  74  LEU LEU A . n 
A 1 35  TRP 35  75  75  TRP TRP A . n 
A 1 36  LYS 36  76  76  LYS LYS A . n 
A 1 37  HIS 37  77  77  HIS HIS A . n 
A 1 38  GLN 38  78  78  GLN GLN A . n 
A 1 39  PHE 39  79  79  PHE PHE A . n 
A 1 40  ALA 40  80  80  ALA ALA A . n 
A 1 41  TRP 41  81  81  TRP TRP A . n 
A 1 42  PRO 42  82  82  PRO PRO A . n 
A 1 43  PHE 43  83  83  PHE PHE A . n 
A 1 44  GLN 44  84  84  GLN GLN A . n 
A 1 45  GLN 45  85  85  GLN GLN A . n 
A 1 46  PRO 46  86  86  PRO PRO A . n 
A 1 47  VAL 47  87  87  VAL VAL A . n 
A 1 48  ASP 48  88  88  ASP ASP A . n 
A 1 49  ALA 49  89  89  ALA ALA A . n 
A 1 50  VAL 50  90  90  VAL VAL A . n 
A 1 51  LYS 51  91  91  LYS LYS A . n 
A 1 52  LEU 52  92  92  LEU LEU A . n 
A 1 53  ASN 53  93  93  ASN ASN A . n 
A 1 54  LEU 54  94  94  LEU LEU A . n 
A 1 55  PRO 55  95  95  PRO PRO A . n 
A 1 56  ASP 56  96  96  ASP ASP A . n 
A 1 57  TYR 57  97  97  TYR TYR A . n 
A 1 58  TYR 58  98  98  TYR TYR A . n 
A 1 59  LYS 59  99  99  LYS LYS A . n 
A 1 60  ILE 60  100 100 ILE ILE A . n 
A 1 61  ILE 61  101 101 ILE ILE A . n 
A 1 62  LYS 62  102 102 LYS LYS A . n 
A 1 63  THR 63  103 103 THR THR A . n 
A 1 64  PRO 64  104 104 PRO PRO A . n 
A 1 65  MET 65  105 105 MET MET A . n 
A 1 66  ASP 66  106 106 ASP ASP A . n 
A 1 67  MET 67  107 107 MET MET A . n 
A 1 68  GLY 68  108 108 GLY GLY A . n 
A 1 69  THR 69  109 109 THR THR A . n 
A 1 70  ILE 70  110 110 ILE ILE A . n 
A 1 71  LYS 71  111 111 LYS LYS A . n 
A 1 72  LYS 72  112 112 LYS LYS A . n 
A 1 73  ARG 73  113 113 ARG ARG A . n 
A 1 74  LEU 74  114 114 LEU LEU A . n 
A 1 75  GLU 75  115 115 GLU GLU A . n 
A 1 76  ASN 76  116 116 ASN ASN A . n 
A 1 77  ASN 77  117 117 ASN ASN A . n 
A 1 78  TYR 78  118 118 TYR TYR A . n 
A 1 79  TYR 79  119 119 TYR TYR A . n 
A 1 80  TRP 80  120 120 TRP TRP A . n 
A 1 81  ASN 81  121 121 ASN ASN A . n 
A 1 82  ALA 82  122 122 ALA ALA A . n 
A 1 83  GLN 83  123 123 GLN GLN A . n 
A 1 84  GLU 84  124 124 GLU GLU A . n 
A 1 85  CYS 85  125 125 CYS CYS A . n 
A 1 86  ILE 86  126 126 ILE ILE A . n 
A 1 87  GLN 87  127 127 GLN GLN A . n 
A 1 88  ASP 88  128 128 ASP ASP A . n 
A 1 89  PHE 89  129 129 PHE PHE A . n 
A 1 90  ASN 90  130 130 ASN ASN A . n 
A 1 91  THR 91  131 131 THR THR A . n 
A 1 92  MET 92  132 132 MET MET A . n 
A 1 93  PHE 93  133 133 PHE PHE A . n 
A 1 94  THR 94  134 134 THR THR A . n 
A 1 95  ASN 95  135 135 ASN ASN A . n 
A 1 96  CYS 96  136 136 CYS CYS A . n 
A 1 97  TYR 97  137 137 TYR TYR A . n 
A 1 98  ILE 98  138 138 ILE ILE A . n 
A 1 99  TYR 99  139 139 TYR TYR A . n 
A 1 100 ASN 100 140 140 ASN ASN A . n 
A 1 101 LYS 101 141 141 LYS LYS A . n 
A 1 102 PRO 102 142 142 PRO PRO A . n 
A 1 103 GLY 103 143 143 GLY GLY A . n 
A 1 104 ASP 104 144 144 ASP ASP A . n 
A 1 105 ASP 105 145 145 ASP ASP A . n 
A 1 106 ILE 106 146 146 ILE ILE A . n 
A 1 107 VAL 107 147 147 VAL VAL A . n 
A 1 108 LEU 108 148 148 LEU LEU A . n 
A 1 109 MET 109 149 149 MET MET A . n 
A 1 110 ALA 110 150 150 ALA ALA A . n 
A 1 111 GLU 111 151 151 GLU GLU A . n 
A 1 112 ALA 112 152 152 ALA ALA A . n 
A 1 113 LEU 113 153 153 LEU LEU A . n 
A 1 114 GLU 114 154 154 GLU GLU A . n 
A 1 115 LYS 115 155 155 LYS LYS A . n 
A 1 116 LEU 116 156 156 LEU LEU A . n 
A 1 117 PHE 117 157 157 PHE PHE A . n 
A 1 118 LEU 118 158 158 LEU LEU A . n 
A 1 119 GLN 119 159 159 GLN GLN A . n 
A 1 120 LYS 120 160 160 LYS LYS A . n 
A 1 121 ILE 121 161 161 ILE ILE A . n 
A 1 122 ASN 122 162 162 ASN ASN A . n 
A 1 123 GLU 123 163 163 GLU GLU A . n 
A 1 124 LEU 124 164 164 LEU LEU A . n 
A 1 125 PRO 125 165 165 PRO PRO A . n 
# 
loop_
_pdbx_nonpoly_scheme.asym_id 
_pdbx_nonpoly_scheme.entity_id 
_pdbx_nonpoly_scheme.mon_id 
_pdbx_nonpoly_scheme.ndb_seq_num 
_pdbx_nonpoly_scheme.pdb_seq_num 
_pdbx_nonpoly_scheme.auth_seq_num 
_pdbx_nonpoly_scheme.pdb_mon_id 
_pdbx_nonpoly_scheme.auth_mon_id 
_pdbx_nonpoly_scheme.pdb_strand_id 
_pdbx_nonpoly_scheme.pdb_ins_code 
B 2 EO4 1   201 1   EO4 C53 A . 
C 3 HOH 1   301 7   HOH HOH A . 
C 3 HOH 2   302 103 HOH HOH A . 
C 3 HOH 3   303 98  HOH HOH A . 
C 3 HOH 4   304 25  HOH HOH A . 
C 3 HOH 5   305 97  HOH HOH A . 
C 3 HOH 6   306 2   HOH HOH A . 
C 3 HOH 7   307 86  HOH HOH A . 
C 3 HOH 8   308 43  HOH HOH A . 
C 3 HOH 9   309 59  HOH HOH A . 
C 3 HOH 10  310 94  HOH HOH A . 
C 3 HOH 11  311 108 HOH HOH A . 
C 3 HOH 12  312 104 HOH HOH A . 
C 3 HOH 13  313 75  HOH HOH A . 
C 3 HOH 14  314 1   HOH HOH A . 
C 3 HOH 15  315 111 HOH HOH A . 
C 3 HOH 16  316 14  HOH HOH A . 
C 3 HOH 17  317 57  HOH HOH A . 
C 3 HOH 18  318 69  HOH HOH A . 
C 3 HOH 19  319 109 HOH HOH A . 
C 3 HOH 20  320 80  HOH HOH A . 
C 3 HOH 21  321 107 HOH HOH A . 
C 3 HOH 22  322 23  HOH HOH A . 
C 3 HOH 23  323 5   HOH HOH A . 
C 3 HOH 24  324 26  HOH HOH A . 
C 3 HOH 25  325 92  HOH HOH A . 
C 3 HOH 26  326 90  HOH HOH A . 
C 3 HOH 27  327 73  HOH HOH A . 
C 3 HOH 28  328 67  HOH HOH A . 
C 3 HOH 29  329 6   HOH HOH A . 
C 3 HOH 30  330 119 HOH HOH A . 
C 3 HOH 31  331 123 HOH HOH A . 
C 3 HOH 32  332 81  HOH HOH A . 
C 3 HOH 33  333 63  HOH HOH A . 
C 3 HOH 34  334 44  HOH HOH A . 
C 3 HOH 35  335 29  HOH HOH A . 
C 3 HOH 36  336 65  HOH HOH A . 
C 3 HOH 37  337 38  HOH HOH A . 
C 3 HOH 38  338 84  HOH HOH A . 
C 3 HOH 39  339 102 HOH HOH A . 
C 3 HOH 40  340 19  HOH HOH A . 
C 3 HOH 41  341 11  HOH HOH A . 
C 3 HOH 42  342 12  HOH HOH A . 
C 3 HOH 43  343 71  HOH HOH A . 
C 3 HOH 44  344 72  HOH HOH A . 
C 3 HOH 45  345 133 HOH HOH A . 
C 3 HOH 46  346 127 HOH HOH A . 
C 3 HOH 47  347 101 HOH HOH A . 
C 3 HOH 48  348 53  HOH HOH A . 
C 3 HOH 49  349 3   HOH HOH A . 
C 3 HOH 50  350 22  HOH HOH A . 
C 3 HOH 51  351 9   HOH HOH A . 
C 3 HOH 52  352 36  HOH HOH A . 
C 3 HOH 53  353 56  HOH HOH A . 
C 3 HOH 54  354 68  HOH HOH A . 
C 3 HOH 55  355 83  HOH HOH A . 
C 3 HOH 56  356 45  HOH HOH A . 
C 3 HOH 57  357 32  HOH HOH A . 
C 3 HOH 58  358 121 HOH HOH A . 
C 3 HOH 59  359 85  HOH HOH A . 
C 3 HOH 60  360 21  HOH HOH A . 
C 3 HOH 61  361 13  HOH HOH A . 
C 3 HOH 62  362 70  HOH HOH A . 
C 3 HOH 63  363 74  HOH HOH A . 
C 3 HOH 64  364 62  HOH HOH A . 
C 3 HOH 65  365 52  HOH HOH A . 
C 3 HOH 66  366 117 HOH HOH A . 
C 3 HOH 67  367 28  HOH HOH A . 
C 3 HOH 68  368 33  HOH HOH A . 
C 3 HOH 69  369 112 HOH HOH A . 
C 3 HOH 70  370 15  HOH HOH A . 
C 3 HOH 71  371 113 HOH HOH A . 
C 3 HOH 72  372 8   HOH HOH A . 
C 3 HOH 73  373 18  HOH HOH A . 
C 3 HOH 74  374 122 HOH HOH A . 
C 3 HOH 75  375 27  HOH HOH A . 
C 3 HOH 76  376 118 HOH HOH A . 
C 3 HOH 77  377 55  HOH HOH A . 
C 3 HOH 78  378 61  HOH HOH A . 
C 3 HOH 79  379 96  HOH HOH A . 
C 3 HOH 80  380 77  HOH HOH A . 
C 3 HOH 81  381 4   HOH HOH A . 
C 3 HOH 82  382 40  HOH HOH A . 
C 3 HOH 83  383 132 HOH HOH A . 
C 3 HOH 84  384 95  HOH HOH A . 
C 3 HOH 85  385 46  HOH HOH A . 
C 3 HOH 86  386 16  HOH HOH A . 
C 3 HOH 87  387 105 HOH HOH A . 
C 3 HOH 88  388 47  HOH HOH A . 
C 3 HOH 89  389 41  HOH HOH A . 
C 3 HOH 90  390 24  HOH HOH A . 
C 3 HOH 91  391 82  HOH HOH A . 
C 3 HOH 92  392 78  HOH HOH A . 
C 3 HOH 93  393 17  HOH HOH A . 
C 3 HOH 94  394 10  HOH HOH A . 
C 3 HOH 95  395 31  HOH HOH A . 
C 3 HOH 96  396 35  HOH HOH A . 
C 3 HOH 97  397 49  HOH HOH A . 
C 3 HOH 98  398 42  HOH HOH A . 
C 3 HOH 99  399 116 HOH HOH A . 
C 3 HOH 100 400 58  HOH HOH A . 
C 3 HOH 101 401 106 HOH HOH A . 
C 3 HOH 102 402 37  HOH HOH A . 
C 3 HOH 103 403 30  HOH HOH A . 
C 3 HOH 104 404 93  HOH HOH A . 
C 3 HOH 105 405 88  HOH HOH A . 
C 3 HOH 106 406 50  HOH HOH A . 
C 3 HOH 107 407 114 HOH HOH A . 
C 3 HOH 108 408 66  HOH HOH A . 
C 3 HOH 109 409 76  HOH HOH A . 
C 3 HOH 110 410 124 HOH HOH A . 
C 3 HOH 111 411 131 HOH HOH A . 
C 3 HOH 112 412 87  HOH HOH A . 
C 3 HOH 113 413 130 HOH HOH A . 
C 3 HOH 114 414 89  HOH HOH A . 
C 3 HOH 115 415 134 HOH HOH A . 
C 3 HOH 116 416 60  HOH HOH A . 
C 3 HOH 117 417 91  HOH HOH A . 
C 3 HOH 118 418 51  HOH HOH A . 
C 3 HOH 119 419 110 HOH HOH A . 
C 3 HOH 120 420 48  HOH HOH A . 
C 3 HOH 121 421 34  HOH HOH A . 
C 3 HOH 122 422 129 HOH HOH A . 
C 3 HOH 123 423 115 HOH HOH A . 
C 3 HOH 124 424 79  HOH HOH A . 
C 3 HOH 125 425 120 HOH HOH A . 
C 3 HOH 126 426 20  HOH HOH A . 
C 3 HOH 127 427 125 HOH HOH A . 
C 3 HOH 128 428 64  HOH HOH A . 
C 3 HOH 129 429 54  HOH HOH A . 
C 3 HOH 130 430 39  HOH HOH A . 
C 3 HOH 131 431 100 HOH HOH A . 
C 3 HOH 132 432 128 HOH HOH A . 
C 3 HOH 133 433 135 HOH HOH A . 
C 3 HOH 134 434 126 HOH HOH A . 
C 3 HOH 135 435 99  HOH HOH A . 
# 
_pdbx_struct_assembly.id                   1 
_pdbx_struct_assembly.details              author_and_software_defined_assembly 
_pdbx_struct_assembly.method_details       PISA 
_pdbx_struct_assembly.oligomeric_details   monomeric 
_pdbx_struct_assembly.oligomeric_count     1 
# 
_pdbx_struct_assembly_gen.assembly_id       1 
_pdbx_struct_assembly_gen.oper_expression   1 
_pdbx_struct_assembly_gen.asym_id_list      A,B,C 
# 
_pdbx_struct_oper_list.id                   1 
_pdbx_struct_oper_list.type                 'identity operation' 
_pdbx_struct_oper_list.name                 1_555 
_pdbx_struct_oper_list.symmetry_operation   x,y,z 
_pdbx_struct_oper_list.matrix[1][1]         1.0000000000 
_pdbx_struct_oper_list.matrix[1][2]         0.0000000000 
_pdbx_struct_oper_list.matrix[1][3]         0.0000000000 
_pdbx_struct_oper_list.vector[1]            0.0000000000 
_pdbx_struct_oper_list.matrix[2][1]         0.0000000000 
_pdbx_struct_oper_list.matrix[2][2]         1.0000000000 
_pdbx_struct_oper_list.matrix[2][3]         0.0000000000 
_pdbx_struct_oper_list.vector[2]            0.0000000000 
_pdbx_struct_oper_list.matrix[3][1]         0.0000000000 
_pdbx_struct_oper_list.matrix[3][2]         0.0000000000 
_pdbx_struct_oper_list.matrix[3][3]         1.0000000000 
_pdbx_struct_oper_list.vector[3]            0.0000000000 
# 
loop_
_pdbx_audit_revision_history.ordinal 
_pdbx_audit_revision_history.data_content_type 
_pdbx_audit_revision_history.major_revision 
_pdbx_audit_revision_history.minor_revision 
_pdbx_audit_revision_history.revision_date 
1 'Structure model' 1 0 2018-08-01 
2 'Structure model' 1 1 2018-08-08 
3 'Structure model' 1 2 2023-10-04 
# 
_pdbx_audit_revision_details.ordinal             1 
_pdbx_audit_revision_details.revision_ordinal    1 
_pdbx_audit_revision_details.data_content_type   'Structure model' 
_pdbx_audit_revision_details.provider            repository 
_pdbx_audit_revision_details.type                'Initial release' 
_pdbx_audit_revision_details.description         ? 
_pdbx_audit_revision_details.details             ? 
# 
loop_
_pdbx_audit_revision_group.ordinal 
_pdbx_audit_revision_group.revision_ordinal 
_pdbx_audit_revision_group.data_content_type 
_pdbx_audit_revision_group.group 
1 2 'Structure model' 'Data collection'        
2 2 'Structure model' 'Database references'    
3 3 'Structure model' 'Data collection'        
4 3 'Structure model' 'Database references'    
5 3 'Structure model' 'Refinement description' 
# 
loop_
_pdbx_audit_revision_category.ordinal 
_pdbx_audit_revision_category.revision_ordinal 
_pdbx_audit_revision_category.data_content_type 
_pdbx_audit_revision_category.category 
1 2 'Structure model' citation                      
2 2 'Structure model' citation_author               
3 3 'Structure model' chem_comp_atom                
4 3 'Structure model' chem_comp_bond                
5 3 'Structure model' database_2                    
6 3 'Structure model' pdbx_initial_refinement_model 
# 
loop_
_pdbx_audit_revision_item.ordinal 
_pdbx_audit_revision_item.revision_ordinal 
_pdbx_audit_revision_item.data_content_type 
_pdbx_audit_revision_item.item 
1 2 'Structure model' '_citation.journal_volume'            
2 2 'Structure model' '_citation.page_first'                
3 2 'Structure model' '_citation.page_last'                 
4 2 'Structure model' '_citation_author.identifier_ORCID'   
5 3 'Structure model' '_database_2.pdbx_DOI'                
6 3 'Structure model' '_database_2.pdbx_database_accession' 
# 
loop_
_software.citation_id 
_software.classification 
_software.compiler_name 
_software.compiler_version 
_software.contact_author 
_software.contact_author_email 
_software.date 
_software.description 
_software.dependencies 
_software.hardware 
_software.language 
_software.location 
_software.mods 
_software.name 
_software.os 
_software.os_version 
_software.type 
_software.version 
_software.pdbx_ordinal 
? 'data scaling'    ? ? ? ? ? ? ? ? ? ? ? HKL-2000    ? ? ? .      1 
? refinement        ? ? ? ? ? ? ? ? ? ? ? BUSTER      ? ? ? 2.10.3 2 
? 'data extraction' ? ? ? ? ? ? ? ? ? ? ? PDB_EXTRACT ? ? ? 3.24   3 
? 'data reduction'  ? ? ? ? ? ? ? ? ? ? ? HKL-2000    ? ? ? .      4 
? phasing           ? ? ? ? ? ? ? ? ? ? ? PHASER      ? ? ? .      5 
# 
_pdbx_distant_solvent_atoms.id                                1 
_pdbx_distant_solvent_atoms.PDB_model_num                     1 
_pdbx_distant_solvent_atoms.auth_atom_id                      O 
_pdbx_distant_solvent_atoms.label_alt_id                      ? 
_pdbx_distant_solvent_atoms.auth_asym_id                      A 
_pdbx_distant_solvent_atoms.auth_comp_id                      HOH 
_pdbx_distant_solvent_atoms.auth_seq_id                       435 
_pdbx_distant_solvent_atoms.PDB_ins_code                      ? 
_pdbx_distant_solvent_atoms.neighbor_macromolecule_distance   6.41 
_pdbx_distant_solvent_atoms.neighbor_ligand_distance          . 
# 
loop_
_pdbx_unobs_or_zero_occ_atoms.id 
_pdbx_unobs_or_zero_occ_atoms.PDB_model_num 
_pdbx_unobs_or_zero_occ_atoms.polymer_flag 
_pdbx_unobs_or_zero_occ_atoms.occupancy_flag 
_pdbx_unobs_or_zero_occ_atoms.auth_asym_id 
_pdbx_unobs_or_zero_occ_atoms.auth_comp_id 
_pdbx_unobs_or_zero_occ_atoms.auth_seq_id 
_pdbx_unobs_or_zero_occ_atoms.PDB_ins_code 
_pdbx_unobs_or_zero_occ_atoms.auth_atom_id 
_pdbx_unobs_or_zero_occ_atoms.label_alt_id 
_pdbx_unobs_or_zero_occ_atoms.label_asym_id 
_pdbx_unobs_or_zero_occ_atoms.label_comp_id 
_pdbx_unobs_or_zero_occ_atoms.label_seq_id 
_pdbx_unobs_or_zero_occ_atoms.label_atom_id 
1 1 Y 1 A LYS 141 ? CG ? A LYS 101 CG 
2 1 Y 1 A LYS 141 ? CD ? A LYS 101 CD 
3 1 Y 1 A LYS 141 ? CE ? A LYS 101 CE 
4 1 Y 1 A LYS 141 ? NZ ? A LYS 101 NZ 
# 
loop_
_pdbx_unobs_or_zero_occ_residues.id 
_pdbx_unobs_or_zero_occ_residues.PDB_model_num 
_pdbx_unobs_or_zero_occ_residues.polymer_flag 
_pdbx_unobs_or_zero_occ_residues.occupancy_flag 
_pdbx_unobs_or_zero_occ_residues.auth_asym_id 
_pdbx_unobs_or_zero_occ_residues.auth_comp_id 
_pdbx_unobs_or_zero_occ_residues.auth_seq_id 
_pdbx_unobs_or_zero_occ_residues.PDB_ins_code 
_pdbx_unobs_or_zero_occ_residues.label_asym_id 
_pdbx_unobs_or_zero_occ_residues.label_comp_id 
_pdbx_unobs_or_zero_occ_residues.label_seq_id 
1  1 Y 1 A SER 41 ? A SER 1  
2  1 Y 1 A ASN 42 ? A ASN 2  
3  1 Y 1 A ALA 43 ? A ALA 3  
4  1 Y 1 A ASN 44 ? A ASN 4  
5  1 Y 1 A PRO 45 ? A PRO 5  
6  1 Y 1 A PRO 46 ? A PRO 6  
7  1 Y 1 A PRO 47 ? A PRO 7  
8  1 Y 1 A PRO 48 ? A PRO 8  
9  1 Y 1 A GLU 49 ? A GLU 9  
10 1 Y 1 A THR 50 ? A THR 10 
11 1 Y 1 A SER 51 ? A SER 11 
12 1 Y 1 A ASN 52 ? A ASN 12 
13 1 Y 1 A PRO 53 ? A PRO 13 
14 1 Y 1 A ASN 54 ? A ASN 14 
15 1 Y 1 A LYS 55 ? A LYS 15 
16 1 Y 1 A PRO 56 ? A PRO 16 
17 1 Y 1 A LYS 57 ? A LYS 17 
# 
loop_
_chem_comp_atom.comp_id 
_chem_comp_atom.atom_id 
_chem_comp_atom.type_symbol 
_chem_comp_atom.pdbx_aromatic_flag 
_chem_comp_atom.pdbx_stereo_config 
_chem_comp_atom.pdbx_ordinal 
ALA N    N N N 1   
ALA CA   C N S 2   
ALA C    C N N 3   
ALA O    O N N 4   
ALA CB   C N N 5   
ALA OXT  O N N 6   
ALA H    H N N 7   
ALA H2   H N N 8   
ALA HA   H N N 9   
ALA HB1  H N N 10  
ALA HB2  H N N 11  
ALA HB3  H N N 12  
ALA HXT  H N N 13  
ARG N    N N N 14  
ARG CA   C N S 15  
ARG C    C N N 16  
ARG O    O N N 17  
ARG CB   C N N 18  
ARG CG   C N N 19  
ARG CD   C N N 20  
ARG NE   N N N 21  
ARG CZ   C N N 22  
ARG NH1  N N N 23  
ARG NH2  N N N 24  
ARG OXT  O N N 25  
ARG H    H N N 26  
ARG H2   H N N 27  
ARG HA   H N N 28  
ARG HB2  H N N 29  
ARG HB3  H N N 30  
ARG HG2  H N N 31  
ARG HG3  H N N 32  
ARG HD2  H N N 33  
ARG HD3  H N N 34  
ARG HE   H N N 35  
ARG HH11 H N N 36  
ARG HH12 H N N 37  
ARG HH21 H N N 38  
ARG HH22 H N N 39  
ARG HXT  H N N 40  
ASN N    N N N 41  
ASN CA   C N S 42  
ASN C    C N N 43  
ASN O    O N N 44  
ASN CB   C N N 45  
ASN CG   C N N 46  
ASN OD1  O N N 47  
ASN ND2  N N N 48  
ASN OXT  O N N 49  
ASN H    H N N 50  
ASN H2   H N N 51  
ASN HA   H N N 52  
ASN HB2  H N N 53  
ASN HB3  H N N 54  
ASN HD21 H N N 55  
ASN HD22 H N N 56  
ASN HXT  H N N 57  
ASP N    N N N 58  
ASP CA   C N S 59  
ASP C    C N N 60  
ASP O    O N N 61  
ASP CB   C N N 62  
ASP CG   C N N 63  
ASP OD1  O N N 64  
ASP OD2  O N N 65  
ASP OXT  O N N 66  
ASP H    H N N 67  
ASP H2   H N N 68  
ASP HA   H N N 69  
ASP HB2  H N N 70  
ASP HB3  H N N 71  
ASP HD2  H N N 72  
ASP HXT  H N N 73  
CYS N    N N N 74  
CYS CA   C N R 75  
CYS C    C N N 76  
CYS O    O N N 77  
CYS CB   C N N 78  
CYS SG   S N N 79  
CYS OXT  O N N 80  
CYS H    H N N 81  
CYS H2   H N N 82  
CYS HA   H N N 83  
CYS HB2  H N N 84  
CYS HB3  H N N 85  
CYS HG   H N N 86  
CYS HXT  H N N 87  
EO4 C2   C Y N 88  
EO4 C3   C Y N 89  
EO4 C4   C Y N 90  
EO4 C5   C N N 91  
EO4 N1   N N N 92  
EO4 C1   C Y N 93  
EO4 C6   C Y N 94  
EO4 C7   C Y N 95  
EO4 C8   C Y N 96  
EO4 O1   O Y N 97  
EO4 N2   N Y N 98  
EO4 C9   C Y N 99  
EO4 N3   N Y N 100 
EO4 C23  C N N 101 
EO4 C22  C Y N 102 
EO4 N6   N Y N 103 
EO4 C    C N N 104 
EO4 C21  C Y N 105 
EO4 N    N Y N 106 
EO4 N5   N Y N 107 
EO4 C19  C Y N 108 
EO4 C20  C N N 109 
EO4 N4   N Y N 110 
EO4 C11  C Y N 111 
EO4 C10  C Y N 112 
EO4 O    O N N 113 
EO4 C12  C Y N 114 
EO4 C18  C N N 115 
EO4 C14  C Y N 116 
EO4 C13  C Y N 117 
EO4 C15  C N N 118 
EO4 C17  C N N 119 
EO4 C16  C N N 120 
EO4 H1   H N N 121 
EO4 H2   H N N 122 
EO4 H3   H N N 123 
EO4 H4   H N N 124 
EO4 H5   H N N 125 
EO4 H6   H N N 126 
EO4 H7   H N N 127 
EO4 H8   H N N 128 
EO4 H9   H N N 129 
EO4 H10  H N N 130 
EO4 H11  H N N 131 
EO4 H12  H N N 132 
EO4 H13  H N N 133 
EO4 H14  H N N 134 
EO4 H15  H N N 135 
EO4 H16  H N N 136 
EO4 H17  H N N 137 
EO4 H18  H N N 138 
EO4 H19  H N N 139 
EO4 H20  H N N 140 
EO4 H21  H N N 141 
EO4 H22  H N N 142 
EO4 H23  H N N 143 
EO4 H24  H N N 144 
EO4 H25  H N N 145 
GLN N    N N N 146 
GLN CA   C N S 147 
GLN C    C N N 148 
GLN O    O N N 149 
GLN CB   C N N 150 
GLN CG   C N N 151 
GLN CD   C N N 152 
GLN OE1  O N N 153 
GLN NE2  N N N 154 
GLN OXT  O N N 155 
GLN H    H N N 156 
GLN H2   H N N 157 
GLN HA   H N N 158 
GLN HB2  H N N 159 
GLN HB3  H N N 160 
GLN HG2  H N N 161 
GLN HG3  H N N 162 
GLN HE21 H N N 163 
GLN HE22 H N N 164 
GLN HXT  H N N 165 
GLU N    N N N 166 
GLU CA   C N S 167 
GLU C    C N N 168 
GLU O    O N N 169 
GLU CB   C N N 170 
GLU CG   C N N 171 
GLU CD   C N N 172 
GLU OE1  O N N 173 
GLU OE2  O N N 174 
GLU OXT  O N N 175 
GLU H    H N N 176 
GLU H2   H N N 177 
GLU HA   H N N 178 
GLU HB2  H N N 179 
GLU HB3  H N N 180 
GLU HG2  H N N 181 
GLU HG3  H N N 182 
GLU HE2  H N N 183 
GLU HXT  H N N 184 
GLY N    N N N 185 
GLY CA   C N N 186 
GLY C    C N N 187 
GLY O    O N N 188 
GLY OXT  O N N 189 
GLY H    H N N 190 
GLY H2   H N N 191 
GLY HA2  H N N 192 
GLY HA3  H N N 193 
GLY HXT  H N N 194 
HIS N    N N N 195 
HIS CA   C N S 196 
HIS C    C N N 197 
HIS O    O N N 198 
HIS CB   C N N 199 
HIS CG   C Y N 200 
HIS ND1  N Y N 201 
HIS CD2  C Y N 202 
HIS CE1  C Y N 203 
HIS NE2  N Y N 204 
HIS OXT  O N N 205 
HIS H    H N N 206 
HIS H2   H N N 207 
HIS HA   H N N 208 
HIS HB2  H N N 209 
HIS HB3  H N N 210 
HIS HD1  H N N 211 
HIS HD2  H N N 212 
HIS HE1  H N N 213 
HIS HE2  H N N 214 
HIS HXT  H N N 215 
HOH O    O N N 216 
HOH H1   H N N 217 
HOH H2   H N N 218 
ILE N    N N N 219 
ILE CA   C N S 220 
ILE C    C N N 221 
ILE O    O N N 222 
ILE CB   C N S 223 
ILE CG1  C N N 224 
ILE CG2  C N N 225 
ILE CD1  C N N 226 
ILE OXT  O N N 227 
ILE H    H N N 228 
ILE H2   H N N 229 
ILE HA   H N N 230 
ILE HB   H N N 231 
ILE HG12 H N N 232 
ILE HG13 H N N 233 
ILE HG21 H N N 234 
ILE HG22 H N N 235 
ILE HG23 H N N 236 
ILE HD11 H N N 237 
ILE HD12 H N N 238 
ILE HD13 H N N 239 
ILE HXT  H N N 240 
LEU N    N N N 241 
LEU CA   C N S 242 
LEU C    C N N 243 
LEU O    O N N 244 
LEU CB   C N N 245 
LEU CG   C N N 246 
LEU CD1  C N N 247 
LEU CD2  C N N 248 
LEU OXT  O N N 249 
LEU H    H N N 250 
LEU H2   H N N 251 
LEU HA   H N N 252 
LEU HB2  H N N 253 
LEU HB3  H N N 254 
LEU HG   H N N 255 
LEU HD11 H N N 256 
LEU HD12 H N N 257 
LEU HD13 H N N 258 
LEU HD21 H N N 259 
LEU HD22 H N N 260 
LEU HD23 H N N 261 
LEU HXT  H N N 262 
LYS N    N N N 263 
LYS CA   C N S 264 
LYS C    C N N 265 
LYS O    O N N 266 
LYS CB   C N N 267 
LYS CG   C N N 268 
LYS CD   C N N 269 
LYS CE   C N N 270 
LYS NZ   N N N 271 
LYS OXT  O N N 272 
LYS H    H N N 273 
LYS H2   H N N 274 
LYS HA   H N N 275 
LYS HB2  H N N 276 
LYS HB3  H N N 277 
LYS HG2  H N N 278 
LYS HG3  H N N 279 
LYS HD2  H N N 280 
LYS HD3  H N N 281 
LYS HE2  H N N 282 
LYS HE3  H N N 283 
LYS HZ1  H N N 284 
LYS HZ2  H N N 285 
LYS HZ3  H N N 286 
LYS HXT  H N N 287 
MET N    N N N 288 
MET CA   C N S 289 
MET C    C N N 290 
MET O    O N N 291 
MET CB   C N N 292 
MET CG   C N N 293 
MET SD   S N N 294 
MET CE   C N N 295 
MET OXT  O N N 296 
MET H    H N N 297 
MET H2   H N N 298 
MET HA   H N N 299 
MET HB2  H N N 300 
MET HB3  H N N 301 
MET HG2  H N N 302 
MET HG3  H N N 303 
MET HE1  H N N 304 
MET HE2  H N N 305 
MET HE3  H N N 306 
MET HXT  H N N 307 
PHE N    N N N 308 
PHE CA   C N S 309 
PHE C    C N N 310 
PHE O    O N N 311 
PHE CB   C N N 312 
PHE CG   C Y N 313 
PHE CD1  C Y N 314 
PHE CD2  C Y N 315 
PHE CE1  C Y N 316 
PHE CE2  C Y N 317 
PHE CZ   C Y N 318 
PHE OXT  O N N 319 
PHE H    H N N 320 
PHE H2   H N N 321 
PHE HA   H N N 322 
PHE HB2  H N N 323 
PHE HB3  H N N 324 
PHE HD1  H N N 325 
PHE HD2  H N N 326 
PHE HE1  H N N 327 
PHE HE2  H N N 328 
PHE HZ   H N N 329 
PHE HXT  H N N 330 
PRO N    N N N 331 
PRO CA   C N S 332 
PRO C    C N N 333 
PRO O    O N N 334 
PRO CB   C N N 335 
PRO CG   C N N 336 
PRO CD   C N N 337 
PRO OXT  O N N 338 
PRO H    H N N 339 
PRO HA   H N N 340 
PRO HB2  H N N 341 
PRO HB3  H N N 342 
PRO HG2  H N N 343 
PRO HG3  H N N 344 
PRO HD2  H N N 345 
PRO HD3  H N N 346 
PRO HXT  H N N 347 
SER N    N N N 348 
SER CA   C N S 349 
SER C    C N N 350 
SER O    O N N 351 
SER CB   C N N 352 
SER OG   O N N 353 
SER OXT  O N N 354 
SER H    H N N 355 
SER H2   H N N 356 
SER HA   H N N 357 
SER HB2  H N N 358 
SER HB3  H N N 359 
SER HG   H N N 360 
SER HXT  H N N 361 
THR N    N N N 362 
THR CA   C N S 363 
THR C    C N N 364 
THR O    O N N 365 
THR CB   C N R 366 
THR OG1  O N N 367 
THR CG2  C N N 368 
THR OXT  O N N 369 
THR H    H N N 370 
THR H2   H N N 371 
THR HA   H N N 372 
THR HB   H N N 373 
THR HG1  H N N 374 
THR HG21 H N N 375 
THR HG22 H N N 376 
THR HG23 H N N 377 
THR HXT  H N N 378 
TRP N    N N N 379 
TRP CA   C N S 380 
TRP C    C N N 381 
TRP O    O N N 382 
TRP CB   C N N 383 
TRP CG   C Y N 384 
TRP CD1  C Y N 385 
TRP CD2  C Y N 386 
TRP NE1  N Y N 387 
TRP CE2  C Y N 388 
TRP CE3  C Y N 389 
TRP CZ2  C Y N 390 
TRP CZ3  C Y N 391 
TRP CH2  C Y N 392 
TRP OXT  O N N 393 
TRP H    H N N 394 
TRP H2   H N N 395 
TRP HA   H N N 396 
TRP HB2  H N N 397 
TRP HB3  H N N 398 
TRP HD1  H N N 399 
TRP HE1  H N N 400 
TRP HE3  H N N 401 
TRP HZ2  H N N 402 
TRP HZ3  H N N 403 
TRP HH2  H N N 404 
TRP HXT  H N N 405 
TYR N    N N N 406 
TYR CA   C N S 407 
TYR C    C N N 408 
TYR O    O N N 409 
TYR CB   C N N 410 
TYR CG   C Y N 411 
TYR CD1  C Y N 412 
TYR CD2  C Y N 413 
TYR CE1  C Y N 414 
TYR CE2  C Y N 415 
TYR CZ   C Y N 416 
TYR OH   O N N 417 
TYR OXT  O N N 418 
TYR H    H N N 419 
TYR H2   H N N 420 
TYR HA   H N N 421 
TYR HB2  H N N 422 
TYR HB3  H N N 423 
TYR HD1  H N N 424 
TYR HD2  H N N 425 
TYR HE1  H N N 426 
TYR HE2  H N N 427 
TYR HH   H N N 428 
TYR HXT  H N N 429 
VAL N    N N N 430 
VAL CA   C N S 431 
VAL C    C N N 432 
VAL O    O N N 433 
VAL CB   C N N 434 
VAL CG1  C N N 435 
VAL CG2  C N N 436 
VAL OXT  O N N 437 
VAL H    H N N 438 
VAL H2   H N N 439 
VAL HA   H N N 440 
VAL HB   H N N 441 
VAL HG11 H N N 442 
VAL HG12 H N N 443 
VAL HG13 H N N 444 
VAL HG21 H N N 445 
VAL HG22 H N N 446 
VAL HG23 H N N 447 
VAL HXT  H N N 448 
# 
loop_
_chem_comp_bond.comp_id 
_chem_comp_bond.atom_id_1 
_chem_comp_bond.atom_id_2 
_chem_comp_bond.value_order 
_chem_comp_bond.pdbx_aromatic_flag 
_chem_comp_bond.pdbx_stereo_config 
_chem_comp_bond.pdbx_ordinal 
ALA N   CA   sing N N 1   
ALA N   H    sing N N 2   
ALA N   H2   sing N N 3   
ALA CA  C    sing N N 4   
ALA CA  CB   sing N N 5   
ALA CA  HA   sing N N 6   
ALA C   O    doub N N 7   
ALA C   OXT  sing N N 8   
ALA CB  HB1  sing N N 9   
ALA CB  HB2  sing N N 10  
ALA CB  HB3  sing N N 11  
ALA OXT HXT  sing N N 12  
ARG N   CA   sing N N 13  
ARG N   H    sing N N 14  
ARG N   H2   sing N N 15  
ARG CA  C    sing N N 16  
ARG CA  CB   sing N N 17  
ARG CA  HA   sing N N 18  
ARG C   O    doub N N 19  
ARG C   OXT  sing N N 20  
ARG CB  CG   sing N N 21  
ARG CB  HB2  sing N N 22  
ARG CB  HB3  sing N N 23  
ARG CG  CD   sing N N 24  
ARG CG  HG2  sing N N 25  
ARG CG  HG3  sing N N 26  
ARG CD  NE   sing N N 27  
ARG CD  HD2  sing N N 28  
ARG CD  HD3  sing N N 29  
ARG NE  CZ   sing N N 30  
ARG NE  HE   sing N N 31  
ARG CZ  NH1  sing N N 32  
ARG CZ  NH2  doub N N 33  
ARG NH1 HH11 sing N N 34  
ARG NH1 HH12 sing N N 35  
ARG NH2 HH21 sing N N 36  
ARG NH2 HH22 sing N N 37  
ARG OXT HXT  sing N N 38  
ASN N   CA   sing N N 39  
ASN N   H    sing N N 40  
ASN N   H2   sing N N 41  
ASN CA  C    sing N N 42  
ASN CA  CB   sing N N 43  
ASN CA  HA   sing N N 44  
ASN C   O    doub N N 45  
ASN C   OXT  sing N N 46  
ASN CB  CG   sing N N 47  
ASN CB  HB2  sing N N 48  
ASN CB  HB3  sing N N 49  
ASN CG  OD1  doub N N 50  
ASN CG  ND2  sing N N 51  
ASN ND2 HD21 sing N N 52  
ASN ND2 HD22 sing N N 53  
ASN OXT HXT  sing N N 54  
ASP N   CA   sing N N 55  
ASP N   H    sing N N 56  
ASP N   H2   sing N N 57  
ASP CA  C    sing N N 58  
ASP CA  CB   sing N N 59  
ASP CA  HA   sing N N 60  
ASP C   O    doub N N 61  
ASP C   OXT  sing N N 62  
ASP CB  CG   sing N N 63  
ASP CB  HB2  sing N N 64  
ASP CB  HB3  sing N N 65  
ASP CG  OD1  doub N N 66  
ASP CG  OD2  sing N N 67  
ASP OD2 HD2  sing N N 68  
ASP OXT HXT  sing N N 69  
CYS N   CA   sing N N 70  
CYS N   H    sing N N 71  
CYS N   H2   sing N N 72  
CYS CA  C    sing N N 73  
CYS CA  CB   sing N N 74  
CYS CA  HA   sing N N 75  
CYS C   O    doub N N 76  
CYS C   OXT  sing N N 77  
CYS CB  SG   sing N N 78  
CYS CB  HB2  sing N N 79  
CYS CB  HB3  sing N N 80  
CYS SG  HG   sing N N 81  
CYS OXT HXT  sing N N 82  
EO4 C   C1   sing N N 83  
EO4 O1  C1   sing Y N 84  
EO4 O1  N6   sing Y N 85  
EO4 C1  C2   doub Y N 86  
EO4 N6  C22  doub Y N 87  
EO4 C2  C22  sing Y N 88  
EO4 C2  C3   sing N N 89  
EO4 C22 C23  sing N N 90  
EO4 C16 C17  sing N N 91  
EO4 C16 C15  sing N N 92  
EO4 C3  C21  doub Y N 93  
EO4 C3  C4   sing Y N 94  
EO4 C17 C15  sing N N 95  
EO4 C21 C8   sing Y N 96  
EO4 C15 C14  sing N N 97  
EO4 O   C4   sing N N 98  
EO4 O   C5   sing N N 99  
EO4 C4  C6   doub Y N 100 
EO4 C8  N    sing Y N 101 
EO4 C8  C7   doub Y N 102 
EO4 C14 C13  sing Y N 103 
EO4 C14 N2   doub Y N 104 
EO4 C6  C7   sing Y N 105 
EO4 N   C9   sing Y N 106 
EO4 C7  C10  sing Y N 107 
EO4 C13 C12  doub Y N 108 
EO4 N2  N3   sing Y N 109 
EO4 C9  C10  doub Y N 110 
EO4 C9  N5   sing Y N 111 
EO4 C10 C11  sing Y N 112 
EO4 C12 N3   sing Y N 113 
EO4 C12 N1   sing N N 114 
EO4 N5  C19  doub Y N 115 
EO4 N3  C18  sing N N 116 
EO4 C11 N1   sing N N 117 
EO4 C11 N4   doub Y N 118 
EO4 C19 N4   sing Y N 119 
EO4 C19 C20  sing N N 120 
EO4 C5  H1   sing N N 121 
EO4 C5  H2   sing N N 122 
EO4 C5  H3   sing N N 123 
EO4 N1  H4   sing N N 124 
EO4 C6  H5   sing N N 125 
EO4 C23 H6   sing N N 126 
EO4 C23 H7   sing N N 127 
EO4 C23 H8   sing N N 128 
EO4 C   H9   sing N N 129 
EO4 C   H10  sing N N 130 
EO4 C   H11  sing N N 131 
EO4 C21 H12  sing N N 132 
EO4 N   H13  sing N N 133 
EO4 C20 H14  sing N N 134 
EO4 C20 H15  sing N N 135 
EO4 C20 H16  sing N N 136 
EO4 C18 H17  sing N N 137 
EO4 C18 H18  sing N N 138 
EO4 C18 H19  sing N N 139 
EO4 C13 H20  sing N N 140 
EO4 C15 H21  sing N N 141 
EO4 C17 H22  sing N N 142 
EO4 C17 H23  sing N N 143 
EO4 C16 H24  sing N N 144 
EO4 C16 H25  sing N N 145 
GLN N   CA   sing N N 146 
GLN N   H    sing N N 147 
GLN N   H2   sing N N 148 
GLN CA  C    sing N N 149 
GLN CA  CB   sing N N 150 
GLN CA  HA   sing N N 151 
GLN C   O    doub N N 152 
GLN C   OXT  sing N N 153 
GLN CB  CG   sing N N 154 
GLN CB  HB2  sing N N 155 
GLN CB  HB3  sing N N 156 
GLN CG  CD   sing N N 157 
GLN CG  HG2  sing N N 158 
GLN CG  HG3  sing N N 159 
GLN CD  OE1  doub N N 160 
GLN CD  NE2  sing N N 161 
GLN NE2 HE21 sing N N 162 
GLN NE2 HE22 sing N N 163 
GLN OXT HXT  sing N N 164 
GLU N   CA   sing N N 165 
GLU N   H    sing N N 166 
GLU N   H2   sing N N 167 
GLU CA  C    sing N N 168 
GLU CA  CB   sing N N 169 
GLU CA  HA   sing N N 170 
GLU C   O    doub N N 171 
GLU C   OXT  sing N N 172 
GLU CB  CG   sing N N 173 
GLU CB  HB2  sing N N 174 
GLU CB  HB3  sing N N 175 
GLU CG  CD   sing N N 176 
GLU CG  HG2  sing N N 177 
GLU CG  HG3  sing N N 178 
GLU CD  OE1  doub N N 179 
GLU CD  OE2  sing N N 180 
GLU OE2 HE2  sing N N 181 
GLU OXT HXT  sing N N 182 
GLY N   CA   sing N N 183 
GLY N   H    sing N N 184 
GLY N   H2   sing N N 185 
GLY CA  C    sing N N 186 
GLY CA  HA2  sing N N 187 
GLY CA  HA3  sing N N 188 
GLY C   O    doub N N 189 
GLY C   OXT  sing N N 190 
GLY OXT HXT  sing N N 191 
HIS N   CA   sing N N 192 
HIS N   H    sing N N 193 
HIS N   H2   sing N N 194 
HIS CA  C    sing N N 195 
HIS CA  CB   sing N N 196 
HIS CA  HA   sing N N 197 
HIS C   O    doub N N 198 
HIS C   OXT  sing N N 199 
HIS CB  CG   sing N N 200 
HIS CB  HB2  sing N N 201 
HIS CB  HB3  sing N N 202 
HIS CG  ND1  sing Y N 203 
HIS CG  CD2  doub Y N 204 
HIS ND1 CE1  doub Y N 205 
HIS ND1 HD1  sing N N 206 
HIS CD2 NE2  sing Y N 207 
HIS CD2 HD2  sing N N 208 
HIS CE1 NE2  sing Y N 209 
HIS CE1 HE1  sing N N 210 
HIS NE2 HE2  sing N N 211 
HIS OXT HXT  sing N N 212 
HOH O   H1   sing N N 213 
HOH O   H2   sing N N 214 
ILE N   CA   sing N N 215 
ILE N   H    sing N N 216 
ILE N   H2   sing N N 217 
ILE CA  C    sing N N 218 
ILE CA  CB   sing N N 219 
ILE CA  HA   sing N N 220 
ILE C   O    doub N N 221 
ILE C   OXT  sing N N 222 
ILE CB  CG1  sing N N 223 
ILE CB  CG2  sing N N 224 
ILE CB  HB   sing N N 225 
ILE CG1 CD1  sing N N 226 
ILE CG1 HG12 sing N N 227 
ILE CG1 HG13 sing N N 228 
ILE CG2 HG21 sing N N 229 
ILE CG2 HG22 sing N N 230 
ILE CG2 HG23 sing N N 231 
ILE CD1 HD11 sing N N 232 
ILE CD1 HD12 sing N N 233 
ILE CD1 HD13 sing N N 234 
ILE OXT HXT  sing N N 235 
LEU N   CA   sing N N 236 
LEU N   H    sing N N 237 
LEU N   H2   sing N N 238 
LEU CA  C    sing N N 239 
LEU CA  CB   sing N N 240 
LEU CA  HA   sing N N 241 
LEU C   O    doub N N 242 
LEU C   OXT  sing N N 243 
LEU CB  CG   sing N N 244 
LEU CB  HB2  sing N N 245 
LEU CB  HB3  sing N N 246 
LEU CG  CD1  sing N N 247 
LEU CG  CD2  sing N N 248 
LEU CG  HG   sing N N 249 
LEU CD1 HD11 sing N N 250 
LEU CD1 HD12 sing N N 251 
LEU CD1 HD13 sing N N 252 
LEU CD2 HD21 sing N N 253 
LEU CD2 HD22 sing N N 254 
LEU CD2 HD23 sing N N 255 
LEU OXT HXT  sing N N 256 
LYS N   CA   sing N N 257 
LYS N   H    sing N N 258 
LYS N   H2   sing N N 259 
LYS CA  C    sing N N 260 
LYS CA  CB   sing N N 261 
LYS CA  HA   sing N N 262 
LYS C   O    doub N N 263 
LYS C   OXT  sing N N 264 
LYS CB  CG   sing N N 265 
LYS CB  HB2  sing N N 266 
LYS CB  HB3  sing N N 267 
LYS CG  CD   sing N N 268 
LYS CG  HG2  sing N N 269 
LYS CG  HG3  sing N N 270 
LYS CD  CE   sing N N 271 
LYS CD  HD2  sing N N 272 
LYS CD  HD3  sing N N 273 
LYS CE  NZ   sing N N 274 
LYS CE  HE2  sing N N 275 
LYS CE  HE3  sing N N 276 
LYS NZ  HZ1  sing N N 277 
LYS NZ  HZ2  sing N N 278 
LYS NZ  HZ3  sing N N 279 
LYS OXT HXT  sing N N 280 
MET N   CA   sing N N 281 
MET N   H    sing N N 282 
MET N   H2   sing N N 283 
MET CA  C    sing N N 284 
MET CA  CB   sing N N 285 
MET CA  HA   sing N N 286 
MET C   O    doub N N 287 
MET C   OXT  sing N N 288 
MET CB  CG   sing N N 289 
MET CB  HB2  sing N N 290 
MET CB  HB3  sing N N 291 
MET CG  SD   sing N N 292 
MET CG  HG2  sing N N 293 
MET CG  HG3  sing N N 294 
MET SD  CE   sing N N 295 
MET CE  HE1  sing N N 296 
MET CE  HE2  sing N N 297 
MET CE  HE3  sing N N 298 
MET OXT HXT  sing N N 299 
PHE N   CA   sing N N 300 
PHE N   H    sing N N 301 
PHE N   H2   sing N N 302 
PHE CA  C    sing N N 303 
PHE CA  CB   sing N N 304 
PHE CA  HA   sing N N 305 
PHE C   O    doub N N 306 
PHE C   OXT  sing N N 307 
PHE CB  CG   sing N N 308 
PHE CB  HB2  sing N N 309 
PHE CB  HB3  sing N N 310 
PHE CG  CD1  doub Y N 311 
PHE CG  CD2  sing Y N 312 
PHE CD1 CE1  sing Y N 313 
PHE CD1 HD1  sing N N 314 
PHE CD2 CE2  doub Y N 315 
PHE CD2 HD2  sing N N 316 
PHE CE1 CZ   doub Y N 317 
PHE CE1 HE1  sing N N 318 
PHE CE2 CZ   sing Y N 319 
PHE CE2 HE2  sing N N 320 
PHE CZ  HZ   sing N N 321 
PHE OXT HXT  sing N N 322 
PRO N   CA   sing N N 323 
PRO N   CD   sing N N 324 
PRO N   H    sing N N 325 
PRO CA  C    sing N N 326 
PRO CA  CB   sing N N 327 
PRO CA  HA   sing N N 328 
PRO C   O    doub N N 329 
PRO C   OXT  sing N N 330 
PRO CB  CG   sing N N 331 
PRO CB  HB2  sing N N 332 
PRO CB  HB3  sing N N 333 
PRO CG  CD   sing N N 334 
PRO CG  HG2  sing N N 335 
PRO CG  HG3  sing N N 336 
PRO CD  HD2  sing N N 337 
PRO CD  HD3  sing N N 338 
PRO OXT HXT  sing N N 339 
SER N   CA   sing N N 340 
SER N   H    sing N N 341 
SER N   H2   sing N N 342 
SER CA  C    sing N N 343 
SER CA  CB   sing N N 344 
SER CA  HA   sing N N 345 
SER C   O    doub N N 346 
SER C   OXT  sing N N 347 
SER CB  OG   sing N N 348 
SER CB  HB2  sing N N 349 
SER CB  HB3  sing N N 350 
SER OG  HG   sing N N 351 
SER OXT HXT  sing N N 352 
THR N   CA   sing N N 353 
THR N   H    sing N N 354 
THR N   H2   sing N N 355 
THR CA  C    sing N N 356 
THR CA  CB   sing N N 357 
THR CA  HA   sing N N 358 
THR C   O    doub N N 359 
THR C   OXT  sing N N 360 
THR CB  OG1  sing N N 361 
THR CB  CG2  sing N N 362 
THR CB  HB   sing N N 363 
THR OG1 HG1  sing N N 364 
THR CG2 HG21 sing N N 365 
THR CG2 HG22 sing N N 366 
THR CG2 HG23 sing N N 367 
THR OXT HXT  sing N N 368 
TRP N   CA   sing N N 369 
TRP N   H    sing N N 370 
TRP N   H2   sing N N 371 
TRP CA  C    sing N N 372 
TRP CA  CB   sing N N 373 
TRP CA  HA   sing N N 374 
TRP C   O    doub N N 375 
TRP C   OXT  sing N N 376 
TRP CB  CG   sing N N 377 
TRP CB  HB2  sing N N 378 
TRP CB  HB3  sing N N 379 
TRP CG  CD1  doub Y N 380 
TRP CG  CD2  sing Y N 381 
TRP CD1 NE1  sing Y N 382 
TRP CD1 HD1  sing N N 383 
TRP CD2 CE2  doub Y N 384 
TRP CD2 CE3  sing Y N 385 
TRP NE1 CE2  sing Y N 386 
TRP NE1 HE1  sing N N 387 
TRP CE2 CZ2  sing Y N 388 
TRP CE3 CZ3  doub Y N 389 
TRP CE3 HE3  sing N N 390 
TRP CZ2 CH2  doub Y N 391 
TRP CZ2 HZ2  sing N N 392 
TRP CZ3 CH2  sing Y N 393 
TRP CZ3 HZ3  sing N N 394 
TRP CH2 HH2  sing N N 395 
TRP OXT HXT  sing N N 396 
TYR N   CA   sing N N 397 
TYR N   H    sing N N 398 
TYR N   H2   sing N N 399 
TYR CA  C    sing N N 400 
TYR CA  CB   sing N N 401 
TYR CA  HA   sing N N 402 
TYR C   O    doub N N 403 
TYR C   OXT  sing N N 404 
TYR CB  CG   sing N N 405 
TYR CB  HB2  sing N N 406 
TYR CB  HB3  sing N N 407 
TYR CG  CD1  doub Y N 408 
TYR CG  CD2  sing Y N 409 
TYR CD1 CE1  sing Y N 410 
TYR CD1 HD1  sing N N 411 
TYR CD2 CE2  doub Y N 412 
TYR CD2 HD2  sing N N 413 
TYR CE1 CZ   doub Y N 414 
TYR CE1 HE1  sing N N 415 
TYR CE2 CZ   sing Y N 416 
TYR CE2 HE2  sing N N 417 
TYR CZ  OH   sing N N 418 
TYR OH  HH   sing N N 419 
TYR OXT HXT  sing N N 420 
VAL N   CA   sing N N 421 
VAL N   H    sing N N 422 
VAL N   H2   sing N N 423 
VAL CA  C    sing N N 424 
VAL CA  CB   sing N N 425 
VAL CA  HA   sing N N 426 
VAL C   O    doub N N 427 
VAL C   OXT  sing N N 428 
VAL CB  CG1  sing N N 429 
VAL CB  CG2  sing N N 430 
VAL CB  HB   sing N N 431 
VAL CG1 HG11 sing N N 432 
VAL CG1 HG12 sing N N 433 
VAL CG1 HG13 sing N N 434 
VAL CG2 HG21 sing N N 435 
VAL CG2 HG22 sing N N 436 
VAL CG2 HG23 sing N N 437 
VAL OXT HXT  sing N N 438 
# 
loop_
_pdbx_entity_nonpoly.entity_id 
_pdbx_entity_nonpoly.name 
_pdbx_entity_nonpoly.comp_id 
2 'N-(3-cyclopropyl-1-methyl-1H-pyrazol-5-yl)-7-(3,5-dimethyl-1,2-oxazol-4-yl)-6-methoxy-2-methyl-9H-pyrimido[4,5-b]indol-4-amine' 
EO4 
3 water                                                                                                                            
HOH 
# 
_pdbx_initial_refinement_model.id               1 
_pdbx_initial_refinement_model.entity_id_list   ? 
_pdbx_initial_refinement_model.type             'experimental model' 
_pdbx_initial_refinement_model.source_name      PDB 
_pdbx_initial_refinement_model.accession_code   4LYI 
_pdbx_initial_refinement_model.details          ? 
# 
_pdbx_struct_assembly_auth_evidence.id                     1 
_pdbx_struct_assembly_auth_evidence.assembly_id            1 
_pdbx_struct_assembly_auth_evidence.experimental_support   'gel filtration' 
_pdbx_struct_assembly_auth_evidence.details                ? 
# 
